data_8TR0
#
_entry.id   8TR0
#
loop_
_entity.id
_entity.type
_entity.pdbx_description
1 polymer 'Metabotropic glutamate receptor 3'
2 non-polymer 2-[(1S,2S)-2-carboxycyclopropyl]-3-(9H-xanthen-9-yl)-D-alanine
#
_entity_poly.entity_id   1
_entity_poly.type   'polypeptide(L)'
_entity_poly.pdbx_seq_one_letter_code
;MKMLTRLQILMLALFSKGFLLSLGDHNFMRREIKIEGDLVLGGLFPINEKGTGTEECGRINEDRGIQRLEAMLFAIDEIN
KDNYLLPGVKLGVHILDTCSRDTYALEQSLEFVRASLTKVDEAEYMCPDGSYAIQENIPLLIAGVIGGSYSSVSIQVANL
LRLFQIPQISYASTSAKLSDKSRYDYFARTVPPDFYQAKAMAEILRFFNWTYVSTVASEGDYGETGIEAFEQEARLRNIC
IATAEKVGRSNIRKSYDSVIRELLQKPNARVVVLFMRSDDSRELIAAANRVNASFTWVASDGWGAQESIVKGSEHVAYGA
ITLELASHPVRQFDRYFQSLNPYNNHRNPWFRDFWEQKFQCSLQNKRNHRQVCDKHLAIDSSNYEQESKIMFVVNAVYAM
AHALHKMQRTLCPNTTKLCDAMKILDGKKLYKEYLLKINFTAPFNPNKGADSIVKFDTFGDGMGRYNVFNLQQTGGKYSY
LKVGHWAETLSLDVDSIHWSRNSVPTSQCSDPCAPNEMKNMQPGDVCCWICIPCEPYEYLVDEFTCMDCGPGQWPTADLS
GCYNLPEDYIKWEDAWAIGPVTIACLGFLCTCIVITVFIKHNNTPLVKASGRELCYILLFGVSLSYCMTFFFIAKPSPVI
CALRRLGLGTSFAICYSALLTKTNCIARIFDGVKNGAQRPKFISPSSQVFICLGLILVQIVMVSVWLILETPGTRRYTLP
EKRETVILKCNVKDSSMLISLTYDVVLVILCTVYAFKTRKCPENFNEAKFIGFTMYTTCIIWLAFLPIFYVTSSDYRVQT
TTMCISVSLSGFVVLGCLFAPKVHIVLFQPQKNVVTHRLHLNRFSVSGTATTYSQSSASTYVPTVCNGREVLDSTTSSLA
GLVPRGSAAAKSAWSHPQFEKGGGSGGGSGGGSWSHPQFEK
;
_entity_poly.pdbx_strand_id   A,B
#
loop_
_chem_comp.id
_chem_comp.type
_chem_comp.name
_chem_comp.formula
Z99 non-polymer 2-[(1S,2S)-2-carboxycyclopropyl]-3-(9H-xanthen-9-yl)-D-alanine 'C20 H19 N O5'
#
# COMPACT_ATOMS: atom_id res chain seq x y z
N ARG A 31 29.73 -8.84 -49.67
CA ARG A 31 29.67 -10.08 -50.42
C ARG A 31 28.43 -10.86 -49.99
N GLU A 32 27.84 -11.60 -50.92
CA GLU A 32 26.59 -12.28 -50.62
C GLU A 32 26.43 -13.53 -51.48
N ILE A 33 25.66 -14.48 -50.97
CA ILE A 33 25.21 -15.63 -51.76
C ILE A 33 23.86 -15.22 -52.33
N LYS A 34 23.88 -14.59 -53.50
CA LYS A 34 22.66 -14.12 -54.15
C LYS A 34 22.34 -15.08 -55.29
N ILE A 35 21.64 -16.18 -54.94
CA ILE A 35 21.16 -17.14 -55.92
C ILE A 35 19.68 -16.88 -56.16
N GLU A 36 19.23 -17.16 -57.38
CA GLU A 36 17.86 -16.84 -57.76
C GLU A 36 16.87 -17.82 -57.17
N GLY A 37 15.58 -17.54 -57.34
CA GLY A 37 14.52 -18.39 -56.83
C GLY A 37 13.15 -17.79 -57.08
N ASP A 38 12.10 -18.60 -56.99
CA ASP A 38 10.76 -18.08 -57.18
C ASP A 38 10.42 -17.02 -56.13
N LEU A 39 10.78 -17.27 -54.88
CA LEU A 39 10.78 -16.25 -53.85
C LEU A 39 11.97 -16.52 -52.94
N VAL A 40 12.78 -15.50 -52.73
CA VAL A 40 14.11 -15.64 -52.16
C VAL A 40 14.13 -15.12 -50.72
N LEU A 41 14.76 -15.89 -49.83
CA LEU A 41 14.92 -15.53 -48.44
C LEU A 41 16.21 -14.74 -48.24
N GLY A 42 16.27 -14.01 -47.12
CA GLY A 42 17.44 -13.26 -46.74
C GLY A 42 18.08 -13.87 -45.50
N GLY A 43 19.37 -13.62 -45.32
CA GLY A 43 20.06 -14.16 -44.17
C GLY A 43 21.17 -13.26 -43.65
N LEU A 44 21.27 -13.16 -42.33
CA LEU A 44 22.33 -12.41 -41.66
C LEU A 44 23.03 -13.33 -40.69
N PHE A 45 24.34 -13.48 -40.86
CA PHE A 45 25.14 -14.36 -40.02
C PHE A 45 26.41 -13.62 -39.61
N PRO A 46 26.89 -13.84 -38.39
CA PRO A 46 28.14 -13.20 -37.95
C PRO A 46 29.37 -13.89 -38.52
N ILE A 47 29.48 -13.87 -39.85
CA ILE A 47 30.58 -14.57 -40.51
C ILE A 47 31.92 -14.00 -40.07
N ASN A 48 32.02 -12.67 -40.05
CA ASN A 48 33.26 -11.99 -39.67
C ASN A 48 33.12 -11.49 -38.23
N GLU A 49 34.06 -11.87 -37.38
CA GLU A 49 34.06 -11.39 -36.00
C GLU A 49 34.53 -9.95 -35.99
N LYS A 50 33.65 -9.03 -36.41
CA LYS A 50 33.99 -7.62 -36.62
C LYS A 50 35.11 -7.45 -37.64
N GLY A 51 35.20 -8.37 -38.60
CA GLY A 51 36.30 -8.33 -39.56
C GLY A 51 36.32 -7.06 -40.39
N THR A 52 35.13 -6.61 -40.82
CA THR A 52 35.06 -5.34 -41.55
C THR A 52 35.51 -4.18 -40.67
N GLY A 53 35.15 -4.22 -39.39
CA GLY A 53 35.68 -3.29 -38.42
C GLY A 53 37.07 -3.68 -37.99
N THR A 54 38.05 -3.45 -38.86
CA THR A 54 39.40 -3.95 -38.65
C THR A 54 40.03 -3.42 -37.37
N GLU A 55 39.51 -2.32 -36.82
CA GLU A 55 40.04 -1.80 -35.56
C GLU A 55 39.83 -2.81 -34.43
N GLU A 56 38.69 -3.50 -34.41
CA GLU A 56 38.40 -4.41 -33.31
C GLU A 56 39.09 -5.76 -33.51
N CYS A 57 38.73 -6.48 -34.57
CA CYS A 57 39.28 -7.82 -34.81
C CYS A 57 38.98 -8.22 -36.24
N GLY A 58 40.02 -8.60 -36.98
CA GLY A 58 39.84 -8.99 -38.38
C GLY A 58 39.46 -10.42 -38.62
N ARG A 59 39.37 -11.24 -37.56
CA ARG A 59 39.07 -12.65 -37.73
C ARG A 59 37.61 -12.85 -38.12
N ILE A 60 37.30 -14.08 -38.53
CA ILE A 60 35.95 -14.46 -38.94
C ILE A 60 35.48 -15.60 -38.04
N ASN A 61 34.19 -15.63 -37.76
CA ASN A 61 33.65 -16.69 -36.92
C ASN A 61 33.47 -17.97 -37.73
N GLU A 62 33.81 -19.10 -37.12
CA GLU A 62 33.65 -20.41 -37.75
C GLU A 62 32.42 -21.13 -37.24
N ASP A 63 32.29 -21.27 -35.92
CA ASP A 63 31.14 -21.95 -35.34
C ASP A 63 29.86 -21.11 -35.53
N ARG A 64 29.89 -19.87 -35.05
CA ARG A 64 28.73 -18.99 -35.18
C ARG A 64 28.61 -18.39 -36.58
N GLY A 65 29.63 -18.54 -37.42
CA GLY A 65 29.71 -17.92 -38.73
C GLY A 65 29.37 -18.92 -39.81
N ILE A 66 30.40 -19.52 -40.41
CA ILE A 66 30.21 -20.37 -41.58
C ILE A 66 29.32 -21.55 -41.25
N GLN A 67 29.49 -22.13 -40.07
CA GLN A 67 28.69 -23.31 -39.70
C GLN A 67 27.21 -23.00 -39.74
N ARG A 68 26.80 -21.89 -39.11
CA ARG A 68 25.39 -21.50 -39.16
C ARG A 68 24.98 -21.13 -40.58
N LEU A 69 25.85 -20.44 -41.31
CA LEU A 69 25.53 -20.06 -42.69
C LEU A 69 25.30 -21.29 -43.56
N GLU A 70 26.24 -22.24 -43.52
CA GLU A 70 26.11 -23.44 -44.34
C GLU A 70 24.86 -24.23 -43.97
N ALA A 71 24.42 -24.13 -42.71
CA ALA A 71 23.18 -24.77 -42.31
C ALA A 71 21.99 -24.20 -43.08
N MET A 72 21.96 -22.87 -43.25
CA MET A 72 20.90 -22.25 -44.04
C MET A 72 20.96 -22.72 -45.48
N LEU A 73 22.16 -22.76 -46.06
CA LEU A 73 22.30 -23.25 -47.42
C LEU A 73 21.95 -24.73 -47.51
N PHE A 74 22.31 -25.50 -46.49
CA PHE A 74 21.96 -26.92 -46.46
C PHE A 74 20.45 -27.10 -46.44
N ALA A 75 19.76 -26.31 -45.62
CA ALA A 75 18.31 -26.43 -45.54
C ALA A 75 17.65 -26.07 -46.87
N ILE A 76 18.13 -25.01 -47.51
CA ILE A 76 17.53 -24.56 -48.76
C ILE A 76 17.66 -25.64 -49.83
N ASP A 77 18.84 -26.24 -49.93
CA ASP A 77 19.03 -27.35 -50.87
C ASP A 77 18.07 -28.49 -50.55
N GLU A 78 17.84 -28.75 -49.27
CA GLU A 78 16.88 -29.78 -48.88
C GLU A 78 15.46 -29.35 -49.22
N ILE A 79 15.13 -28.08 -49.02
CA ILE A 79 13.75 -27.61 -49.19
C ILE A 79 13.32 -27.73 -50.64
N ASN A 80 14.13 -27.19 -51.56
CA ASN A 80 13.71 -27.15 -52.96
C ASN A 80 13.83 -28.50 -53.66
N LYS A 81 14.49 -29.48 -53.05
CA LYS A 81 14.55 -30.83 -53.59
C LYS A 81 13.48 -31.73 -53.01
N ASP A 82 12.64 -31.21 -52.11
CA ASP A 82 11.55 -31.99 -51.53
C ASP A 82 10.34 -31.97 -52.46
N ASN A 83 9.27 -32.64 -52.03
CA ASN A 83 8.03 -32.67 -52.79
C ASN A 83 6.80 -32.34 -51.94
N TYR A 84 6.94 -32.19 -50.63
CA TYR A 84 5.82 -31.88 -49.74
C TYR A 84 6.05 -30.57 -49.00
N LEU A 85 6.94 -29.73 -49.52
CA LEU A 85 7.17 -28.40 -48.95
C LEU A 85 7.67 -27.51 -50.07
N LEU A 86 6.80 -26.64 -50.59
CA LEU A 86 7.10 -25.78 -51.73
C LEU A 86 7.65 -26.59 -52.91
N PRO A 87 6.84 -27.49 -53.50
CA PRO A 87 7.34 -28.34 -54.59
C PRO A 87 7.72 -27.53 -55.82
N GLY A 88 6.78 -26.74 -56.33
CA GLY A 88 7.03 -25.91 -57.49
C GLY A 88 7.71 -24.59 -57.21
N VAL A 89 7.92 -24.26 -55.95
CA VAL A 89 8.53 -22.99 -55.55
C VAL A 89 9.97 -23.27 -55.15
N LYS A 90 10.92 -22.87 -56.00
CA LYS A 90 12.33 -23.05 -55.71
C LYS A 90 12.82 -21.88 -54.86
N LEU A 91 13.17 -22.16 -53.61
CA LEU A 91 13.63 -21.11 -52.71
C LEU A 91 15.04 -20.68 -53.05
N GLY A 92 15.26 -19.37 -53.13
CA GLY A 92 16.57 -18.80 -53.26
C GLY A 92 17.00 -18.10 -51.97
N VAL A 93 18.27 -17.68 -51.96
CA VAL A 93 18.82 -17.01 -50.79
C VAL A 93 19.52 -15.73 -51.23
N HIS A 94 19.50 -14.74 -50.34
CA HIS A 94 20.31 -13.54 -50.44
C HIS A 94 20.92 -13.35 -49.05
N ILE A 95 22.06 -13.96 -48.82
CA ILE A 95 22.66 -14.05 -47.50
C ILE A 95 23.76 -13.00 -47.39
N LEU A 96 23.65 -12.13 -46.38
CA LEU A 96 24.65 -11.11 -46.12
C LEU A 96 25.31 -11.37 -44.78
N ASP A 97 26.46 -10.75 -44.58
CA ASP A 97 27.24 -10.89 -43.36
C ASP A 97 26.95 -9.70 -42.45
N THR A 98 26.49 -9.98 -41.24
CA THR A 98 26.25 -8.92 -40.26
C THR A 98 27.53 -8.44 -39.60
N CYS A 99 28.62 -9.19 -39.74
CA CYS A 99 29.93 -8.83 -39.18
C CYS A 99 29.87 -8.63 -37.66
N SER A 100 28.86 -9.19 -37.01
CA SER A 100 28.70 -9.16 -35.55
C SER A 100 28.63 -7.74 -35.00
N ARG A 101 28.29 -6.76 -35.83
CA ARG A 101 28.07 -5.39 -35.38
C ARG A 101 26.75 -4.89 -35.94
N ASP A 102 25.91 -4.34 -35.07
CA ASP A 102 24.56 -3.97 -35.45
C ASP A 102 24.55 -2.82 -36.46
N THR A 103 25.40 -1.82 -36.25
CA THR A 103 25.43 -0.68 -37.14
C THR A 103 25.81 -1.08 -38.56
N TYR A 104 26.77 -2.01 -38.68
CA TYR A 104 27.11 -2.54 -40.00
C TYR A 104 25.97 -3.37 -40.58
N ALA A 105 25.18 -4.02 -39.72
CA ALA A 105 24.06 -4.82 -40.21
C ALA A 105 22.98 -3.95 -40.81
N LEU A 106 22.76 -2.76 -40.26
CA LEU A 106 21.66 -1.92 -40.70
C LEU A 106 21.80 -1.53 -42.17
N GLU A 107 22.99 -1.08 -42.56
CA GLU A 107 23.21 -0.74 -43.96
C GLU A 107 23.22 -1.99 -44.84
N GLN A 108 23.67 -3.12 -44.28
CA GLN A 108 23.58 -4.39 -45.01
C GLN A 108 22.13 -4.80 -45.21
N SER A 109 21.31 -4.70 -44.16
CA SER A 109 19.93 -5.13 -44.25
C SER A 109 19.11 -4.25 -45.18
N LEU A 110 19.60 -3.07 -45.55
CA LEU A 110 18.86 -2.21 -46.46
C LEU A 110 18.72 -2.83 -47.83
N GLU A 111 19.65 -3.73 -48.21
CA GLU A 111 19.52 -4.42 -49.48
C GLU A 111 18.25 -5.26 -49.52
N PHE A 112 17.83 -5.80 -48.37
CA PHE A 112 16.53 -6.46 -48.29
C PHE A 112 15.40 -5.45 -48.42
N VAL A 113 15.59 -4.26 -47.89
CA VAL A 113 14.54 -3.24 -47.89
C VAL A 113 14.28 -2.74 -49.31
N ARG A 114 15.34 -2.47 -50.06
CA ARG A 114 15.21 -1.93 -51.41
C ARG A 114 14.47 -2.87 -52.36
N ALA A 115 14.18 -4.10 -51.92
CA ALA A 115 13.41 -5.03 -52.75
C ALA A 115 12.01 -4.50 -53.03
N SER A 116 11.37 -3.91 -52.03
CA SER A 116 9.95 -3.53 -52.09
C SER A 116 9.75 -2.04 -52.34
N LEU A 117 10.59 -1.42 -53.17
CA LEU A 117 10.46 -0.02 -53.53
C LEU A 117 9.94 0.09 -54.95
N THR A 118 8.86 0.85 -55.13
CA THR A 118 8.26 1.03 -56.45
C THR A 118 9.04 2.01 -57.33
N LYS A 119 9.98 2.75 -56.75
CA LYS A 119 10.76 3.72 -57.51
C LYS A 119 11.91 3.03 -58.24
N ALA A 133 23.01 3.68 -68.81
CA ALA A 133 21.63 3.19 -68.95
C ALA A 133 21.51 1.76 -68.43
N ILE A 134 22.63 1.19 -68.01
CA ILE A 134 22.66 -0.17 -67.49
C ILE A 134 22.22 -0.18 -66.03
N GLN A 135 21.90 -1.35 -65.51
CA GLN A 135 21.49 -1.50 -64.11
C GLN A 135 22.45 -2.40 -63.35
N ASN A 137 22.99 -5.84 -61.53
CA ASN A 137 22.57 -6.57 -60.34
C ASN A 137 21.24 -6.04 -59.81
N ILE A 138 20.15 -6.46 -60.44
CA ILE A 138 18.81 -6.04 -60.04
C ILE A 138 18.50 -6.61 -58.65
N PRO A 139 17.71 -5.92 -57.84
CA PRO A 139 17.34 -6.48 -56.53
C PRO A 139 16.33 -7.60 -56.67
N LEU A 140 16.31 -8.46 -55.66
CA LEU A 140 15.38 -9.58 -55.57
C LEU A 140 14.13 -9.15 -54.82
N LEU A 141 13.32 -10.11 -54.42
CA LEU A 141 12.16 -9.86 -53.56
C LEU A 141 12.29 -10.74 -52.31
N ILE A 142 12.61 -10.11 -51.18
CA ILE A 142 12.88 -10.84 -49.95
C ILE A 142 11.56 -11.14 -49.26
N ALA A 143 11.14 -12.41 -49.30
CA ALA A 143 9.95 -12.82 -48.58
C ALA A 143 10.15 -12.69 -47.07
N GLY A 144 11.33 -13.08 -46.59
CA GLY A 144 11.67 -12.94 -45.18
C GLY A 144 13.16 -13.10 -45.00
N VAL A 145 13.62 -12.72 -43.81
CA VAL A 145 15.04 -12.79 -43.47
C VAL A 145 15.22 -13.82 -42.36
N ILE A 146 16.18 -14.72 -42.55
CA ILE A 146 16.54 -15.72 -41.55
C ILE A 146 17.88 -15.28 -40.97
N GLY A 147 17.84 -14.53 -39.87
CA GLY A 147 19.08 -14.07 -39.29
C GLY A 147 18.84 -13.28 -38.03
N GLY A 148 19.93 -12.77 -37.49
CA GLY A 148 19.89 -11.93 -36.32
C GLY A 148 21.00 -12.20 -35.34
N SER A 149 21.42 -13.46 -35.20
CA SER A 149 22.50 -13.87 -34.32
C SER A 149 22.50 -13.12 -32.99
N TYR A 150 23.53 -12.31 -32.74
CA TYR A 150 23.60 -11.53 -31.52
C TYR A 150 22.37 -10.65 -31.37
N SER A 151 21.86 -10.59 -30.13
CA SER A 151 20.60 -9.89 -29.89
C SER A 151 20.72 -8.41 -30.21
N SER A 152 21.88 -7.82 -29.97
CA SER A 152 22.09 -6.42 -30.34
C SER A 152 21.95 -6.23 -31.85
N VAL A 153 22.51 -7.14 -32.63
CA VAL A 153 22.36 -7.08 -34.08
C VAL A 153 20.90 -7.29 -34.47
N SER A 154 20.26 -8.29 -33.87
CA SER A 154 18.89 -8.62 -34.27
C SER A 154 17.92 -7.51 -33.89
N ILE A 155 18.17 -6.81 -32.79
CA ILE A 155 17.28 -5.73 -32.37
C ILE A 155 17.27 -4.62 -33.40
N GLN A 156 18.45 -4.22 -33.89
CA GLN A 156 18.52 -3.13 -34.85
C GLN A 156 17.84 -3.49 -36.17
N VAL A 157 18.08 -4.70 -36.67
CA VAL A 157 17.43 -5.09 -37.92
C VAL A 157 15.95 -5.37 -37.69
N ALA A 158 15.56 -5.68 -36.44
CA ALA A 158 14.14 -5.82 -36.14
C ALA A 158 13.42 -4.49 -36.31
N ASN A 159 14.04 -3.40 -35.86
CA ASN A 159 13.45 -2.08 -36.03
C ASN A 159 13.32 -1.73 -37.51
N LEU A 160 14.35 -2.02 -38.30
CA LEU A 160 14.33 -1.64 -39.71
C LEU A 160 13.32 -2.46 -40.49
N LEU A 161 13.33 -3.78 -40.30
CA LEU A 161 12.44 -4.63 -41.08
C LEU A 161 11.00 -4.58 -40.57
N ARG A 162 10.77 -4.09 -39.35
CA ARG A 162 9.41 -3.90 -38.89
C ARG A 162 8.67 -2.87 -39.72
N LEU A 163 9.35 -1.78 -40.07
CA LEU A 163 8.69 -0.68 -40.78
C LEU A 163 8.23 -1.12 -42.16
N PHE A 164 9.05 -1.89 -42.87
CA PHE A 164 8.77 -2.26 -44.25
C PHE A 164 8.08 -3.61 -44.37
N GLN A 165 7.66 -4.19 -43.24
CA GLN A 165 6.80 -5.37 -43.21
C GLN A 165 7.48 -6.56 -43.91
N ILE A 166 8.60 -6.97 -43.32
CA ILE A 166 9.32 -8.16 -43.73
C ILE A 166 9.49 -9.05 -42.51
N PRO A 167 8.95 -10.27 -42.51
CA PRO A 167 9.10 -11.14 -41.34
C PRO A 167 10.56 -11.52 -41.12
N GLN A 168 10.91 -11.68 -39.85
CA GLN A 168 12.28 -12.00 -39.45
C GLN A 168 12.28 -13.13 -38.45
N ILE A 169 13.09 -14.14 -38.71
CA ILE A 169 13.27 -15.27 -37.80
C ILE A 169 14.73 -15.29 -37.35
N SER A 170 14.95 -15.27 -36.05
CA SER A 170 16.30 -15.26 -35.49
C SER A 170 16.61 -16.62 -34.88
N TYR A 171 17.69 -17.23 -35.34
CA TYR A 171 18.06 -18.56 -34.89
C TYR A 171 18.82 -18.58 -33.57
N ALA A 172 19.34 -17.44 -33.12
CA ALA A 172 20.16 -17.43 -31.91
C ALA A 172 19.89 -16.28 -30.95
N SER A 173 19.18 -15.23 -31.35
CA SER A 173 18.96 -14.10 -30.45
C SER A 173 17.97 -14.48 -29.37
N THR A 174 18.37 -14.27 -28.11
CA THR A 174 17.58 -14.72 -26.98
C THR A 174 17.38 -13.64 -25.92
N SER A 175 17.54 -12.37 -26.28
CA SER A 175 17.30 -11.30 -25.32
C SER A 175 15.82 -11.21 -24.98
N ALA A 176 15.54 -10.82 -23.74
CA ALA A 176 14.15 -10.66 -23.31
C ALA A 176 13.50 -9.43 -23.91
N LYS A 177 14.30 -8.45 -24.36
CA LYS A 177 13.74 -7.25 -24.95
C LYS A 177 13.01 -7.52 -26.26
N LEU A 178 13.44 -8.53 -27.03
CA LEU A 178 12.82 -8.83 -28.30
C LEU A 178 11.44 -9.45 -28.17
N SER A 179 11.03 -9.84 -26.96
CA SER A 179 9.69 -10.35 -26.75
C SER A 179 8.64 -9.25 -26.68
N ASP A 180 9.06 -7.99 -26.62
CA ASP A 180 8.15 -6.85 -26.61
C ASP A 180 7.65 -6.63 -28.03
N LYS A 181 6.48 -7.21 -28.33
CA LYS A 181 5.93 -7.10 -29.67
C LYS A 181 5.40 -5.72 -30.00
N SER A 182 5.47 -4.77 -29.07
CA SER A 182 5.09 -3.40 -29.39
C SER A 182 6.16 -2.69 -30.19
N ARG A 183 7.42 -3.07 -30.02
CA ARG A 183 8.53 -2.43 -30.71
C ARG A 183 9.09 -3.26 -31.86
N TYR A 184 9.10 -4.58 -31.73
CA TYR A 184 9.57 -5.49 -32.78
C TYR A 184 8.39 -6.35 -33.20
N ASP A 185 7.58 -5.82 -34.12
CA ASP A 185 6.34 -6.48 -34.48
C ASP A 185 6.60 -7.74 -35.31
N TYR A 186 7.41 -7.62 -36.36
CA TYR A 186 7.61 -8.71 -37.30
C TYR A 186 8.88 -9.49 -36.96
N PHE A 187 8.94 -10.00 -35.74
CA PHE A 187 10.11 -10.71 -35.25
C PHE A 187 9.68 -12.02 -34.60
N ALA A 188 10.31 -13.11 -35.01
CA ALA A 188 10.13 -14.41 -34.39
C ALA A 188 11.50 -15.05 -34.18
N ARG A 189 11.57 -15.98 -33.24
CA ARG A 189 12.83 -16.67 -32.98
C ARG A 189 12.55 -18.12 -32.62
N THR A 190 13.42 -19.00 -33.07
CA THR A 190 13.31 -20.43 -32.78
C THR A 190 13.95 -20.81 -31.45
N VAL A 191 14.56 -19.87 -30.75
CA VAL A 191 15.16 -20.11 -29.44
C VAL A 191 14.34 -19.36 -28.40
N PRO A 192 14.22 -19.87 -27.18
CA PRO A 192 13.47 -19.15 -26.16
C PRO A 192 14.21 -17.91 -25.70
N PRO A 193 13.51 -16.91 -25.20
CA PRO A 193 14.19 -15.75 -24.59
C PRO A 193 14.95 -16.14 -23.34
N ASP A 194 15.73 -15.20 -22.79
CA ASP A 194 16.59 -15.51 -21.66
C ASP A 194 15.87 -15.48 -20.32
N PHE A 195 14.63 -14.98 -20.25
CA PHE A 195 13.94 -14.98 -18.97
C PHE A 195 13.34 -16.34 -18.64
N TYR A 196 13.28 -17.26 -19.61
CA TYR A 196 12.80 -18.61 -19.30
C TYR A 196 13.81 -19.37 -18.46
N GLN A 197 15.10 -19.01 -18.55
CA GLN A 197 16.09 -19.57 -17.64
C GLN A 197 15.79 -19.15 -16.21
N ALA A 198 15.43 -17.89 -16.02
CA ALA A 198 15.05 -17.41 -14.69
C ALA A 198 13.83 -18.15 -14.18
N LYS A 199 12.85 -18.38 -15.05
CA LYS A 199 11.68 -19.16 -14.68
C LYS A 199 12.05 -20.60 -14.36
N ALA A 200 12.98 -21.17 -15.13
CA ALA A 200 13.36 -22.56 -14.93
C ALA A 200 14.17 -22.73 -13.65
N MET A 201 15.10 -21.83 -13.39
CA MET A 201 15.92 -21.92 -12.18
C MET A 201 15.06 -21.75 -10.93
N ALA A 202 14.12 -20.80 -10.97
CA ALA A 202 13.24 -20.59 -9.83
C ALA A 202 12.41 -21.83 -9.53
N GLU A 203 12.05 -22.59 -10.57
CA GLU A 203 11.31 -23.83 -10.35
C GLU A 203 12.20 -24.90 -9.75
N ILE A 204 13.51 -24.84 -9.99
CA ILE A 204 14.43 -25.76 -9.34
C ILE A 204 14.51 -25.48 -7.85
N LEU A 205 14.56 -24.20 -7.47
CA LEU A 205 14.57 -23.84 -6.05
C LEU A 205 13.26 -24.24 -5.38
N ARG A 206 12.13 -23.99 -6.06
CA ARG A 206 10.84 -24.33 -5.49
C ARG A 206 10.70 -25.84 -5.33
N PHE A 207 11.21 -26.60 -6.30
CA PHE A 207 11.16 -28.06 -6.18
C PHE A 207 11.97 -28.56 -5.00
N PHE A 208 13.14 -27.96 -4.77
CA PHE A 208 14.04 -28.39 -3.70
C PHE A 208 13.79 -27.66 -2.39
N ASN A 209 12.70 -26.90 -2.29
CA ASN A 209 12.26 -26.18 -1.10
C ASN A 209 13.21 -25.06 -0.69
N TRP A 210 14.27 -24.79 -1.46
CA TRP A 210 15.11 -23.65 -1.17
C TRP A 210 14.32 -22.37 -1.30
N THR A 211 14.36 -21.53 -0.26
CA THR A 211 13.50 -20.35 -0.19
C THR A 211 14.31 -19.10 0.05
N TYR A 212 15.39 -19.23 0.80
CA TYR A 212 16.25 -18.10 1.16
C TYR A 212 17.56 -18.25 0.39
N VAL A 213 17.70 -17.44 -0.65
CA VAL A 213 18.72 -17.64 -1.68
C VAL A 213 19.44 -16.31 -1.91
N SER A 214 20.67 -16.39 -2.40
CA SER A 214 21.39 -15.22 -2.85
C SER A 214 21.63 -15.31 -4.36
N THR A 215 21.66 -14.15 -5.01
CA THR A 215 21.81 -14.08 -6.46
C THR A 215 23.01 -13.23 -6.80
N VAL A 216 23.73 -13.63 -7.84
CA VAL A 216 24.89 -12.90 -8.33
C VAL A 216 24.80 -12.76 -9.84
N ALA A 217 24.36 -11.58 -10.31
CA ALA A 217 24.24 -11.32 -11.73
C ALA A 217 25.48 -10.62 -12.25
N SER A 218 25.47 -10.30 -13.54
CA SER A 218 26.53 -9.53 -14.17
C SER A 218 25.97 -8.23 -14.72
N GLU A 219 26.88 -7.35 -15.12
CA GLU A 219 26.50 -6.11 -15.79
C GLU A 219 26.25 -6.38 -17.26
N GLY A 220 25.30 -5.65 -17.83
CA GLY A 220 24.92 -5.82 -19.22
C GLY A 220 23.51 -6.34 -19.36
N ASP A 221 23.13 -6.56 -20.63
CA ASP A 221 21.77 -7.02 -20.92
C ASP A 221 21.51 -8.40 -20.32
N TYR A 222 22.48 -9.31 -20.46
CA TYR A 222 22.27 -10.68 -20.02
C TYR A 222 22.11 -10.76 -18.50
N GLY A 223 23.04 -10.14 -17.78
CA GLY A 223 23.01 -10.23 -16.33
C GLY A 223 21.80 -9.53 -15.72
N GLU A 224 21.49 -8.33 -16.20
CA GLU A 224 20.41 -7.56 -15.60
C GLU A 224 19.04 -8.06 -16.02
N THR A 225 18.75 -8.03 -17.32
CA THR A 225 17.40 -8.34 -17.80
C THR A 225 16.96 -9.74 -17.41
N GLY A 226 17.89 -10.63 -17.11
CA GLY A 226 17.54 -11.96 -16.65
C GLY A 226 17.31 -12.04 -15.16
N ILE A 227 18.19 -11.40 -14.37
CA ILE A 227 18.08 -11.51 -12.92
C ILE A 227 16.82 -10.80 -12.42
N GLU A 228 16.44 -9.70 -13.06
CA GLU A 228 15.18 -9.05 -12.69
C GLU A 228 14.00 -9.96 -12.98
N ALA A 229 14.08 -10.76 -14.05
CA ALA A 229 13.05 -11.77 -14.28
C ALA A 229 13.07 -12.83 -13.18
N PHE A 230 14.26 -13.22 -12.74
CA PHE A 230 14.35 -14.19 -11.64
C PHE A 230 13.82 -13.60 -10.35
N GLU A 231 14.15 -12.34 -10.07
CA GLU A 231 13.65 -11.70 -8.86
C GLU A 231 12.13 -11.63 -8.87
N GLN A 232 11.55 -11.30 -10.03
CA GLN A 232 10.11 -11.35 -10.16
C GLN A 232 9.58 -12.77 -10.02
N GLU A 233 10.29 -13.75 -10.57
CA GLU A 233 9.88 -15.14 -10.46
C GLU A 233 9.98 -15.63 -9.03
N ALA A 234 10.93 -15.10 -8.26
CA ALA A 234 11.09 -15.52 -6.87
C ALA A 234 9.87 -15.15 -6.03
N ARG A 235 9.21 -14.04 -6.36
CA ARG A 235 8.03 -13.64 -5.62
C ARG A 235 6.91 -14.67 -5.75
N LEU A 236 6.66 -15.12 -6.98
CA LEU A 236 5.56 -16.05 -7.22
C LEU A 236 5.81 -17.42 -6.60
N ARG A 237 7.07 -17.76 -6.34
CA ARG A 237 7.42 -19.02 -5.69
C ARG A 237 7.68 -18.85 -4.20
N ASN A 238 7.38 -17.67 -3.64
CA ASN A 238 7.64 -17.35 -2.24
C ASN A 238 9.13 -17.54 -1.92
N ILE A 239 9.96 -16.84 -2.67
CA ILE A 239 11.41 -16.88 -2.52
C ILE A 239 11.92 -15.45 -2.45
N CYS A 240 12.83 -15.20 -1.50
CA CYS A 240 13.42 -13.90 -1.32
C CYS A 240 14.94 -14.00 -1.41
N ILE A 241 15.56 -12.86 -1.74
CA ILE A 241 16.97 -12.80 -2.08
C ILE A 241 17.73 -12.40 -0.82
N ALA A 242 18.71 -13.22 -0.43
CA ALA A 242 19.59 -12.85 0.67
C ALA A 242 20.43 -11.64 0.31
N THR A 243 21.10 -11.70 -0.84
CA THR A 243 21.91 -10.59 -1.33
C THR A 243 22.02 -10.71 -2.84
N ALA A 244 22.03 -9.57 -3.52
CA ALA A 244 22.01 -9.51 -4.99
C ALA A 244 23.24 -8.74 -5.45
N GLU A 245 24.33 -9.44 -5.65
CA GLU A 245 25.53 -8.82 -6.19
C GLU A 245 25.35 -8.51 -7.67
N LYS A 246 26.12 -7.55 -8.17
CA LYS A 246 26.08 -7.14 -9.57
C LYS A 246 27.50 -6.98 -10.09
N VAL A 247 28.36 -7.92 -9.74
CA VAL A 247 29.76 -7.91 -10.18
C VAL A 247 29.76 -8.15 -11.69
N GLY A 248 30.13 -7.12 -12.43
CA GLY A 248 30.15 -7.20 -13.88
C GLY A 248 31.46 -6.79 -14.49
N ARG A 249 32.34 -6.20 -13.68
CA ARG A 249 33.63 -5.75 -14.17
C ARG A 249 34.49 -6.94 -14.57
N SER A 250 35.48 -6.67 -15.43
CA SER A 250 36.35 -7.72 -15.97
C SER A 250 37.06 -8.47 -14.85
N ASN A 251 37.95 -7.80 -14.12
CA ASN A 251 38.66 -8.44 -13.02
C ASN A 251 39.08 -7.36 -12.04
N ILE A 252 38.34 -7.23 -10.95
CA ILE A 252 38.74 -6.38 -9.82
C ILE A 252 38.37 -7.11 -8.54
N ARG A 253 38.62 -6.47 -7.40
CA ARG A 253 38.27 -7.06 -6.11
C ARG A 253 36.76 -7.11 -5.87
N LYS A 254 35.95 -6.59 -6.80
CA LYS A 254 34.50 -6.68 -6.66
C LYS A 254 34.05 -8.12 -6.51
N SER A 255 34.61 -9.03 -7.32
CA SER A 255 34.31 -10.44 -7.16
C SER A 255 34.79 -10.98 -5.81
N TYR A 256 35.96 -10.52 -5.36
CA TYR A 256 36.50 -11.00 -4.08
C TYR A 256 35.56 -10.65 -2.93
N ASP A 257 35.10 -9.40 -2.86
CA ASP A 257 34.16 -9.04 -1.81
C ASP A 257 32.78 -9.64 -2.07
N SER A 258 32.45 -9.88 -3.34
CA SER A 258 31.17 -10.51 -3.67
C SER A 258 31.09 -11.90 -3.04
N VAL A 259 32.18 -12.64 -3.09
CA VAL A 259 32.24 -13.92 -2.38
C VAL A 259 32.08 -13.68 -0.88
N ILE A 260 32.72 -12.63 -0.36
CA ILE A 260 32.57 -12.30 1.06
C ILE A 260 31.12 -11.95 1.36
N ARG A 261 30.47 -11.18 0.49
CA ARG A 261 29.06 -10.86 0.69
C ARG A 261 28.20 -12.12 0.72
N GLU A 262 28.57 -13.13 -0.05
CA GLU A 262 27.90 -14.43 0.06
C GLU A 262 28.13 -15.05 1.42
N LEU A 263 29.37 -14.95 1.93
CA LEU A 263 29.70 -15.54 3.23
C LEU A 263 29.08 -14.75 4.38
N LEU A 264 29.36 -13.45 4.43
CA LEU A 264 28.91 -12.63 5.55
C LEU A 264 27.37 -12.58 5.61
N GLN A 265 26.75 -12.04 4.56
CA GLN A 265 25.30 -11.88 4.56
C GLN A 265 24.64 -13.23 4.35
N LYS A 266 23.89 -13.68 5.36
CA LYS A 266 23.16 -14.95 5.33
C LYS A 266 24.06 -16.13 4.96
N PRO A 267 24.97 -16.54 5.84
CA PRO A 267 25.68 -17.81 5.60
C PRO A 267 24.77 -19.01 5.59
N ASN A 268 23.56 -18.88 6.14
CA ASN A 268 22.56 -19.94 6.11
C ASN A 268 21.83 -20.03 4.78
N ALA A 269 22.21 -19.21 3.80
CA ALA A 269 21.71 -19.32 2.43
C ALA A 269 22.84 -19.94 1.62
N ARG A 270 22.86 -21.27 1.57
CA ARG A 270 23.98 -22.00 1.00
C ARG A 270 23.96 -22.07 -0.52
N VAL A 271 22.78 -21.99 -1.14
CA VAL A 271 22.66 -22.05 -2.59
C VAL A 271 22.62 -20.62 -3.13
N VAL A 272 23.32 -20.41 -4.24
CA VAL A 272 23.43 -19.09 -4.86
C VAL A 272 23.10 -19.20 -6.33
N VAL A 273 22.20 -18.34 -6.80
CA VAL A 273 21.67 -18.43 -8.18
C VAL A 273 22.51 -17.48 -9.03
N LEU A 274 23.42 -18.05 -9.81
CA LEU A 274 24.20 -17.26 -10.76
C LEU A 274 23.40 -17.01 -12.03
N PHE A 275 23.52 -15.78 -12.56
CA PHE A 275 22.92 -15.41 -13.84
C PHE A 275 23.89 -14.58 -14.66
N MET A 276 25.18 -14.86 -14.55
CA MET A 276 26.21 -13.98 -15.06
C MET A 276 27.04 -14.64 -16.17
N ARG A 277 27.73 -13.80 -16.93
CA ARG A 277 28.32 -14.17 -18.21
C ARG A 277 29.37 -15.27 -18.10
N SER A 278 29.75 -15.84 -19.25
CA SER A 278 30.64 -17.00 -19.26
C SER A 278 32.01 -16.66 -18.69
N ASP A 279 32.65 -15.61 -19.21
CA ASP A 279 33.98 -15.25 -18.71
C ASP A 279 33.91 -14.76 -17.27
N ASP A 280 32.84 -14.05 -16.92
CA ASP A 280 32.67 -13.65 -15.53
C ASP A 280 32.48 -14.86 -14.62
N SER A 281 31.73 -15.87 -15.08
CA SER A 281 31.53 -17.06 -14.26
C SER A 281 32.83 -17.77 -13.97
N ARG A 282 33.81 -17.67 -14.87
CA ARG A 282 35.12 -18.27 -14.62
C ARG A 282 35.83 -17.57 -13.46
N GLU A 283 35.86 -16.24 -13.48
CA GLU A 283 36.61 -15.49 -12.48
C GLU A 283 35.91 -15.44 -11.13
N LEU A 284 34.58 -15.61 -11.07
CA LEU A 284 33.92 -15.70 -9.78
C LEU A 284 34.27 -17.00 -9.06
N ILE A 285 34.33 -18.11 -9.80
CA ILE A 285 34.73 -19.37 -9.21
C ILE A 285 36.16 -19.30 -8.73
N ALA A 286 37.04 -18.66 -9.50
CA ALA A 286 38.42 -18.47 -9.07
C ALA A 286 38.49 -17.64 -7.79
N ALA A 287 37.67 -16.59 -7.70
CA ALA A 287 37.61 -15.81 -6.47
C ALA A 287 37.09 -16.66 -5.32
N ALA A 288 36.06 -17.46 -5.56
CA ALA A 288 35.55 -18.36 -4.53
C ALA A 288 36.58 -19.43 -4.16
N ASN A 289 37.40 -19.85 -5.12
CA ASN A 289 38.45 -20.82 -4.83
C ASN A 289 39.50 -20.23 -3.89
N ARG A 290 39.86 -18.96 -4.10
CA ARG A 290 40.90 -18.33 -3.29
C ARG A 290 40.49 -18.26 -1.83
N VAL A 291 39.28 -17.77 -1.55
CA VAL A 291 38.75 -17.75 -0.20
C VAL A 291 38.37 -19.14 0.29
N ASN A 292 38.28 -20.12 -0.60
CA ASN A 292 37.91 -21.49 -0.28
C ASN A 292 36.52 -21.55 0.36
N ALA A 293 35.55 -20.98 -0.34
CA ALA A 293 34.16 -21.06 0.05
C ALA A 293 33.54 -22.33 -0.52
N SER A 294 32.27 -22.56 -0.22
CA SER A 294 31.59 -23.76 -0.71
C SER A 294 30.09 -23.48 -0.76
N PHE A 295 29.56 -23.36 -1.97
CA PHE A 295 28.13 -23.19 -2.21
C PHE A 295 27.67 -24.23 -3.22
N THR A 296 26.36 -24.23 -3.49
CA THR A 296 25.78 -25.05 -4.54
C THR A 296 25.21 -24.08 -5.57
N TRP A 297 26.05 -23.68 -6.52
CA TRP A 297 25.66 -22.69 -7.51
C TRP A 297 24.56 -23.22 -8.41
N VAL A 298 23.61 -22.36 -8.73
CA VAL A 298 22.56 -22.65 -9.70
C VAL A 298 22.75 -21.65 -10.82
N ALA A 299 23.49 -22.05 -11.86
CA ALA A 299 23.92 -21.13 -12.89
C ALA A 299 22.90 -21.08 -14.03
N SER A 300 23.26 -20.41 -15.12
CA SER A 300 22.41 -20.25 -16.28
C SER A 300 23.14 -20.70 -17.53
N ASP A 301 22.59 -20.41 -18.71
CA ASP A 301 23.23 -20.80 -19.96
C ASP A 301 24.62 -20.17 -20.09
N GLY A 302 24.84 -19.04 -19.43
CA GLY A 302 26.16 -18.42 -19.47
C GLY A 302 27.26 -19.34 -19.00
N TRP A 303 27.02 -20.04 -17.89
CA TRP A 303 27.88 -21.11 -17.42
C TRP A 303 27.07 -22.40 -17.57
N GLY A 304 27.12 -22.99 -18.76
CA GLY A 304 26.36 -24.19 -19.02
C GLY A 304 27.19 -25.44 -18.80
N ALA A 305 27.32 -26.25 -19.85
CA ALA A 305 28.16 -27.43 -19.81
C ALA A 305 29.62 -27.12 -20.11
N GLN A 306 30.00 -25.85 -20.12
CA GLN A 306 31.37 -25.45 -20.41
C GLN A 306 32.30 -25.84 -19.26
N GLU A 307 33.10 -26.89 -19.45
CA GLU A 307 34.08 -27.25 -18.44
C GLU A 307 35.17 -26.21 -18.30
N SER A 308 35.34 -25.33 -19.30
CA SER A 308 36.33 -24.27 -19.21
C SER A 308 36.00 -23.27 -18.10
N ILE A 309 34.74 -23.21 -17.68
CA ILE A 309 34.38 -22.35 -16.56
C ILE A 309 35.06 -22.85 -15.28
N VAL A 310 35.17 -24.16 -15.11
CA VAL A 310 35.75 -24.76 -13.92
C VAL A 310 37.08 -25.43 -14.21
N LYS A 311 37.72 -25.09 -15.34
CA LYS A 311 39.05 -25.62 -15.62
C LYS A 311 40.02 -25.09 -14.58
N GLY A 312 40.46 -25.95 -13.67
CA GLY A 312 41.13 -25.49 -12.47
C GLY A 312 40.09 -25.07 -11.44
N SER A 313 40.33 -25.41 -10.17
CA SER A 313 39.38 -25.14 -9.09
C SER A 313 38.04 -25.85 -9.36
N GLU A 314 38.11 -27.16 -9.60
CA GLU A 314 36.90 -27.94 -9.82
C GLU A 314 36.16 -28.21 -8.52
N HIS A 315 36.91 -28.41 -7.42
CA HIS A 315 36.28 -28.83 -6.17
C HIS A 315 35.41 -27.74 -5.56
N VAL A 316 35.78 -26.47 -5.74
CA VAL A 316 35.01 -25.39 -5.15
C VAL A 316 33.63 -25.29 -5.80
N ALA A 317 33.56 -25.51 -7.10
CA ALA A 317 32.30 -25.45 -7.84
C ALA A 317 31.64 -26.81 -8.01
N TYR A 318 32.21 -27.86 -7.42
CA TYR A 318 31.63 -29.20 -7.55
C TYR A 318 30.23 -29.23 -6.94
N GLY A 319 29.34 -29.99 -7.58
CA GLY A 319 27.96 -30.06 -7.16
C GLY A 319 27.07 -28.96 -7.68
N ALA A 320 27.56 -28.14 -8.61
CA ALA A 320 26.76 -27.06 -9.15
C ALA A 320 25.63 -27.59 -10.02
N ILE A 321 24.66 -26.73 -10.29
CA ILE A 321 23.55 -27.03 -11.19
C ILE A 321 23.53 -25.94 -12.25
N THR A 322 23.67 -26.33 -13.51
CA THR A 322 23.79 -25.39 -14.61
C THR A 322 22.77 -25.72 -15.68
N LEU A 323 22.04 -24.71 -16.14
CA LEU A 323 21.14 -24.87 -17.27
C LEU A 323 21.89 -24.71 -18.59
N GLU A 324 21.28 -25.19 -19.66
CA GLU A 324 21.81 -25.02 -21.00
C GLU A 324 20.73 -25.39 -22.01
N LEU A 325 20.70 -24.67 -23.12
CA LEU A 325 19.69 -24.91 -24.15
C LEU A 325 19.78 -26.35 -24.67
N ALA A 326 18.62 -26.95 -24.90
CA ALA A 326 18.53 -28.33 -25.37
C ALA A 326 18.50 -28.32 -26.89
N SER A 327 19.54 -28.86 -27.51
CA SER A 327 19.63 -28.92 -28.97
C SER A 327 20.16 -30.28 -29.39
N HIS A 328 19.47 -30.91 -30.33
CA HIS A 328 19.88 -32.20 -30.86
C HIS A 328 20.72 -32.00 -32.10
N PRO A 329 21.94 -32.51 -32.16
CA PRO A 329 22.78 -32.31 -33.35
C PRO A 329 22.11 -32.86 -34.59
N VAL A 330 22.26 -32.14 -35.70
CA VAL A 330 21.67 -32.52 -36.98
C VAL A 330 22.63 -33.48 -37.66
N ARG A 331 22.23 -34.74 -37.76
CA ARG A 331 23.10 -35.76 -38.33
C ARG A 331 23.39 -35.50 -39.80
N GLN A 332 22.35 -35.16 -40.57
CA GLN A 332 22.54 -34.96 -42.00
C GLN A 332 23.43 -33.76 -42.30
N PHE A 333 23.46 -32.78 -41.41
CA PHE A 333 24.30 -31.60 -41.64
C PHE A 333 25.78 -31.96 -41.61
N ASP A 334 26.17 -32.90 -40.74
CA ASP A 334 27.58 -33.27 -40.63
C ASP A 334 28.09 -33.84 -41.94
N ARG A 335 27.31 -34.72 -42.57
CA ARG A 335 27.71 -35.26 -43.86
C ARG A 335 27.82 -34.17 -44.91
N TYR A 336 26.88 -33.22 -44.91
CA TYR A 336 26.94 -32.11 -45.86
C TYR A 336 28.13 -31.20 -45.57
N PHE A 337 28.31 -30.79 -44.32
CA PHE A 337 29.36 -29.82 -44.00
C PHE A 337 30.74 -30.41 -44.18
N GLN A 338 30.93 -31.67 -43.77
CA GLN A 338 32.26 -32.28 -43.89
C GLN A 338 32.62 -32.53 -45.35
N SER A 339 31.62 -32.77 -46.21
CA SER A 339 31.86 -33.00 -47.63
C SER A 339 32.05 -31.71 -48.40
N LEU A 340 32.22 -30.58 -47.73
CA LEU A 340 32.43 -29.32 -48.42
C LEU A 340 33.88 -29.19 -48.87
N ASN A 341 34.07 -28.48 -49.98
CA ASN A 341 35.36 -28.40 -50.64
C ASN A 341 35.45 -27.02 -51.28
N PRO A 342 36.55 -26.29 -51.06
CA PRO A 342 36.72 -25.01 -51.78
C PRO A 342 36.68 -25.15 -53.28
N TYR A 343 36.97 -26.33 -53.82
CA TYR A 343 36.79 -26.60 -55.24
C TYR A 343 35.37 -27.05 -55.57
N ASN A 344 34.51 -27.20 -54.55
CA ASN A 344 33.10 -27.53 -54.76
C ASN A 344 32.15 -26.47 -54.24
N ASN A 345 32.58 -25.67 -53.26
CA ASN A 345 31.73 -24.64 -52.66
C ASN A 345 32.05 -23.29 -53.28
N HIS A 346 31.58 -23.10 -54.51
CA HIS A 346 31.73 -21.83 -55.20
C HIS A 346 30.63 -20.84 -54.84
N ARG A 347 29.51 -21.32 -54.30
CA ARG A 347 28.45 -20.42 -53.88
C ARG A 347 28.91 -19.53 -52.72
N ASN A 348 29.62 -20.10 -51.77
CA ASN A 348 30.05 -19.36 -50.59
C ASN A 348 31.26 -18.49 -50.94
N PRO A 349 31.18 -17.17 -50.76
CA PRO A 349 32.37 -16.34 -51.00
C PRO A 349 33.38 -16.41 -49.86
N TRP A 350 32.91 -16.50 -48.62
CA TRP A 350 33.80 -16.55 -47.47
C TRP A 350 34.44 -17.91 -47.28
N PHE A 351 34.04 -18.93 -48.05
CA PHE A 351 34.55 -20.27 -47.82
C PHE A 351 36.06 -20.33 -48.02
N ARG A 352 36.57 -19.67 -49.06
CA ARG A 352 38.01 -19.63 -49.28
C ARG A 352 38.70 -18.96 -48.10
N ASP A 353 38.14 -17.85 -47.61
CA ASP A 353 38.68 -17.24 -46.40
C ASP A 353 38.51 -18.16 -45.20
N PHE A 354 37.37 -18.85 -45.12
CA PHE A 354 37.18 -19.82 -44.04
C PHE A 354 38.16 -20.98 -44.16
N TRP A 355 38.41 -21.45 -45.38
CA TRP A 355 39.35 -22.55 -45.59
C TRP A 355 40.75 -22.17 -45.11
N GLU A 356 41.19 -20.94 -45.42
CA GLU A 356 42.51 -20.51 -45.01
C GLU A 356 42.61 -20.37 -43.50
N GLN A 357 41.66 -19.67 -42.89
CA GLN A 357 41.72 -19.44 -41.44
C GLN A 357 41.58 -20.75 -40.67
N LYS A 358 40.71 -21.65 -41.14
CA LYS A 358 40.51 -22.91 -40.44
C LYS A 358 41.79 -23.75 -40.45
N PHE A 359 42.50 -23.79 -41.57
CA PHE A 359 43.67 -24.63 -41.72
C PHE A 359 44.98 -23.86 -41.67
N GLN A 360 44.94 -22.54 -41.47
CA GLN A 360 46.13 -21.71 -41.33
C GLN A 360 47.09 -21.90 -42.51
N CYS A 361 46.54 -21.83 -43.72
CA CYS A 361 47.34 -21.94 -44.93
C CYS A 361 46.88 -20.88 -45.92
N SER A 362 47.37 -20.96 -47.15
CA SER A 362 46.96 -20.07 -48.23
C SER A 362 46.86 -20.86 -49.51
N LEU A 363 45.83 -20.59 -50.30
CA LEU A 363 45.63 -21.29 -51.56
C LEU A 363 46.65 -20.91 -52.62
N GLN A 364 47.39 -19.83 -52.42
CA GLN A 364 48.41 -19.40 -53.37
C GLN A 364 49.71 -19.07 -52.67
N ARG A 367 51.30 -14.72 -51.17
CA ARG A 367 51.00 -14.21 -49.83
C ARG A 367 52.04 -14.70 -48.83
N ASN A 368 52.61 -15.88 -49.12
CA ASN A 368 53.64 -16.50 -48.28
C ASN A 368 53.12 -16.72 -46.85
N HIS A 369 52.09 -17.55 -46.76
CA HIS A 369 51.55 -17.94 -45.47
C HIS A 369 52.47 -18.95 -44.79
N ARG A 370 52.04 -19.45 -43.62
CA ARG A 370 52.82 -20.47 -42.93
C ARG A 370 52.84 -21.77 -43.72
N GLN A 371 51.87 -21.96 -44.62
CA GLN A 371 51.80 -23.15 -45.43
C GLN A 371 50.92 -22.84 -46.63
N VAL A 372 51.15 -23.57 -47.72
CA VAL A 372 50.29 -23.52 -48.88
C VAL A 372 49.20 -24.57 -48.69
N CYS A 373 47.94 -24.17 -48.93
CA CYS A 373 46.82 -25.08 -48.70
C CYS A 373 46.91 -26.30 -49.60
N ASP A 374 47.19 -27.46 -49.00
CA ASP A 374 47.26 -28.72 -49.72
C ASP A 374 45.88 -29.15 -50.18
N LYS A 375 45.86 -30.02 -51.21
CA LYS A 375 44.60 -30.43 -51.81
C LYS A 375 43.88 -31.47 -50.96
N HIS A 376 44.61 -32.38 -50.30
CA HIS A 376 43.93 -33.47 -49.61
C HIS A 376 43.43 -33.06 -48.22
N LEU A 377 43.59 -31.80 -47.82
CA LEU A 377 42.95 -31.32 -46.61
C LEU A 377 41.44 -31.41 -46.76
N ALA A 378 40.76 -31.87 -45.71
CA ALA A 378 39.31 -31.97 -45.70
C ALA A 378 38.83 -31.87 -44.26
N ILE A 379 37.55 -31.57 -44.10
CA ILE A 379 36.94 -31.42 -42.79
C ILE A 379 36.44 -32.79 -42.33
N ASP A 380 36.92 -33.23 -41.17
CA ASP A 380 36.54 -34.51 -40.60
C ASP A 380 36.14 -34.32 -39.15
N SER A 381 35.78 -35.43 -38.49
CA SER A 381 35.34 -35.37 -37.11
C SER A 381 36.44 -34.87 -36.18
N SER A 382 37.71 -35.08 -36.55
CA SER A 382 38.82 -34.66 -35.69
C SER A 382 38.86 -33.14 -35.55
N ASN A 383 38.69 -32.42 -36.66
CA ASN A 383 38.82 -30.97 -36.68
C ASN A 383 37.47 -30.27 -36.87
N TYR A 384 36.40 -30.90 -36.38
CA TYR A 384 35.08 -30.29 -36.52
C TYR A 384 34.09 -30.83 -35.50
N GLU A 385 33.45 -29.92 -34.76
CA GLU A 385 32.37 -30.25 -33.86
C GLU A 385 31.17 -29.39 -34.22
N GLN A 386 30.02 -30.03 -34.42
CA GLN A 386 28.83 -29.32 -34.84
C GLN A 386 28.45 -28.23 -33.85
N GLU A 387 28.13 -27.05 -34.38
CA GLU A 387 27.76 -25.93 -33.54
C GLU A 387 26.45 -26.22 -32.80
N SER A 388 26.34 -25.69 -31.58
CA SER A 388 25.22 -26.01 -30.71
C SER A 388 23.89 -25.58 -31.32
N LYS A 389 23.86 -24.43 -31.98
CA LYS A 389 22.62 -23.83 -32.46
C LYS A 389 22.33 -24.16 -33.92
N ILE A 390 22.95 -25.19 -34.49
CA ILE A 390 22.65 -25.58 -35.86
C ILE A 390 21.21 -26.06 -35.99
N MET A 391 20.70 -26.72 -34.95
CA MET A 391 19.31 -27.18 -34.98
C MET A 391 18.34 -26.02 -35.17
N PHE A 392 18.60 -24.90 -34.51
CA PHE A 392 17.72 -23.75 -34.62
C PHE A 392 17.85 -23.04 -35.97
N VAL A 393 19.04 -23.04 -36.56
CA VAL A 393 19.22 -22.42 -37.87
C VAL A 393 18.41 -23.18 -38.92
N VAL A 394 18.46 -24.51 -38.88
CA VAL A 394 17.68 -25.31 -39.81
C VAL A 394 16.19 -25.14 -39.54
N ASN A 395 15.82 -25.09 -38.26
CA ASN A 395 14.42 -24.90 -37.90
C ASN A 395 13.91 -23.54 -38.39
N ALA A 396 14.74 -22.51 -38.26
CA ALA A 396 14.32 -21.17 -38.68
C ALA A 396 14.04 -21.13 -40.17
N VAL A 397 14.90 -21.75 -40.98
CA VAL A 397 14.68 -21.77 -42.43
C VAL A 397 13.43 -22.57 -42.76
N TYR A 398 13.26 -23.71 -42.09
CA TYR A 398 12.09 -24.55 -42.35
C TYR A 398 10.80 -23.85 -41.90
N ALA A 399 10.87 -23.12 -40.78
CA ALA A 399 9.70 -22.41 -40.30
C ALA A 399 9.21 -21.38 -41.31
N MET A 400 10.13 -20.61 -41.89
CA MET A 400 9.76 -19.67 -42.93
C MET A 400 9.25 -20.39 -44.17
N ALA A 401 9.93 -21.48 -44.55
CA ALA A 401 9.50 -22.22 -45.73
C ALA A 401 8.14 -22.87 -45.52
N HIS A 402 7.86 -23.34 -44.30
CA HIS A 402 6.57 -23.93 -44.01
C HIS A 402 5.45 -22.91 -44.13
N ALA A 403 5.68 -21.70 -43.63
CA ALA A 403 4.66 -20.66 -43.70
C ALA A 403 4.36 -20.27 -45.15
N LEU A 404 5.41 -20.13 -45.96
CA LEU A 404 5.20 -19.77 -47.37
C LEU A 404 4.51 -20.90 -48.13
N HIS A 405 4.77 -22.16 -47.75
CA HIS A 405 4.07 -23.26 -48.38
C HIS A 405 2.61 -23.28 -47.98
N LYS A 406 2.33 -23.11 -46.68
CA LYS A 406 0.94 -23.09 -46.23
C LYS A 406 0.18 -21.92 -46.84
N MET A 407 0.85 -20.77 -46.99
CA MET A 407 0.23 -19.64 -47.68
C MET A 407 -0.06 -19.97 -49.13
N GLN A 408 0.83 -20.72 -49.77
CA GLN A 408 0.60 -21.10 -51.17
C GLN A 408 -0.61 -22.00 -51.30
N ARG A 409 -0.84 -22.88 -50.33
CA ARG A 409 -2.03 -23.73 -50.34
C ARG A 409 -3.30 -22.93 -50.12
N THR A 410 -3.20 -21.69 -49.63
CA THR A 410 -4.37 -20.86 -49.35
C THR A 410 -4.53 -19.75 -50.40
N LEU A 411 -3.50 -18.93 -50.58
CA LEU A 411 -3.60 -17.80 -51.49
C LEU A 411 -3.57 -18.22 -52.95
N CYS A 412 -2.97 -19.36 -53.28
CA CYS A 412 -2.90 -19.87 -54.64
C CYS A 412 -3.27 -21.35 -54.67
N PRO A 413 -4.52 -21.68 -54.36
CA PRO A 413 -4.92 -23.10 -54.33
C PRO A 413 -4.98 -23.69 -55.72
N ASN A 414 -4.80 -25.02 -55.77
CA ASN A 414 -4.90 -25.79 -57.01
C ASN A 414 -3.88 -25.30 -58.04
N THR A 415 -2.74 -24.84 -57.57
CA THR A 415 -1.66 -24.37 -58.44
C THR A 415 -0.34 -24.86 -57.89
N THR A 416 0.39 -25.65 -58.69
CA THR A 416 1.68 -26.17 -58.25
C THR A 416 2.75 -25.08 -58.18
N LYS A 417 2.53 -23.94 -58.83
CA LYS A 417 3.44 -22.82 -58.79
C LYS A 417 2.85 -21.71 -57.92
N LEU A 418 3.54 -20.57 -57.86
CA LEU A 418 3.03 -19.40 -57.18
C LEU A 418 2.17 -18.61 -58.17
N CYS A 419 0.93 -18.33 -57.78
CA CYS A 419 0.00 -17.66 -58.68
C CYS A 419 0.26 -16.15 -58.64
N ASP A 420 -0.61 -15.41 -59.33
CA ASP A 420 -0.44 -13.97 -59.45
C ASP A 420 -0.58 -13.27 -58.09
N ALA A 421 -1.29 -13.91 -57.14
CA ALA A 421 -1.43 -13.32 -55.82
C ALA A 421 -0.08 -13.25 -55.10
N MET A 422 0.76 -14.26 -55.28
CA MET A 422 2.05 -14.30 -54.60
C MET A 422 3.14 -13.51 -55.32
N LYS A 423 2.83 -12.90 -56.47
CA LYS A 423 3.81 -12.02 -57.09
C LYS A 423 4.15 -10.85 -56.18
N ILE A 424 3.21 -10.44 -55.33
CA ILE A 424 3.45 -9.45 -54.28
C ILE A 424 3.07 -10.11 -52.96
N LEU A 425 4.01 -10.10 -52.01
CA LEU A 425 3.80 -10.71 -50.71
C LEU A 425 3.55 -9.64 -49.66
N ASP A 426 2.67 -9.95 -48.71
CA ASP A 426 2.35 -9.05 -47.61
C ASP A 426 2.94 -9.64 -46.32
N GLY A 427 3.83 -8.87 -45.69
CA GLY A 427 4.48 -9.36 -44.48
C GLY A 427 3.51 -9.49 -43.32
N LYS A 428 2.53 -8.59 -43.24
CA LYS A 428 1.61 -8.59 -42.10
C LYS A 428 0.81 -9.89 -42.05
N LYS A 429 0.25 -10.30 -43.18
CA LYS A 429 -0.54 -11.53 -43.21
C LYS A 429 0.34 -12.76 -43.03
N LEU A 430 1.52 -12.76 -43.67
CA LEU A 430 2.40 -13.91 -43.58
C LEU A 430 2.90 -14.13 -42.16
N TYR A 431 3.28 -13.05 -41.48
CA TYR A 431 3.81 -13.19 -40.12
C TYR A 431 2.72 -13.51 -39.13
N LYS A 432 1.60 -12.78 -39.18
CA LYS A 432 0.60 -12.88 -38.13
C LYS A 432 -0.25 -14.14 -38.21
N GLU A 433 -0.50 -14.64 -39.42
CA GLU A 433 -1.41 -15.77 -39.61
C GLU A 433 -0.66 -17.09 -39.80
N TYR A 434 0.28 -17.13 -40.74
CA TYR A 434 0.94 -18.38 -41.11
C TYR A 434 2.18 -18.64 -40.27
N LEU A 435 3.13 -17.70 -40.27
CA LEU A 435 4.40 -17.93 -39.60
C LEU A 435 4.22 -18.08 -38.09
N LEU A 436 3.34 -17.28 -37.49
CA LEU A 436 3.15 -17.29 -36.05
C LEU A 436 2.25 -18.43 -35.58
N LYS A 437 1.73 -19.25 -36.50
CA LYS A 437 0.85 -20.35 -36.12
C LYS A 437 1.27 -21.65 -36.79
N ILE A 438 2.57 -21.81 -37.03
CA ILE A 438 3.08 -23.03 -37.65
C ILE A 438 3.26 -24.09 -36.57
N ASN A 439 3.15 -25.36 -36.98
CA ASN A 439 3.20 -26.45 -36.02
C ASN A 439 3.98 -27.66 -36.52
N PHE A 440 4.82 -27.49 -37.54
CA PHE A 440 5.50 -28.64 -38.14
C PHE A 440 6.51 -29.23 -37.16
N THR A 441 6.64 -30.56 -37.21
CA THR A 441 7.67 -31.23 -36.44
C THR A 441 9.03 -30.95 -37.04
N ALA A 442 10.05 -30.90 -36.18
CA ALA A 442 11.38 -30.52 -36.61
C ALA A 442 11.93 -31.53 -37.63
N PRO A 443 12.58 -31.05 -38.68
CA PRO A 443 13.18 -31.96 -39.67
C PRO A 443 14.55 -32.45 -39.23
N PHE A 444 14.93 -33.60 -39.78
CA PHE A 444 16.19 -34.26 -39.46
C PHE A 444 16.32 -34.56 -37.96
N ASN A 445 15.18 -34.72 -37.29
CA ASN A 445 15.18 -35.01 -35.87
C ASN A 445 15.08 -36.52 -35.65
N PRO A 446 16.01 -37.13 -34.91
CA PRO A 446 15.92 -38.58 -34.72
C PRO A 446 14.68 -39.02 -33.95
N ASN A 447 14.41 -38.42 -32.79
CA ASN A 447 13.28 -38.81 -31.96
C ASN A 447 12.02 -38.06 -32.40
N LYS A 448 11.49 -38.49 -33.54
CA LYS A 448 10.28 -37.89 -34.07
C LYS A 448 9.10 -38.17 -33.16
N GLY A 449 8.19 -37.20 -33.08
CA GLY A 449 7.03 -37.30 -32.23
C GLY A 449 7.25 -36.87 -30.79
N ALA A 450 8.48 -36.54 -30.42
CA ALA A 450 8.78 -36.06 -29.08
C ALA A 450 8.46 -34.57 -28.99
N ASP A 451 8.96 -33.91 -27.94
CA ASP A 451 8.77 -32.47 -27.79
C ASP A 451 9.57 -31.66 -28.80
N SER A 452 10.20 -32.31 -29.78
CA SER A 452 10.94 -31.61 -30.83
C SER A 452 9.98 -31.21 -31.95
N ILE A 453 9.10 -30.27 -31.62
CA ILE A 453 8.15 -29.71 -32.57
C ILE A 453 8.36 -28.20 -32.60
N VAL A 454 8.51 -27.66 -33.81
CA VAL A 454 8.77 -26.24 -33.98
C VAL A 454 7.46 -25.48 -33.92
N LYS A 455 7.40 -24.47 -33.05
CA LYS A 455 6.21 -23.64 -32.93
C LYS A 455 6.59 -22.35 -32.23
N PHE A 456 5.87 -21.28 -32.54
CA PHE A 456 6.05 -19.98 -31.91
C PHE A 456 4.84 -19.65 -31.05
N ASP A 457 5.09 -19.08 -29.88
CA ASP A 457 4.02 -18.68 -28.98
C ASP A 457 3.42 -17.37 -29.46
N THR A 458 2.61 -16.73 -28.62
CA THR A 458 1.94 -15.50 -29.02
C THR A 458 2.94 -14.38 -29.31
N PHE A 459 4.14 -14.47 -28.75
CA PHE A 459 5.17 -13.46 -28.96
C PHE A 459 6.21 -13.90 -29.97
N GLY A 460 5.98 -15.02 -30.67
CA GLY A 460 6.94 -15.52 -31.63
C GLY A 460 8.26 -15.93 -31.01
N ASP A 461 8.21 -16.68 -29.92
CA ASP A 461 9.38 -17.15 -29.22
C ASP A 461 9.50 -18.67 -29.39
N GLY A 462 10.64 -19.20 -28.96
CA GLY A 462 10.86 -20.62 -28.99
C GLY A 462 10.07 -21.35 -27.92
N MET A 463 10.16 -22.68 -27.96
CA MET A 463 9.39 -23.50 -27.02
C MET A 463 9.89 -23.29 -25.59
N GLY A 464 11.19 -23.36 -25.39
CA GLY A 464 11.77 -23.21 -24.07
C GLY A 464 12.35 -24.45 -23.43
N ARG A 465 13.00 -25.33 -24.20
CA ARG A 465 13.58 -26.54 -23.64
C ARG A 465 14.98 -26.25 -23.11
N TYR A 466 15.27 -26.77 -21.91
CA TYR A 466 16.56 -26.62 -21.27
C TYR A 466 17.03 -27.99 -20.79
N ASN A 467 18.29 -28.05 -20.38
CA ASN A 467 18.91 -29.29 -19.90
C ASN A 467 19.60 -28.97 -18.58
N VAL A 468 19.02 -29.46 -17.48
CA VAL A 468 19.59 -29.20 -16.16
C VAL A 468 20.79 -30.10 -15.96
N PHE A 469 21.99 -29.52 -15.97
CA PHE A 469 23.22 -30.27 -15.81
C PHE A 469 23.67 -30.25 -14.35
N ASN A 470 24.76 -30.95 -14.06
CA ASN A 470 25.31 -31.00 -12.72
C ASN A 470 26.75 -31.48 -12.78
N LEU A 471 27.66 -30.72 -12.18
CA LEU A 471 29.07 -31.12 -12.15
C LEU A 471 29.25 -32.34 -11.26
N GLN A 472 29.79 -33.40 -11.82
CA GLN A 472 29.93 -34.68 -11.12
C GLN A 472 31.38 -34.91 -10.72
N GLN A 473 31.56 -35.69 -9.66
CA GLN A 473 32.88 -36.16 -9.25
C GLN A 473 32.99 -37.61 -9.71
N THR A 474 33.57 -37.80 -10.89
CA THR A 474 33.74 -39.13 -11.47
C THR A 474 35.09 -39.68 -11.03
N GLY A 475 35.10 -40.38 -9.90
CA GLY A 475 36.34 -40.90 -9.35
C GLY A 475 37.31 -39.79 -9.00
N GLY A 476 38.37 -39.65 -9.80
CA GLY A 476 39.31 -38.56 -9.67
C GLY A 476 39.16 -37.46 -10.70
N LYS A 477 38.07 -37.44 -11.46
CA LYS A 477 37.88 -36.49 -12.54
C LYS A 477 36.50 -35.83 -12.42
N TYR A 478 36.43 -34.56 -12.78
CA TYR A 478 35.19 -33.80 -12.74
C TYR A 478 34.63 -33.65 -14.14
N SER A 479 33.33 -33.92 -14.29
CA SER A 479 32.68 -33.83 -15.59
C SER A 479 31.20 -33.54 -15.41
N TYR A 480 30.62 -32.89 -16.41
CA TYR A 480 29.21 -32.55 -16.38
C TYR A 480 28.36 -33.77 -16.75
N LEU A 481 27.09 -33.71 -16.38
CA LEU A 481 26.15 -34.78 -16.67
C LEU A 481 24.71 -34.29 -16.55
N LYS A 482 23.88 -34.59 -17.55
CA LYS A 482 22.48 -34.18 -17.50
C LYS A 482 21.76 -34.93 -16.39
N VAL A 483 21.06 -34.18 -15.53
CA VAL A 483 20.35 -34.75 -14.41
C VAL A 483 18.90 -34.26 -14.41
N GLY A 484 18.49 -33.64 -15.50
CA GLY A 484 17.14 -33.11 -15.59
C GLY A 484 16.91 -32.42 -16.91
N HIS A 485 15.68 -31.95 -17.07
CA HIS A 485 15.27 -31.29 -18.31
C HIS A 485 14.03 -30.47 -18.04
N TRP A 486 14.12 -29.16 -18.22
CA TRP A 486 12.99 -28.26 -18.03
C TRP A 486 12.46 -27.86 -19.41
N ALA A 487 11.49 -28.63 -19.89
CA ALA A 487 10.80 -28.23 -21.12
C ALA A 487 9.74 -27.17 -20.82
N GLU A 488 8.74 -27.55 -20.03
CA GLU A 488 7.84 -26.58 -19.41
C GLU A 488 7.52 -26.92 -17.97
N THR A 489 7.78 -28.15 -17.52
CA THR A 489 7.68 -28.55 -16.12
C THR A 489 8.96 -29.26 -15.75
N LEU A 490 9.48 -28.97 -14.56
CA LEU A 490 10.76 -29.54 -14.15
C LEU A 490 10.67 -31.05 -14.01
N SER A 491 11.69 -31.74 -14.52
CA SER A 491 11.77 -33.20 -14.44
C SER A 491 13.23 -33.55 -14.15
N LEU A 492 13.52 -33.87 -12.89
CA LEU A 492 14.88 -34.04 -12.42
C LEU A 492 15.15 -35.49 -12.04
N ASP A 493 16.41 -35.91 -12.25
CA ASP A 493 16.91 -37.17 -11.75
C ASP A 493 17.46 -36.99 -10.33
N VAL A 494 16.55 -36.68 -9.43
CA VAL A 494 16.85 -36.16 -8.10
C VAL A 494 17.70 -37.11 -7.27
N ASP A 495 17.71 -38.39 -7.65
CA ASP A 495 18.48 -39.38 -6.90
C ASP A 495 19.91 -39.54 -7.40
N SER A 496 20.22 -39.11 -8.62
CA SER A 496 21.53 -39.28 -9.21
C SER A 496 22.28 -37.96 -9.37
N ILE A 497 22.06 -37.01 -8.46
CA ILE A 497 22.70 -35.70 -8.53
C ILE A 497 23.60 -35.54 -7.29
N HIS A 498 24.87 -35.24 -7.53
CA HIS A 498 25.83 -35.07 -6.46
C HIS A 498 25.86 -33.63 -5.98
N TRP A 499 25.91 -33.45 -4.67
CA TRP A 499 25.97 -32.13 -4.04
C TRP A 499 27.33 -31.90 -3.42
N SER A 500 27.63 -30.62 -3.17
CA SER A 500 28.94 -30.25 -2.66
C SER A 500 29.20 -30.86 -1.29
N ARG A 501 28.19 -30.88 -0.42
CA ARG A 501 28.31 -31.48 0.90
C ARG A 501 27.89 -32.94 0.91
N ASN A 502 27.74 -33.56 -0.26
CA ASN A 502 27.34 -34.96 -0.38
C ASN A 502 25.99 -35.23 0.28
N SER A 503 25.13 -34.21 0.29
CA SER A 503 23.79 -34.33 0.87
C SER A 503 22.94 -33.20 0.31
N VAL A 504 21.66 -33.49 0.04
CA VAL A 504 20.73 -32.49 -0.48
C VAL A 504 20.69 -31.31 0.49
N PRO A 505 21.18 -30.15 0.10
CA PRO A 505 21.31 -29.03 1.03
C PRO A 505 20.04 -28.20 1.12
N THR A 506 19.95 -27.44 2.21
CA THR A 506 18.87 -26.49 2.43
C THR A 506 19.46 -25.12 2.70
N SER A 507 18.83 -24.09 2.13
CA SER A 507 19.29 -22.72 2.25
C SER A 507 18.16 -21.91 2.87
N GLN A 508 18.14 -21.86 4.20
CA GLN A 508 17.08 -21.15 4.91
C GLN A 508 17.67 -20.41 6.10
N CYS A 509 17.20 -19.17 6.32
CA CYS A 509 17.56 -18.40 7.49
C CYS A 509 16.57 -18.55 8.64
N SER A 510 15.48 -19.29 8.44
CA SER A 510 14.50 -19.55 9.49
C SER A 510 14.15 -21.04 9.51
N ASP A 511 13.93 -21.55 10.70
CA ASP A 511 13.46 -22.91 10.92
C ASP A 511 11.98 -22.91 11.29
N PRO A 512 11.23 -23.94 10.93
CA PRO A 512 9.79 -23.96 11.20
C PRO A 512 9.50 -24.14 12.68
N CYS A 513 8.92 -23.11 13.29
CA CYS A 513 8.54 -23.14 14.70
C CYS A 513 7.06 -23.51 14.83
N ALA A 514 6.78 -24.76 14.46
CA ALA A 514 5.42 -25.28 14.44
C ALA A 514 4.90 -25.67 15.83
N PRO A 515 5.66 -26.44 16.64
CA PRO A 515 5.12 -26.87 17.95
C PRO A 515 4.77 -25.71 18.86
N ASN A 516 5.71 -24.79 19.06
CA ASN A 516 5.51 -23.65 19.93
C ASN A 516 6.07 -22.41 19.23
N GLU A 517 6.19 -21.32 19.98
CA GLU A 517 6.75 -20.06 19.49
C GLU A 517 5.96 -19.51 18.31
N MET A 518 4.67 -19.26 18.56
CA MET A 518 3.82 -18.62 17.57
C MET A 518 3.90 -17.10 17.70
N LYS A 519 5.13 -16.59 17.76
CA LYS A 519 5.41 -15.16 17.86
C LYS A 519 6.55 -14.84 16.89
N ASN A 520 6.34 -15.18 15.62
CA ASN A 520 7.31 -14.88 14.59
C ASN A 520 7.54 -13.37 14.48
N MET A 521 8.82 -12.97 14.46
CA MET A 521 9.23 -11.64 14.06
C MET A 521 9.82 -11.65 12.67
N GLN A 522 9.36 -10.72 11.83
CA GLN A 522 9.93 -10.55 10.50
C GLN A 522 10.58 -9.18 10.38
N ASP A 525 15.97 -10.74 10.95
CA ASP A 525 15.92 -11.45 9.67
C ASP A 525 14.70 -11.03 8.87
N VAL A 526 14.92 -10.66 7.60
CA VAL A 526 13.86 -10.22 6.71
C VAL A 526 13.41 -11.40 5.85
N CYS A 527 12.09 -11.56 5.76
CA CYS A 527 11.44 -12.59 4.96
C CYS A 527 11.61 -13.97 5.58
N CYS A 528 12.45 -14.07 6.61
CA CYS A 528 12.50 -15.27 7.44
C CYS A 528 12.23 -14.89 8.89
N TRP A 529 11.30 -15.60 9.51
CA TRP A 529 10.74 -15.20 10.79
C TRP A 529 11.62 -15.67 11.94
N ILE A 530 11.57 -14.90 13.03
CA ILE A 530 12.20 -15.26 14.29
C ILE A 530 11.08 -15.59 15.27
N CYS A 531 11.01 -16.87 15.67
CA CYS A 531 9.91 -17.36 16.47
C CYS A 531 10.24 -17.22 17.96
N ILE A 532 9.37 -16.53 18.68
CA ILE A 532 9.51 -16.32 20.12
C ILE A 532 8.40 -17.10 20.82
N PRO A 533 8.68 -17.80 21.91
CA PRO A 533 7.61 -18.51 22.62
C PRO A 533 6.54 -17.55 23.11
N CYS A 534 5.28 -17.94 22.94
CA CYS A 534 4.17 -17.19 23.53
C CYS A 534 4.24 -17.32 25.04
N GLU A 535 3.75 -16.30 25.74
CA GLU A 535 3.75 -16.34 27.20
C GLU A 535 2.90 -17.51 27.66
N PRO A 536 3.24 -18.14 28.80
CA PRO A 536 2.57 -19.39 29.19
C PRO A 536 1.06 -19.28 29.24
N TYR A 537 0.39 -20.07 28.39
CA TYR A 537 -1.08 -20.16 28.36
C TYR A 537 -1.72 -18.82 27.99
N GLU A 538 -1.33 -18.28 26.84
CA GLU A 538 -1.88 -17.02 26.34
C GLU A 538 -2.52 -17.23 24.96
N TYR A 539 -3.45 -16.35 24.64
CA TYR A 539 -4.25 -16.46 23.42
C TYR A 539 -3.38 -16.21 22.19
N LEU A 540 -3.85 -16.75 21.06
CA LEU A 540 -3.14 -16.67 19.79
C LEU A 540 -4.14 -16.47 18.66
N VAL A 541 -3.74 -15.73 17.63
CA VAL A 541 -4.59 -15.56 16.45
C VAL A 541 -3.80 -15.92 15.19
N ASP A 542 -2.49 -15.78 15.26
CA ASP A 542 -1.64 -15.96 14.08
C ASP A 542 -0.22 -16.27 14.53
N GLU A 543 0.39 -17.27 13.88
CA GLU A 543 1.78 -17.61 14.19
C GLU A 543 2.70 -16.39 14.06
N PHE A 544 2.36 -15.47 13.16
CA PHE A 544 3.10 -14.23 13.04
C PHE A 544 2.88 -13.31 14.25
N THR A 545 1.69 -13.30 14.83
CA THR A 545 1.34 -12.35 15.87
C THR A 545 0.59 -13.05 16.99
N CYS A 546 1.29 -13.36 18.08
CA CYS A 546 0.66 -13.80 19.32
C CYS A 546 0.20 -12.55 20.07
N MET A 547 -1.12 -12.42 20.29
CA MET A 547 -1.63 -11.13 20.74
C MET A 547 -1.76 -11.05 22.26
N ASP A 548 -1.41 -12.11 22.98
CA ASP A 548 -1.11 -12.06 24.42
C ASP A 548 -2.31 -11.54 25.23
N CYS A 549 -3.36 -12.35 25.28
CA CYS A 549 -4.55 -11.99 26.05
C CYS A 549 -4.45 -12.39 27.52
N GLY A 550 -4.32 -13.68 27.79
CA GLY A 550 -4.54 -14.21 29.12
C GLY A 550 -3.46 -15.12 29.68
N PRO A 551 -2.16 -14.74 29.51
CA PRO A 551 -1.08 -15.68 29.86
C PRO A 551 -1.22 -16.33 31.22
N GLY A 552 -1.37 -17.65 31.24
CA GLY A 552 -1.51 -18.41 32.46
C GLY A 552 -2.92 -18.84 32.82
N GLN A 553 -3.86 -18.78 31.89
CA GLN A 553 -5.27 -19.06 32.19
C GLN A 553 -5.79 -20.30 31.48
N TRP A 554 -5.72 -20.33 30.14
CA TRP A 554 -6.40 -21.37 29.37
C TRP A 554 -5.37 -22.31 28.75
N PRO A 555 -5.44 -23.62 29.04
CA PRO A 555 -4.42 -24.59 28.58
C PRO A 555 -4.68 -25.24 27.22
N THR A 556 -4.92 -24.41 26.20
CA THR A 556 -5.05 -24.89 24.83
C THR A 556 -4.22 -24.01 23.92
N ALA A 557 -3.31 -24.63 23.17
CA ALA A 557 -2.40 -23.90 22.30
C ALA A 557 -2.99 -23.59 20.93
N ASP A 558 -4.17 -24.12 20.60
CA ASP A 558 -4.78 -23.92 19.28
C ASP A 558 -5.49 -22.57 19.27
N LEU A 559 -4.69 -21.52 19.14
CA LEU A 559 -5.19 -20.15 19.01
C LEU A 559 -6.11 -19.77 20.18
N SER A 560 -5.66 -20.08 21.38
CA SER A 560 -6.41 -19.72 22.58
C SER A 560 -5.44 -19.63 23.76
N GLY A 561 -5.99 -19.22 24.91
CA GLY A 561 -5.17 -19.01 26.09
C GLY A 561 -5.66 -17.87 26.96
N CYS A 562 -6.57 -17.05 26.45
CA CYS A 562 -7.13 -15.96 27.23
C CYS A 562 -8.15 -16.49 28.23
N TYR A 563 -8.85 -15.58 28.91
CA TYR A 563 -9.80 -15.94 29.95
C TYR A 563 -10.92 -16.82 29.42
N ASN A 564 -10.95 -18.09 29.85
CA ASN A 564 -12.00 -19.00 29.43
C ASN A 564 -12.50 -19.88 30.58
N LEU A 565 -12.39 -19.42 31.82
CA LEU A 565 -12.84 -20.18 32.99
C LEU A 565 -12.08 -21.50 33.09
N PRO A 566 -10.78 -21.46 33.38
CA PRO A 566 -10.00 -22.71 33.45
C PRO A 566 -9.96 -23.36 34.83
N GLU A 567 -10.57 -22.76 35.84
CA GLU A 567 -10.53 -23.30 37.19
C GLU A 567 -11.90 -23.18 37.84
N ASP A 568 -12.13 -24.03 38.84
CA ASP A 568 -13.37 -24.05 39.60
C ASP A 568 -13.06 -23.76 41.06
N TYR A 569 -13.90 -22.95 41.70
CA TYR A 569 -13.72 -22.57 43.09
C TYR A 569 -14.27 -23.59 44.06
N ILE A 570 -14.89 -24.67 43.59
CA ILE A 570 -15.44 -25.68 44.48
C ILE A 570 -14.32 -26.43 45.17
N LYS A 571 -14.41 -26.56 46.49
CA LYS A 571 -13.40 -27.28 47.27
C LYS A 571 -14.15 -27.97 48.41
N TRP A 572 -14.41 -29.27 48.24
CA TRP A 572 -15.17 -30.04 49.21
C TRP A 572 -14.28 -30.33 50.42
N GLU A 573 -14.30 -29.41 51.38
CA GLU A 573 -13.48 -29.51 52.59
C GLU A 573 -12.00 -29.63 52.26
N ASP A 574 -11.55 -28.83 51.30
CA ASP A 574 -10.18 -28.87 50.80
C ASP A 574 -9.85 -30.25 50.24
N ALA A 575 -10.74 -30.72 49.34
CA ALA A 575 -10.66 -32.07 48.80
C ALA A 575 -10.86 -33.13 49.87
N TRP A 576 -11.63 -32.80 50.91
CA TRP A 576 -11.86 -33.69 52.03
C TRP A 576 -10.58 -34.00 52.80
N ALA A 577 -9.65 -33.06 52.83
CA ALA A 577 -8.36 -33.24 53.48
C ALA A 577 -8.17 -32.33 54.68
N ILE A 578 -8.32 -31.02 54.51
CA ILE A 578 -8.11 -30.04 55.57
C ILE A 578 -9.37 -29.21 55.72
N GLY A 579 -9.86 -29.08 56.95
CA GLY A 579 -11.00 -28.25 57.24
C GLY A 579 -12.32 -28.99 57.17
N PRO A 580 -12.40 -30.00 56.30
CA PRO A 580 -13.67 -30.75 56.17
C PRO A 580 -14.08 -31.46 57.44
N VAL A 581 -13.13 -31.83 58.31
CA VAL A 581 -13.47 -32.56 59.53
C VAL A 581 -14.28 -31.68 60.47
N THR A 582 -13.96 -30.39 60.51
CA THR A 582 -14.64 -29.49 61.44
C THR A 582 -16.12 -29.34 61.11
N ILE A 583 -16.51 -29.55 59.85
CA ILE A 583 -17.91 -29.40 59.46
C ILE A 583 -18.77 -30.45 60.15
N ALA A 584 -18.31 -31.69 60.17
CA ALA A 584 -19.09 -32.76 60.77
C ALA A 584 -19.16 -32.64 62.29
N CYS A 585 -18.10 -32.10 62.90
CA CYS A 585 -18.04 -32.02 64.36
C CYS A 585 -19.11 -31.09 64.93
N LEU A 586 -19.61 -30.16 64.12
CA LEU A 586 -20.61 -29.21 64.62
C LEU A 586 -21.90 -29.92 65.01
N GLY A 587 -22.34 -30.89 64.21
CA GLY A 587 -23.59 -31.58 64.52
C GLY A 587 -23.51 -32.42 65.78
N PHE A 588 -22.35 -33.02 66.04
CA PHE A 588 -22.21 -33.91 67.18
C PHE A 588 -22.41 -33.17 68.50
N LEU A 589 -21.85 -31.96 68.60
CA LEU A 589 -21.96 -31.20 69.85
C LEU A 589 -23.41 -30.83 70.15
N CYS A 590 -24.18 -30.48 69.12
CA CYS A 590 -25.56 -30.04 69.33
C CYS A 590 -26.42 -31.17 69.89
N THR A 591 -26.20 -32.40 69.42
CA THR A 591 -27.03 -33.52 69.88
C THR A 591 -26.88 -33.75 71.38
N CYS A 592 -25.64 -33.70 71.88
CA CYS A 592 -25.42 -33.88 73.32
C CYS A 592 -26.05 -32.75 74.11
N ILE A 593 -25.90 -31.51 73.63
CA ILE A 593 -26.47 -30.37 74.35
C ILE A 593 -27.98 -30.37 74.26
N VAL A 594 -28.53 -30.71 73.10
CA VAL A 594 -29.98 -30.72 72.93
C VAL A 594 -30.63 -31.75 73.86
N ILE A 595 -30.05 -32.94 73.92
CA ILE A 595 -30.57 -33.97 74.83
C ILE A 595 -30.33 -33.59 76.28
N THR A 596 -29.23 -32.87 76.56
CA THR A 596 -28.92 -32.50 77.93
C THR A 596 -29.98 -31.60 78.54
N VAL A 597 -30.50 -30.64 77.76
CA VAL A 597 -31.53 -29.75 78.27
C VAL A 597 -32.79 -30.53 78.60
N PHE A 598 -33.20 -31.45 77.71
CA PHE A 598 -34.36 -32.28 77.97
C PHE A 598 -34.09 -33.23 79.15
N ILE A 599 -32.88 -33.79 79.22
CA ILE A 599 -32.55 -34.71 80.30
C ILE A 599 -32.57 -33.97 81.64
N LYS A 600 -32.00 -32.76 81.67
CA LYS A 600 -32.02 -31.97 82.90
C LYS A 600 -33.45 -31.61 83.30
N HIS A 601 -34.28 -31.21 82.33
CA HIS A 601 -35.67 -30.91 82.63
C HIS A 601 -36.43 -32.15 83.10
N ASN A 602 -36.18 -33.29 82.46
CA ASN A 602 -36.83 -34.54 82.83
C ASN A 602 -35.94 -35.39 83.71
N LEU A 606 -38.94 -28.84 86.72
CA LEU A 606 -37.69 -29.19 86.04
C LEU A 606 -36.59 -29.47 87.05
N VAL A 607 -35.65 -30.35 86.67
CA VAL A 607 -34.54 -30.69 87.56
C VAL A 607 -33.67 -29.47 87.81
N LYS A 608 -33.37 -28.72 86.75
CA LYS A 608 -32.59 -27.50 86.84
C LYS A 608 -33.53 -26.31 87.01
N ALA A 609 -32.97 -25.10 86.91
CA ALA A 609 -33.79 -23.90 87.00
C ALA A 609 -34.74 -23.82 85.81
N SER A 610 -35.98 -23.43 86.07
CA SER A 610 -36.97 -23.33 85.01
C SER A 610 -36.57 -22.27 83.98
N GLY A 611 -36.25 -21.06 84.45
CA GLY A 611 -35.81 -19.99 83.58
C GLY A 611 -36.87 -19.51 82.60
N ARG A 612 -38.12 -19.90 82.84
CA ARG A 612 -39.23 -19.54 81.95
C ARG A 612 -38.97 -19.97 80.51
N GLU A 613 -38.37 -21.16 80.36
CA GLU A 613 -37.99 -21.70 79.05
C GLU A 613 -36.89 -20.90 78.37
N LEU A 614 -36.11 -20.15 79.14
CA LEU A 614 -35.03 -19.35 78.55
C LEU A 614 -33.96 -20.24 77.94
N CYS A 615 -33.68 -21.38 78.58
CA CYS A 615 -32.67 -22.29 78.05
C CYS A 615 -33.06 -22.83 76.69
N TYR A 616 -34.34 -23.14 76.49
CA TYR A 616 -34.80 -23.63 75.20
C TYR A 616 -34.61 -22.57 74.12
N ILE A 617 -34.93 -21.32 74.44
CA ILE A 617 -34.72 -20.24 73.49
C ILE A 617 -33.24 -20.06 73.19
N LEU A 618 -32.42 -20.05 74.24
CA LEU A 618 -30.98 -19.95 74.05
C LEU A 618 -30.43 -21.18 73.34
N LEU A 619 -30.93 -22.37 73.71
CA LEU A 619 -30.49 -23.59 73.04
C LEU A 619 -30.91 -23.60 71.58
N PHE A 620 -32.11 -23.12 71.29
CA PHE A 620 -32.59 -23.08 69.91
C PHE A 620 -31.71 -22.18 69.05
N GLY A 621 -31.33 -21.01 69.58
CA GLY A 621 -30.45 -20.13 68.83
C GLY A 621 -29.05 -20.71 68.65
N VAL A 622 -28.54 -21.39 69.67
CA VAL A 622 -27.21 -21.99 69.58
C VAL A 622 -27.19 -23.07 68.51
N SER A 623 -28.21 -23.92 68.48
CA SER A 623 -28.28 -24.97 67.47
C SER A 623 -28.43 -24.38 66.08
N LEU A 624 -29.25 -23.34 65.93
CA LEU A 624 -29.45 -22.72 64.62
C LEU A 624 -28.16 -22.10 64.11
N SER A 625 -27.41 -21.42 64.99
CA SER A 625 -26.15 -20.81 64.57
C SER A 625 -25.13 -21.86 64.17
N TYR A 626 -25.05 -22.97 64.92
CA TYR A 626 -24.09 -24.01 64.59
C TYR A 626 -24.40 -24.65 63.25
N CYS A 627 -25.67 -24.89 62.95
CA CYS A 627 -26.04 -25.51 61.69
C CYS A 627 -25.90 -24.55 60.51
N MET A 628 -25.92 -23.24 60.78
CA MET A 628 -25.82 -22.27 59.70
C MET A 628 -24.49 -22.36 58.98
N THR A 629 -23.39 -22.50 59.73
CA THR A 629 -22.07 -22.55 59.12
C THR A 629 -21.91 -23.79 58.24
N PHE A 630 -22.39 -24.94 58.72
CA PHE A 630 -22.27 -26.17 57.95
C PHE A 630 -23.12 -26.14 56.70
N PHE A 631 -24.30 -25.55 56.77
CA PHE A 631 -25.21 -25.53 55.63
C PHE A 631 -24.62 -24.75 54.45
N PHE A 632 -24.02 -23.59 54.74
CA PHE A 632 -23.46 -22.77 53.67
C PHE A 632 -22.29 -23.47 52.98
N ILE A 633 -21.43 -24.12 53.76
CA ILE A 633 -20.25 -24.76 53.19
C ILE A 633 -20.64 -25.97 52.33
N ALA A 634 -21.65 -26.72 52.77
CA ALA A 634 -22.02 -27.95 52.07
C ALA A 634 -22.56 -27.67 50.67
N LYS A 635 -23.09 -26.46 50.44
CA LYS A 635 -23.65 -26.07 49.15
C LYS A 635 -23.07 -24.72 48.74
N PRO A 636 -21.79 -24.67 48.39
CA PRO A 636 -21.18 -23.40 47.99
C PRO A 636 -21.26 -23.09 46.51
N SER A 637 -21.59 -24.07 45.67
CA SER A 637 -21.69 -23.86 44.23
C SER A 637 -22.94 -23.07 43.91
N PRO A 638 -24.04 -23.29 44.63
CA PRO A 638 -25.28 -22.57 44.34
C PRO A 638 -25.13 -21.08 44.59
N VAL A 639 -25.90 -20.28 43.82
CA VAL A 639 -25.87 -18.83 43.98
C VAL A 639 -26.44 -18.43 45.33
N ILE A 640 -27.41 -19.19 45.86
CA ILE A 640 -27.99 -18.88 47.15
C ILE A 640 -27.05 -19.17 48.32
N CYS A 641 -25.87 -19.71 48.06
CA CYS A 641 -24.91 -19.98 49.13
C CYS A 641 -24.45 -18.68 49.78
N ALA A 642 -24.32 -17.61 48.99
CA ALA A 642 -23.95 -16.31 49.56
C ALA A 642 -24.99 -15.81 50.55
N LEU A 643 -26.27 -15.99 50.22
CA LEU A 643 -27.34 -15.60 51.14
C LEU A 643 -27.28 -16.42 52.42
N ARG A 644 -26.97 -17.71 52.31
CA ARG A 644 -26.85 -18.56 53.50
C ARG A 644 -25.73 -18.07 54.41
N ARG A 645 -24.59 -17.67 53.83
CA ARG A 645 -23.50 -17.12 54.63
C ARG A 645 -23.92 -15.83 55.31
N LEU A 646 -24.65 -14.97 54.58
CA LEU A 646 -25.12 -13.72 55.17
C LEU A 646 -26.11 -13.99 56.31
N GLY A 647 -27.00 -14.97 56.13
CA GLY A 647 -27.94 -15.30 57.19
C GLY A 647 -27.28 -15.98 58.38
N LEU A 648 -26.09 -16.56 58.17
CA LEU A 648 -25.38 -17.21 59.27
C LEU A 648 -25.00 -16.20 60.34
N GLY A 649 -24.58 -15.00 59.93
CA GLY A 649 -24.22 -13.98 60.90
C GLY A 649 -25.38 -13.59 61.80
N THR A 650 -26.60 -13.57 61.25
CA THR A 650 -27.78 -13.29 62.05
C THR A 650 -27.98 -14.34 63.12
N SER A 651 -27.74 -15.62 62.78
CA SER A 651 -27.85 -16.68 63.77
C SER A 651 -26.85 -16.49 64.91
N PHE A 652 -25.62 -16.09 64.57
CA PHE A 652 -24.64 -15.77 65.61
C PHE A 652 -25.11 -14.62 66.47
N ALA A 653 -25.67 -13.58 65.84
CA ALA A 653 -26.27 -12.49 66.61
C ALA A 653 -27.49 -12.97 67.38
N ILE A 654 -28.24 -13.92 66.82
CA ILE A 654 -29.40 -14.48 67.52
C ILE A 654 -28.96 -15.17 68.80
N CYS A 655 -27.88 -15.95 68.73
CA CYS A 655 -27.33 -16.55 69.93
C CYS A 655 -26.84 -15.48 70.90
N TYR A 656 -26.18 -14.45 70.39
CA TYR A 656 -25.80 -13.32 71.24
C TYR A 656 -27.03 -12.58 71.75
N SER A 657 -28.05 -12.46 70.91
CA SER A 657 -29.28 -11.78 71.32
C SER A 657 -29.96 -12.52 72.46
N ALA A 658 -29.93 -13.86 72.42
CA ALA A 658 -30.48 -14.64 73.52
C ALA A 658 -29.74 -14.37 74.82
N LEU A 659 -28.42 -14.23 74.73
CA LEU A 659 -27.63 -13.87 75.92
C LEU A 659 -28.02 -12.49 76.42
N LEU A 660 -28.24 -11.54 75.51
CA LEU A 660 -28.68 -10.21 75.91
C LEU A 660 -30.03 -10.26 76.62
N THR A 661 -30.96 -11.05 76.09
CA THR A 661 -32.24 -11.24 76.76
C THR A 661 -32.04 -11.91 78.11
N LYS A 662 -31.17 -12.93 78.17
CA LYS A 662 -30.83 -13.54 79.45
C LYS A 662 -30.13 -12.55 80.37
N THR A 663 -29.24 -11.73 79.81
CA THR A 663 -28.58 -10.70 80.60
C THR A 663 -29.57 -9.66 81.09
N ASN A 664 -30.63 -9.41 80.34
CA ASN A 664 -31.70 -8.49 80.74
C ASN A 664 -32.74 -9.18 81.62
N CYS A 665 -32.27 -9.83 82.69
CA CYS A 665 -33.15 -10.52 83.61
C CYS A 665 -33.43 -9.73 84.88
N ILE A 666 -32.53 -8.83 85.27
CA ILE A 666 -32.72 -8.02 86.46
C ILE A 666 -32.82 -6.54 86.10
N SER A 686 -41.20 -9.97 84.35
CA SER A 686 -41.41 -9.58 82.95
C SER A 686 -40.75 -10.57 82.01
N SER A 687 -40.90 -11.87 82.30
CA SER A 687 -40.32 -12.90 81.46
C SER A 687 -40.95 -12.89 80.07
N GLN A 688 -42.28 -12.72 80.00
CA GLN A 688 -42.95 -12.69 78.71
C GLN A 688 -42.48 -11.51 77.86
N VAL A 689 -42.29 -10.35 78.48
CA VAL A 689 -41.81 -9.18 77.74
C VAL A 689 -40.40 -9.42 77.21
N PHE A 690 -39.55 -10.06 78.03
CA PHE A 690 -38.19 -10.35 77.60
C PHE A 690 -38.17 -11.30 76.40
N ILE A 691 -39.05 -12.31 76.41
CA ILE A 691 -39.11 -13.24 75.28
C ILE A 691 -39.53 -12.51 74.01
N CYS A 692 -40.53 -11.65 74.10
CA CYS A 692 -40.93 -10.86 72.94
C CYS A 692 -39.83 -9.90 72.50
N LEU A 693 -39.13 -9.30 73.47
CA LEU A 693 -38.07 -8.37 73.15
C LEU A 693 -36.92 -9.06 72.43
N GLY A 694 -36.63 -10.31 72.80
CA GLY A 694 -35.54 -11.03 72.16
C GLY A 694 -35.75 -11.24 70.68
N LEU A 695 -37.00 -11.55 70.28
CA LEU A 695 -37.29 -11.74 68.87
C LEU A 695 -37.18 -10.43 68.10
N ILE A 696 -37.30 -9.28 68.78
CA ILE A 696 -37.20 -7.99 68.11
C ILE A 696 -35.80 -7.81 67.53
N LEU A 697 -34.77 -8.18 68.29
CA LEU A 697 -33.40 -8.04 67.80
C LEU A 697 -33.16 -8.92 66.57
N VAL A 698 -33.70 -10.13 66.57
CA VAL A 698 -33.55 -11.01 65.42
C VAL A 698 -34.23 -10.41 64.19
N GLN A 699 -35.42 -9.86 64.38
CA GLN A 699 -36.11 -9.18 63.27
C GLN A 699 -35.32 -7.97 62.79
N ILE A 700 -34.76 -7.20 63.72
CA ILE A 700 -33.95 -6.03 63.35
C ILE A 700 -32.74 -6.47 62.54
N VAL A 701 -32.05 -7.52 63.01
CA VAL A 701 -30.93 -8.06 62.25
C VAL A 701 -31.40 -8.63 60.93
N MET A 702 -32.52 -9.37 60.95
CA MET A 702 -33.06 -9.93 59.71
C MET A 702 -33.49 -8.84 58.74
N VAL A 703 -34.08 -7.76 59.27
CA VAL A 703 -34.50 -6.65 58.41
C VAL A 703 -33.29 -6.01 57.74
N SER A 704 -32.21 -5.80 58.50
CA SER A 704 -30.99 -5.24 57.93
C SER A 704 -30.40 -6.19 56.88
N VAL A 705 -30.41 -7.49 57.16
CA VAL A 705 -29.88 -8.46 56.21
C VAL A 705 -30.73 -8.47 54.94
N TRP A 706 -32.05 -8.47 55.10
CA TRP A 706 -32.93 -8.46 53.93
C TRP A 706 -32.77 -7.18 53.12
N LEU A 707 -32.65 -6.04 53.79
CA LEU A 707 -32.50 -4.77 53.08
C LEU A 707 -31.18 -4.70 52.32
N ILE A 708 -30.07 -5.02 53.01
CA ILE A 708 -28.76 -5.00 52.36
C ILE A 708 -28.66 -6.12 51.33
N LEU A 709 -29.12 -7.31 51.69
CA LEU A 709 -29.06 -8.44 50.75
C LEU A 709 -30.01 -8.24 49.58
N GLU A 710 -31.13 -7.55 49.79
CA GLU A 710 -32.08 -7.32 48.70
C GLU A 710 -31.46 -6.47 47.60
N THR A 711 -30.70 -5.45 47.97
CA THR A 711 -30.04 -4.61 46.98
C THR A 711 -29.08 -5.40 46.09
N PRO A 712 -28.22 -6.26 46.61
CA PRO A 712 -27.34 -7.05 45.74
C PRO A 712 -28.02 -8.30 45.21
N GLY A 713 -29.03 -8.78 45.93
CA GLY A 713 -29.74 -9.97 45.50
C GLY A 713 -28.88 -11.22 45.63
N THR A 714 -29.27 -12.25 44.89
CA THR A 714 -28.55 -13.50 44.86
C THR A 714 -27.62 -13.52 43.65
N ARG A 715 -26.33 -13.73 43.90
CA ARG A 715 -25.34 -13.74 42.83
C ARG A 715 -24.09 -14.45 43.33
N ARG A 716 -23.21 -14.77 42.39
CA ARG A 716 -21.94 -15.44 42.71
C ARG A 716 -20.89 -14.87 41.76
N TYR A 717 -20.17 -13.85 42.23
CA TYR A 717 -19.16 -13.19 41.43
C TYR A 717 -17.93 -14.08 41.27
N THR A 718 -17.11 -13.75 40.28
CA THR A 718 -15.89 -14.48 40.01
C THR A 718 -14.80 -14.07 40.98
N LEU A 719 -13.66 -14.76 40.90
CA LEU A 719 -12.50 -14.50 41.76
C LEU A 719 -11.27 -14.35 40.87
N PRO A 720 -11.16 -13.24 40.14
CA PRO A 720 -10.00 -13.04 39.28
C PRO A 720 -8.72 -12.97 40.10
N GLU A 721 -7.64 -13.46 39.50
CA GLU A 721 -6.33 -13.50 40.14
C GLU A 721 -5.29 -12.85 39.24
N LYS A 722 -4.19 -12.42 39.85
CA LYS A 722 -3.12 -11.80 39.09
C LYS A 722 -2.51 -12.78 38.09
N ARG A 723 -2.35 -14.04 38.49
CA ARG A 723 -1.78 -15.05 37.61
C ARG A 723 -2.33 -16.41 38.02
N GLU A 724 -1.87 -17.46 37.33
CA GLU A 724 -2.25 -18.85 37.56
C GLU A 724 -3.63 -19.21 37.01
N THR A 725 -4.39 -18.23 36.51
CA THR A 725 -5.72 -18.48 35.95
C THR A 725 -6.67 -19.13 36.95
N VAL A 726 -6.54 -18.76 38.22
CA VAL A 726 -7.39 -19.32 39.27
C VAL A 726 -8.56 -18.35 39.46
N ILE A 727 -9.64 -18.59 38.71
CA ILE A 727 -10.84 -17.76 38.78
C ILE A 727 -12.02 -18.69 39.04
N LEU A 728 -12.74 -18.45 40.14
CA LEU A 728 -13.89 -19.24 40.52
C LEU A 728 -15.07 -18.31 40.77
N LYS A 729 -16.21 -18.62 40.14
CA LYS A 729 -17.43 -17.83 40.31
C LYS A 729 -18.14 -18.31 41.56
N CYS A 730 -17.75 -17.75 42.70
CA CYS A 730 -18.30 -18.14 43.99
C CYS A 730 -19.17 -17.05 44.63
N ASN A 731 -18.62 -15.85 44.79
CA ASN A 731 -19.34 -14.73 45.40
C ASN A 731 -18.54 -13.46 45.12
N VAL A 732 -18.96 -12.37 45.74
CA VAL A 732 -18.29 -11.07 45.61
C VAL A 732 -17.45 -10.85 46.86
N LYS A 733 -16.15 -10.61 46.66
CA LYS A 733 -15.26 -10.35 47.79
C LYS A 733 -15.66 -9.08 48.53
N ASP A 734 -15.99 -8.03 47.79
CA ASP A 734 -16.47 -6.81 48.42
C ASP A 734 -17.78 -7.04 49.15
N SER A 735 -18.68 -7.84 48.56
CA SER A 735 -19.91 -8.20 49.24
C SER A 735 -19.62 -9.00 50.51
N SER A 736 -18.65 -9.91 50.44
CA SER A 736 -18.24 -10.64 51.63
C SER A 736 -17.69 -9.69 52.69
N MET A 737 -16.88 -8.71 52.29
CA MET A 737 -16.43 -7.68 53.21
C MET A 737 -17.61 -6.87 53.72
N LEU A 738 -18.53 -6.51 52.82
CA LEU A 738 -19.76 -5.84 53.25
C LEU A 738 -20.60 -6.75 54.14
N ILE A 739 -20.71 -8.02 53.77
CA ILE A 739 -21.42 -8.99 54.61
C ILE A 739 -20.71 -9.14 55.95
N SER A 740 -19.38 -9.23 55.92
CA SER A 740 -18.62 -9.26 57.16
C SER A 740 -18.81 -7.97 57.96
N LEU A 741 -18.80 -6.83 57.26
CA LEU A 741 -19.10 -5.56 57.92
C LEU A 741 -20.53 -5.53 58.42
N THR A 742 -21.47 -6.09 57.64
CA THR A 742 -22.86 -6.14 58.06
C THR A 742 -23.01 -6.98 59.32
N TYR A 743 -22.32 -8.11 59.39
CA TYR A 743 -22.35 -8.93 60.61
C TYR A 743 -21.74 -8.18 61.80
N ASP A 744 -20.83 -7.24 61.52
CA ASP A 744 -20.24 -6.45 62.60
C ASP A 744 -21.29 -5.63 63.32
N VAL A 745 -22.29 -5.14 62.60
CA VAL A 745 -23.38 -4.39 63.24
C VAL A 745 -24.10 -5.25 64.25
N VAL A 746 -24.42 -6.49 63.87
CA VAL A 746 -25.00 -7.43 64.83
C VAL A 746 -23.99 -7.75 65.93
N LEU A 747 -22.73 -7.96 65.55
CA LEU A 747 -21.69 -8.20 66.54
C LEU A 747 -21.48 -6.99 67.44
N VAL A 748 -21.69 -5.79 66.90
CA VAL A 748 -21.60 -4.58 67.72
C VAL A 748 -22.66 -4.60 68.81
N ILE A 749 -23.88 -5.02 68.47
CA ILE A 749 -24.93 -5.16 69.47
C ILE A 749 -24.54 -6.22 70.50
N LEU A 750 -23.98 -7.33 70.03
CA LEU A 750 -23.49 -8.36 70.94
C LEU A 750 -22.36 -7.83 71.80
N CYS A 751 -21.45 -7.03 71.21
CA CYS A 751 -20.38 -6.43 71.99
C CYS A 751 -20.93 -5.50 73.06
N THR A 752 -21.94 -4.71 72.72
CA THR A 752 -22.59 -3.85 73.71
C THR A 752 -23.28 -4.67 74.78
N VAL A 753 -23.89 -5.80 74.40
CA VAL A 753 -24.56 -6.66 75.37
C VAL A 753 -23.54 -7.24 76.35
N TYR A 754 -22.33 -7.53 75.87
CA TYR A 754 -21.30 -8.08 76.74
C TYR A 754 -20.94 -7.11 77.87
N ALA A 755 -20.85 -5.82 77.54
CA ALA A 755 -20.55 -4.83 78.57
C ALA A 755 -21.65 -4.76 79.63
N PHE A 756 -22.91 -4.82 79.19
CA PHE A 756 -24.01 -4.80 80.14
C PHE A 756 -24.01 -6.05 81.01
N LYS A 757 -23.73 -7.21 80.41
CA LYS A 757 -23.68 -8.45 81.18
C LYS A 757 -22.55 -8.44 82.19
N THR A 758 -21.41 -7.85 81.83
CA THR A 758 -20.28 -7.78 82.75
C THR A 758 -20.62 -6.96 83.98
N ARG A 759 -21.36 -5.86 83.80
CA ARG A 759 -21.75 -5.04 84.95
C ARG A 759 -22.65 -5.80 85.89
N LYS A 760 -23.59 -6.58 85.35
CA LYS A 760 -24.51 -7.36 86.18
C LYS A 760 -23.80 -8.56 86.79
N GLU A 763 -25.39 -17.04 91.58
CA GLU A 763 -25.43 -18.50 91.60
C GLU A 763 -25.58 -19.07 90.19
N ASN A 764 -26.83 -19.23 89.75
CA ASN A 764 -27.09 -19.73 88.41
C ASN A 764 -26.59 -18.76 87.35
N PHE A 765 -26.77 -17.46 87.57
CA PHE A 765 -26.35 -16.46 86.60
C PHE A 765 -24.83 -16.32 86.51
N ASN A 766 -24.10 -16.85 87.50
CA ASN A 766 -22.65 -16.75 87.46
C ASN A 766 -22.06 -17.50 86.27
N GLU A 767 -22.60 -18.69 85.97
CA GLU A 767 -22.11 -19.46 84.84
C GLU A 767 -22.36 -18.73 83.52
N ALA A 768 -23.52 -18.09 83.38
CA ALA A 768 -23.81 -17.34 82.16
C ALA A 768 -22.86 -16.17 81.98
N LYS A 769 -22.51 -15.49 83.08
CA LYS A 769 -21.60 -14.36 82.99
C LYS A 769 -20.23 -14.78 82.48
N PHE A 770 -19.72 -15.92 82.96
CA PHE A 770 -18.43 -16.43 82.48
C PHE A 770 -18.52 -16.78 81.00
N ILE A 771 -19.62 -17.42 80.58
CA ILE A 771 -19.80 -17.74 79.17
C ILE A 771 -19.93 -16.47 78.34
N GLY A 772 -20.69 -15.49 78.84
CA GLY A 772 -20.83 -14.23 78.12
C GLY A 772 -19.50 -13.50 77.97
N PHE A 773 -18.72 -13.47 79.05
CA PHE A 773 -17.38 -12.88 78.96
C PHE A 773 -16.50 -13.68 78.01
N THR A 774 -16.56 -15.01 78.08
CA THR A 774 -15.79 -15.84 77.16
C THR A 774 -16.28 -15.68 75.73
N MET A 775 -17.59 -15.53 75.54
CA MET A 775 -18.14 -15.35 74.20
C MET A 775 -17.65 -14.05 73.57
N TYR A 776 -17.46 -13.02 74.37
CA TYR A 776 -16.98 -11.74 73.84
C TYR A 776 -15.59 -11.88 73.24
N THR A 777 -14.71 -12.61 73.91
CA THR A 777 -13.36 -12.82 73.37
C THR A 777 -13.40 -13.58 72.06
N THR A 778 -14.26 -14.60 71.96
CA THR A 778 -14.38 -15.36 70.72
C THR A 778 -14.87 -14.48 69.59
N CYS A 779 -15.86 -13.62 69.85
CA CYS A 779 -16.35 -12.72 68.82
C CYS A 779 -15.26 -11.74 68.37
N ILE A 780 -14.49 -11.21 69.32
CA ILE A 780 -13.40 -10.31 68.97
C ILE A 780 -12.34 -11.06 68.18
N ILE A 781 -12.00 -12.28 68.61
CA ILE A 781 -11.01 -13.08 67.91
C ILE A 781 -11.49 -13.44 66.50
N TRP A 782 -12.78 -13.81 66.37
CA TRP A 782 -13.32 -14.17 65.07
C TRP A 782 -13.28 -12.98 64.11
N LEU A 783 -13.64 -11.79 64.60
CA LEU A 783 -13.63 -10.61 63.74
C LEU A 783 -12.23 -10.29 63.25
N ALA A 784 -11.23 -10.35 64.13
CA ALA A 784 -9.86 -10.09 63.72
C ALA A 784 -9.37 -11.14 62.73
N PHE A 785 -9.70 -12.41 62.96
CA PHE A 785 -9.28 -13.47 62.06
C PHE A 785 -9.91 -13.29 60.67
N LEU A 786 -11.18 -12.91 60.63
CA LEU A 786 -11.85 -12.72 59.34
C LEU A 786 -11.19 -11.69 58.45
N PRO A 787 -10.74 -10.54 58.96
CA PRO A 787 -10.12 -9.54 58.06
C PRO A 787 -8.89 -10.05 57.32
N ILE A 788 -8.11 -10.93 57.94
CA ILE A 788 -6.90 -11.46 57.33
C ILE A 788 -7.12 -12.93 56.96
N PHE A 789 -8.36 -13.39 57.07
CA PHE A 789 -8.72 -14.78 56.77
C PHE A 789 -9.40 -14.78 55.40
N TYR A 790 -8.75 -15.43 54.42
CA TYR A 790 -9.21 -15.56 53.04
C TYR A 790 -9.04 -14.28 52.23
N VAL A 791 -8.64 -13.17 52.85
CA VAL A 791 -8.43 -11.93 52.11
C VAL A 791 -7.13 -11.95 51.31
N THR A 792 -6.06 -12.50 51.88
CA THR A 792 -4.75 -12.52 51.23
C THR A 792 -4.42 -13.86 50.58
N SER A 793 -5.39 -14.76 50.46
CA SER A 793 -5.17 -16.08 49.88
C SER A 793 -6.27 -16.38 48.87
N SER A 794 -6.04 -17.42 48.06
CA SER A 794 -6.97 -17.82 47.03
C SER A 794 -8.05 -18.73 47.59
N ASP A 795 -9.14 -18.87 46.84
CA ASP A 795 -10.30 -19.62 47.31
C ASP A 795 -10.01 -21.10 47.50
N TYR A 796 -8.89 -21.59 46.97
CA TYR A 796 -8.51 -22.99 47.16
C TYR A 796 -7.60 -23.20 48.38
N ARG A 797 -6.76 -22.22 48.71
CA ARG A 797 -5.85 -22.33 49.84
C ARG A 797 -6.15 -21.33 50.94
N VAL A 798 -6.23 -20.04 50.61
CA VAL A 798 -6.44 -19.00 51.62
C VAL A 798 -7.93 -18.75 51.80
N GLN A 799 -8.63 -18.51 50.69
CA GLN A 799 -10.07 -18.33 50.77
C GLN A 799 -10.76 -19.59 51.29
N THR A 800 -10.33 -20.76 50.82
CA THR A 800 -10.81 -22.00 51.39
C THR A 800 -10.44 -22.10 52.87
N THR A 801 -9.20 -21.73 53.20
CA THR A 801 -8.82 -21.64 54.60
C THR A 801 -9.64 -20.57 55.33
N THR A 802 -9.86 -19.43 54.67
CA THR A 802 -10.73 -18.41 55.23
C THR A 802 -12.16 -18.94 55.37
N MET A 803 -12.65 -19.64 54.35
CA MET A 803 -13.95 -20.29 54.46
C MET A 803 -13.95 -21.33 55.57
N CYS A 804 -12.87 -22.12 55.66
CA CYS A 804 -12.73 -23.02 56.80
C CYS A 804 -12.56 -22.24 58.09
N ILE A 805 -11.81 -21.13 58.05
CA ILE A 805 -11.68 -20.28 59.23
C ILE A 805 -13.03 -19.71 59.63
N SER A 806 -13.82 -19.25 58.65
CA SER A 806 -15.18 -18.82 58.94
C SER A 806 -16.02 -19.97 59.47
N VAL A 807 -15.88 -21.15 58.85
CA VAL A 807 -16.56 -22.34 59.38
C VAL A 807 -16.02 -22.68 60.76
N SER A 808 -14.70 -22.62 60.93
CA SER A 808 -14.11 -22.85 62.25
C SER A 808 -14.58 -21.80 63.24
N LEU A 809 -14.66 -20.54 62.82
CA LEU A 809 -15.16 -19.48 63.70
C LEU A 809 -16.61 -19.75 64.08
N SER A 810 -17.43 -20.19 63.12
CA SER A 810 -18.81 -20.54 63.44
C SER A 810 -18.86 -21.71 64.42
N GLY A 811 -18.02 -22.73 64.20
CA GLY A 811 -17.94 -23.82 65.15
C GLY A 811 -17.39 -23.39 66.49
N PHE A 812 -16.41 -22.47 66.47
CA PHE A 812 -15.84 -21.96 67.71
C PHE A 812 -16.88 -21.22 68.53
N VAL A 813 -17.77 -20.48 67.85
CA VAL A 813 -18.85 -19.78 68.55
C VAL A 813 -19.78 -20.79 69.23
N VAL A 814 -20.06 -21.90 68.55
CA VAL A 814 -20.89 -22.95 69.15
C VAL A 814 -20.22 -23.51 70.40
N LEU A 815 -18.89 -23.64 70.37
CA LEU A 815 -18.16 -24.09 71.56
C LEU A 815 -18.31 -23.08 72.69
N GLY A 816 -18.22 -21.79 72.38
CA GLY A 816 -18.47 -20.78 73.40
C GLY A 816 -19.89 -20.81 73.93
N CYS A 817 -20.86 -21.00 73.03
CA CYS A 817 -22.25 -21.13 73.45
C CYS A 817 -22.46 -22.40 74.27
N LEU A 818 -21.79 -23.49 73.89
CA LEU A 818 -21.91 -24.73 74.64
C LEU A 818 -21.35 -24.58 76.06
N PHE A 819 -20.26 -23.82 76.20
CA PHE A 819 -19.69 -23.59 77.53
C PHE A 819 -20.67 -22.85 78.43
N ALA A 820 -21.36 -21.85 77.88
CA ALA A 820 -22.37 -21.14 78.67
C ALA A 820 -23.48 -22.05 79.18
N PRO A 821 -24.02 -22.98 78.40
CA PRO A 821 -25.07 -23.86 78.94
C PRO A 821 -24.63 -24.70 80.11
N LYS A 822 -23.36 -25.11 80.15
CA LYS A 822 -22.85 -25.93 81.25
C LYS A 822 -22.77 -25.12 82.55
N ARG B 31 9.87 14.51 -57.98
CA ARG B 31 9.27 15.62 -57.26
C ARG B 31 10.01 15.87 -55.95
N GLU B 32 10.96 16.80 -55.97
CA GLU B 32 11.75 17.11 -54.80
C GLU B 32 12.42 18.46 -54.98
N ILE B 33 12.54 19.20 -53.88
CA ILE B 33 13.28 20.46 -53.87
C ILE B 33 14.68 20.11 -53.37
N LYS B 34 15.56 19.77 -54.31
CA LYS B 34 16.94 19.40 -54.00
C LYS B 34 17.83 20.53 -54.50
N ILE B 35 18.23 21.43 -53.60
CA ILE B 35 19.12 22.53 -53.92
C ILE B 35 20.40 22.33 -53.12
N GLU B 36 21.54 22.65 -53.73
CA GLU B 36 22.83 22.36 -53.12
C GLU B 36 23.10 23.30 -51.94
N GLY B 37 24.12 22.94 -51.17
CA GLY B 37 24.53 23.70 -50.01
C GLY B 37 25.55 22.95 -49.19
N ASP B 38 26.30 23.68 -48.35
CA ASP B 38 27.29 23.04 -47.49
C ASP B 38 26.63 21.99 -46.59
N LEU B 39 25.54 22.37 -45.93
CA LEU B 39 24.69 21.42 -45.25
C LEU B 39 23.34 21.34 -45.97
N VAL B 40 22.67 20.21 -45.84
CA VAL B 40 21.39 20.00 -46.49
C VAL B 40 20.39 19.49 -45.45
N LEU B 41 19.22 20.10 -45.42
CA LEU B 41 18.16 19.76 -44.48
C LEU B 41 17.05 19.03 -45.20
N GLY B 42 16.51 18.01 -44.54
CA GLY B 42 15.43 17.23 -45.12
C GLY B 42 14.07 17.78 -44.73
N GLY B 43 13.20 17.91 -45.74
CA GLY B 43 11.88 18.43 -45.50
C GLY B 43 10.79 17.42 -45.81
N LEU B 44 9.89 17.21 -44.87
CA LEU B 44 8.77 16.30 -45.03
C LEU B 44 7.48 17.07 -44.78
N PHE B 45 6.73 17.33 -45.85
CA PHE B 45 5.51 18.11 -45.77
C PHE B 45 4.37 17.36 -46.46
N PRO B 46 3.16 17.46 -45.94
CA PRO B 46 2.02 16.80 -46.61
C PRO B 46 1.52 17.63 -47.78
N ILE B 47 2.36 17.78 -48.81
CA ILE B 47 1.99 18.64 -49.94
C ILE B 47 0.74 18.12 -50.62
N ASN B 48 0.68 16.82 -50.89
CA ASN B 48 -0.46 16.21 -51.58
C ASN B 48 -1.36 15.56 -50.54
N GLU B 49 -2.60 16.04 -50.47
CA GLU B 49 -3.59 15.47 -49.56
C GLU B 49 -4.05 14.14 -50.17
N LYS B 50 -3.19 13.13 -49.99
CA LYS B 50 -3.39 11.81 -50.60
C LYS B 50 -3.52 11.89 -52.12
N GLY B 51 -2.95 12.94 -52.72
CA GLY B 51 -3.01 13.12 -54.15
C GLY B 51 -2.17 12.14 -54.93
N THR B 52 -1.19 11.53 -54.28
CA THR B 52 -0.43 10.43 -54.88
C THR B 52 -0.87 9.07 -54.36
N GLY B 53 -1.97 9.01 -53.62
CA GLY B 53 -2.47 7.75 -53.10
C GLY B 53 -3.05 6.83 -54.15
N THR B 54 -3.34 7.36 -55.33
CA THR B 54 -3.88 6.69 -56.52
C THR B 54 -5.36 6.34 -56.35
N GLU B 55 -5.96 6.54 -55.18
CA GLU B 55 -7.41 6.42 -55.02
C GLU B 55 -8.05 7.70 -54.51
N GLU B 56 -7.42 8.42 -53.59
CA GLU B 56 -7.82 9.77 -53.21
C GLU B 56 -6.99 10.81 -53.94
N CYS B 57 -6.58 10.51 -55.16
CA CYS B 57 -5.63 11.32 -55.89
C CYS B 57 -6.25 12.64 -56.34
N GLY B 58 -5.42 13.48 -56.96
CA GLY B 58 -5.89 14.76 -57.48
C GLY B 58 -6.10 15.82 -56.43
N ARG B 59 -5.55 15.66 -55.23
CA ARG B 59 -5.73 16.64 -54.16
C ARG B 59 -4.39 16.95 -53.54
N ILE B 60 -4.07 18.23 -53.41
CA ILE B 60 -2.90 18.70 -52.69
C ILE B 60 -3.36 19.59 -51.55
N ASN B 61 -2.56 19.66 -50.49
CA ASN B 61 -2.92 20.43 -49.31
C ASN B 61 -2.34 21.83 -49.43
N GLU B 62 -3.19 22.84 -49.20
CA GLU B 62 -2.74 24.23 -49.32
C GLU B 62 -2.22 24.76 -48.00
N ASP B 63 -3.05 24.73 -46.96
CA ASP B 63 -2.63 25.27 -45.66
C ASP B 63 -1.52 24.44 -45.04
N ARG B 64 -1.71 23.12 -44.98
CA ARG B 64 -0.70 22.25 -44.38
C ARG B 64 0.37 21.83 -45.36
N GLY B 65 0.24 22.17 -46.63
CA GLY B 65 1.20 21.78 -47.64
C GLY B 65 2.14 22.88 -48.06
N ILE B 66 1.80 23.55 -49.16
CA ILE B 66 2.69 24.56 -49.75
C ILE B 66 3.00 25.66 -48.75
N GLN B 67 2.00 26.07 -47.96
CA GLN B 67 2.20 27.13 -46.98
C GLN B 67 3.31 26.77 -46.01
N ARG B 68 3.24 25.58 -45.42
CA ARG B 68 4.29 25.14 -44.51
C ARG B 68 5.59 24.87 -45.27
N LEU B 69 5.49 24.34 -46.49
CA LEU B 69 6.69 24.08 -47.29
C LEU B 69 7.42 25.38 -47.60
N GLU B 70 6.71 26.37 -48.13
CA GLU B 70 7.34 27.63 -48.48
C GLU B 70 7.83 28.37 -47.24
N ALA B 71 7.23 28.09 -46.09
CA ALA B 71 7.73 28.66 -44.84
C ALA B 71 9.15 28.18 -44.54
N MET B 72 9.42 26.89 -44.77
CA MET B 72 10.76 26.37 -44.55
C MET B 72 11.74 26.97 -45.55
N LEU B 73 11.35 27.03 -46.82
CA LEU B 73 12.21 27.65 -47.83
C LEU B 73 12.44 29.12 -47.51
N PHE B 74 11.41 29.81 -47.02
CA PHE B 74 11.57 31.19 -46.60
C PHE B 74 12.60 31.30 -45.48
N ALA B 75 12.53 30.38 -44.50
CA ALA B 75 13.50 30.38 -43.41
C ALA B 75 14.91 30.10 -43.93
N ILE B 76 15.04 29.16 -44.87
CA ILE B 76 16.35 28.80 -45.40
C ILE B 76 16.98 29.99 -46.10
N ASP B 77 16.19 30.73 -46.89
CA ASP B 77 16.70 31.93 -47.55
C ASP B 77 17.18 32.94 -46.52
N GLU B 78 16.42 33.14 -45.45
CA GLU B 78 16.85 34.02 -44.38
C GLU B 78 18.07 33.47 -43.66
N ILE B 79 18.14 32.15 -43.49
CA ILE B 79 19.24 31.55 -42.74
C ILE B 79 20.57 31.75 -43.46
N ASN B 80 20.62 31.43 -44.75
CA ASN B 80 21.87 31.53 -45.49
C ASN B 80 22.26 32.97 -45.82
N LYS B 81 21.30 33.90 -45.77
CA LYS B 81 21.62 35.32 -45.91
C LYS B 81 21.82 36.00 -44.56
N ASP B 82 21.53 35.33 -43.46
CA ASP B 82 21.82 35.88 -42.14
C ASP B 82 23.33 35.89 -41.91
N ASN B 83 23.80 36.95 -41.27
CA ASN B 83 25.22 37.11 -40.98
C ASN B 83 25.59 36.68 -39.56
N TYR B 84 24.62 36.21 -38.77
CA TYR B 84 24.89 35.75 -37.42
C TYR B 84 24.54 34.28 -37.18
N LEU B 85 23.99 33.60 -38.19
CA LEU B 85 23.70 32.17 -38.09
C LEU B 85 24.32 31.48 -39.30
N LEU B 86 25.39 30.72 -39.06
CA LEU B 86 26.13 30.02 -40.11
C LEU B 86 26.53 30.99 -41.22
N PRO B 87 27.48 31.89 -40.95
CA PRO B 87 27.84 32.87 -41.99
C PRO B 87 28.42 32.23 -43.24
N GLY B 88 29.47 31.43 -43.11
CA GLY B 88 30.09 30.79 -44.25
C GLY B 88 29.44 29.52 -44.71
N VAL B 89 28.37 29.09 -44.05
CA VAL B 89 27.68 27.85 -44.39
C VAL B 89 26.39 28.19 -45.10
N LYS B 90 26.29 27.79 -46.37
CA LYS B 90 25.07 27.94 -47.15
C LYS B 90 24.27 26.67 -47.05
N LEU B 91 23.02 26.78 -46.59
CA LEU B 91 22.19 25.62 -46.32
C LEU B 91 21.32 25.29 -47.53
N GLY B 92 21.50 24.09 -48.07
CA GLY B 92 20.59 23.54 -49.06
C GLY B 92 19.49 22.75 -48.39
N VAL B 93 18.55 22.29 -49.20
CA VAL B 93 17.42 21.52 -48.70
C VAL B 93 17.20 20.31 -49.58
N HIS B 94 16.57 19.28 -49.00
CA HIS B 94 16.06 18.14 -49.74
C HIS B 94 14.65 17.91 -49.20
N ILE B 95 13.68 18.59 -49.81
CA ILE B 95 12.31 18.58 -49.33
C ILE B 95 11.52 17.56 -50.13
N LEU B 96 10.80 16.70 -49.43
CA LEU B 96 10.02 15.63 -50.06
C LEU B 96 8.58 15.71 -49.60
N ASP B 97 7.71 15.06 -50.35
CA ASP B 97 6.28 15.03 -50.06
C ASP B 97 5.96 13.74 -49.34
N THR B 98 5.25 13.85 -48.21
CA THR B 98 4.85 12.68 -47.44
C THR B 98 3.49 12.14 -47.87
N CYS B 99 2.75 12.86 -48.71
CA CYS B 99 1.44 12.45 -49.19
C CYS B 99 0.45 12.22 -48.06
N SER B 100 0.79 12.69 -46.85
CA SER B 100 -0.02 12.49 -45.64
C SER B 100 -0.20 11.02 -45.32
N ARG B 101 0.69 10.16 -45.82
CA ARG B 101 0.65 8.72 -45.56
C ARG B 101 1.99 8.28 -44.99
N ASP B 102 1.95 7.52 -43.90
CA ASP B 102 3.17 7.09 -43.24
C ASP B 102 3.98 6.16 -44.14
N THR B 103 3.32 5.22 -44.83
CA THR B 103 4.03 4.29 -45.69
C THR B 103 4.74 5.01 -46.83
N TYR B 104 4.06 5.99 -47.44
CA TYR B 104 4.70 6.76 -48.49
C TYR B 104 5.87 7.58 -47.96
N ALA B 105 5.72 8.13 -46.75
CA ALA B 105 6.81 8.90 -46.15
C ALA B 105 8.02 8.03 -45.87
N LEU B 106 7.78 6.79 -45.43
CA LEU B 106 8.89 5.88 -45.12
C LEU B 106 9.75 5.62 -46.35
N GLU B 107 9.11 5.32 -47.48
CA GLU B 107 9.87 5.10 -48.71
C GLU B 107 10.57 6.39 -49.16
N GLN B 108 9.87 7.52 -49.05
CA GLN B 108 10.47 8.80 -49.42
C GLN B 108 11.67 9.13 -48.53
N SER B 109 11.52 8.93 -47.21
CA SER B 109 12.55 9.34 -46.27
C SER B 109 13.82 8.50 -46.40
N LEU B 110 13.77 7.38 -47.14
CA LEU B 110 14.98 6.59 -47.35
C LEU B 110 16.03 7.38 -48.13
N GLU B 111 15.59 8.31 -48.97
CA GLU B 111 16.54 9.15 -49.69
C GLU B 111 17.39 9.99 -48.76
N PHE B 112 16.89 10.30 -47.57
CA PHE B 112 17.71 10.94 -46.55
C PHE B 112 18.73 9.97 -45.96
N VAL B 113 18.45 8.67 -46.01
CA VAL B 113 19.34 7.65 -45.47
C VAL B 113 20.28 7.12 -46.54
N ARG B 114 19.75 6.84 -47.72
CA ARG B 114 20.52 6.35 -48.86
C ARG B 114 21.76 7.19 -49.10
N ALA B 115 21.65 8.50 -48.86
CA ALA B 115 22.75 9.41 -49.09
C ALA B 115 23.86 9.26 -48.05
N SER B 116 23.50 9.17 -46.77
CA SER B 116 24.47 9.23 -45.69
C SER B 116 24.93 7.84 -45.25
N LEU B 117 25.41 7.07 -46.24
CA LEU B 117 25.97 5.76 -45.97
C LEU B 117 27.12 5.52 -46.95
N THR B 118 27.71 4.33 -46.86
CA THR B 118 28.89 3.98 -47.66
C THR B 118 28.50 2.98 -48.74
N LYS B 119 28.15 3.50 -49.91
CA LYS B 119 28.05 2.67 -51.10
C LYS B 119 28.39 3.50 -52.34
N ILE B 134 24.31 6.16 -67.48
CA ILE B 134 25.30 6.25 -66.42
C ILE B 134 24.65 6.78 -65.14
N GLN B 135 25.37 6.70 -64.03
CA GLN B 135 24.82 7.13 -62.75
C GLN B 135 24.52 8.62 -62.75
N GLU B 136 23.41 8.98 -62.11
CA GLU B 136 22.95 10.37 -62.03
C GLU B 136 22.40 10.63 -60.64
N ASN B 137 22.08 11.89 -60.37
CA ASN B 137 21.45 12.31 -59.12
C ASN B 137 22.31 11.92 -57.91
N ILE B 138 23.48 12.56 -57.85
CA ILE B 138 24.44 12.26 -56.78
C ILE B 138 23.80 12.53 -55.42
N PRO B 139 23.98 11.66 -54.43
CA PRO B 139 23.31 11.85 -53.14
C PRO B 139 23.86 13.04 -52.37
N LEU B 140 23.01 13.58 -51.49
CA LEU B 140 23.35 14.71 -50.65
C LEU B 140 23.90 14.21 -49.31
N LEU B 141 23.95 15.10 -48.31
CA LEU B 141 24.31 14.73 -46.94
C LEU B 141 23.30 15.42 -46.02
N ILE B 142 22.26 14.68 -45.63
CA ILE B 142 21.19 15.24 -44.82
C ILE B 142 21.66 15.41 -43.38
N ALA B 143 21.97 16.65 -43.00
CA ALA B 143 22.37 16.92 -41.62
C ALA B 143 21.22 16.65 -40.66
N GLY B 144 20.01 17.06 -41.03
CA GLY B 144 18.84 16.84 -40.19
C GLY B 144 17.58 16.96 -41.02
N VAL B 145 16.49 16.44 -40.48
CA VAL B 145 15.21 16.41 -41.16
C VAL B 145 14.23 17.28 -40.39
N ILE B 146 13.70 18.29 -41.06
CA ILE B 146 12.64 19.13 -40.52
C ILE B 146 11.37 18.73 -41.27
N GLY B 147 10.57 17.88 -40.65
CA GLY B 147 9.38 17.42 -41.34
C GLY B 147 8.54 16.52 -40.47
N GLY B 148 7.35 16.21 -40.99
CA GLY B 148 6.39 15.39 -40.29
C GLY B 148 5.32 16.23 -39.65
N SER B 149 4.17 16.36 -40.33
CA SER B 149 3.06 17.12 -39.78
C SER B 149 2.11 16.17 -39.06
N TYR B 150 1.55 15.22 -39.80
CA TYR B 150 0.71 14.21 -39.18
C TYR B 150 1.57 13.30 -38.31
N SER B 151 1.13 13.10 -37.06
CA SER B 151 1.93 12.33 -36.11
C SER B 151 2.11 10.90 -36.58
N SER B 152 1.14 10.34 -37.29
CA SER B 152 1.31 9.00 -37.85
C SER B 152 2.47 8.98 -38.84
N VAL B 153 2.58 10.01 -39.67
CA VAL B 153 3.72 10.14 -40.58
C VAL B 153 4.99 10.41 -39.78
N SER B 154 4.91 11.33 -38.82
CA SER B 154 6.09 11.71 -38.06
C SER B 154 6.59 10.61 -37.13
N ILE B 155 5.77 9.60 -36.86
CA ILE B 155 6.21 8.49 -36.03
C ILE B 155 6.95 7.46 -36.87
N GLN B 156 6.40 7.12 -38.04
CA GLN B 156 6.99 6.10 -38.88
C GLN B 156 8.31 6.52 -39.50
N VAL B 157 8.63 7.82 -39.51
CA VAL B 157 9.91 8.28 -40.01
C VAL B 157 10.84 8.54 -38.81
N ALA B 158 10.25 8.75 -37.64
CA ALA B 158 11.05 8.81 -36.42
C ALA B 158 11.68 7.46 -36.13
N ASN B 159 10.95 6.38 -36.39
CA ASN B 159 11.52 5.04 -36.24
C ASN B 159 12.66 4.81 -37.21
N LEU B 160 12.52 5.29 -38.45
CA LEU B 160 13.54 5.05 -39.46
C LEU B 160 14.78 5.90 -39.21
N LEU B 161 14.61 7.22 -39.11
CA LEU B 161 15.75 8.11 -38.95
C LEU B 161 16.49 7.87 -37.63
N ARG B 162 15.83 7.28 -36.64
CA ARG B 162 16.51 6.97 -35.39
C ARG B 162 17.64 5.97 -35.60
N LEU B 163 17.41 4.97 -36.44
CA LEU B 163 18.39 3.90 -36.61
C LEU B 163 19.69 4.43 -37.18
N PHE B 164 19.61 5.33 -38.15
CA PHE B 164 20.79 5.87 -38.82
C PHE B 164 21.23 7.22 -38.26
N GLN B 165 20.70 7.60 -37.11
CA GLN B 165 21.20 8.73 -36.33
C GLN B 165 21.14 10.04 -37.12
N ILE B 166 19.91 10.43 -37.44
CA ILE B 166 19.62 11.70 -38.08
C ILE B 166 18.64 12.45 -37.18
N PRO B 167 18.97 13.64 -36.70
CA PRO B 167 18.03 14.39 -35.87
C PRO B 167 16.82 14.82 -36.68
N GLN B 168 15.67 14.91 -35.99
CA GLN B 168 14.41 15.24 -36.64
C GLN B 168 13.63 16.21 -35.77
N ILE B 169 13.39 17.42 -36.28
CA ILE B 169 12.50 18.37 -35.65
C ILE B 169 11.20 18.40 -36.44
N SER B 170 10.08 18.21 -35.76
CA SER B 170 8.78 18.09 -36.42
C SER B 170 7.80 19.10 -35.81
N TYR B 171 7.58 20.19 -36.54
CA TYR B 171 6.41 21.02 -36.31
C TYR B 171 5.14 20.18 -36.33
N ALA B 172 4.12 20.64 -35.61
CA ALA B 172 2.75 20.17 -35.79
C ALA B 172 2.57 18.69 -35.44
N SER B 173 3.49 18.10 -34.70
CA SER B 173 3.38 16.70 -34.29
C SER B 173 3.18 16.66 -32.78
N THR B 174 1.92 16.75 -32.35
CA THR B 174 1.59 16.91 -30.94
C THR B 174 1.21 15.61 -30.26
N SER B 175 1.43 14.46 -30.91
CA SER B 175 1.07 13.20 -30.29
C SER B 175 1.94 12.93 -29.06
N ALA B 176 1.35 12.31 -28.04
CA ALA B 176 2.07 12.03 -26.81
C ALA B 176 2.98 10.82 -26.94
N LYS B 177 2.79 9.99 -27.97
CA LYS B 177 3.69 8.85 -28.18
C LYS B 177 5.12 9.30 -28.45
N LEU B 178 5.26 10.41 -29.18
CA LEU B 178 6.59 10.88 -29.58
C LEU B 178 7.42 11.37 -28.39
N SER B 179 6.82 11.59 -27.23
CA SER B 179 7.57 11.96 -26.05
C SER B 179 8.27 10.77 -25.41
N ASP B 180 7.93 9.55 -25.82
CA ASP B 180 8.59 8.34 -25.31
C ASP B 180 9.95 8.22 -25.98
N LYS B 181 10.95 8.84 -25.35
CA LYS B 181 12.29 8.88 -25.92
C LYS B 181 12.96 7.51 -25.95
N SER B 182 12.40 6.51 -25.28
CA SER B 182 12.96 5.16 -25.37
C SER B 182 12.89 4.61 -26.78
N ARG B 183 11.82 4.93 -27.51
CA ARG B 183 11.67 4.53 -28.90
C ARG B 183 12.17 5.58 -29.86
N TYR B 184 11.60 6.79 -29.80
CA TYR B 184 11.96 7.87 -30.72
C TYR B 184 13.08 8.69 -30.07
N ASP B 185 14.30 8.13 -30.14
CA ASP B 185 15.43 8.71 -29.43
C ASP B 185 15.83 10.06 -30.00
N TYR B 186 15.76 10.23 -31.32
CA TYR B 186 16.28 11.41 -32.00
C TYR B 186 15.17 12.26 -32.58
N PHE B 187 14.11 12.47 -31.79
CA PHE B 187 12.95 13.24 -32.22
C PHE B 187 12.79 14.44 -31.32
N ALA B 188 12.78 15.64 -31.90
CA ALA B 188 12.43 16.87 -31.23
C ALA B 188 11.28 17.54 -31.97
N ARG B 189 10.58 18.43 -31.28
CA ARG B 189 9.45 19.10 -31.89
C ARG B 189 9.28 20.48 -31.28
N THR B 190 8.85 21.44 -32.10
CA THR B 190 8.61 22.80 -31.67
C THR B 190 7.19 23.01 -31.15
N VAL B 191 6.34 22.00 -31.22
CA VAL B 191 4.96 22.11 -30.72
C VAL B 191 4.83 21.27 -29.46
N PRO B 192 4.04 21.71 -28.48
CA PRO B 192 3.86 20.91 -27.27
C PRO B 192 3.08 19.64 -27.57
N PRO B 193 3.34 18.56 -26.84
CA PRO B 193 2.52 17.35 -26.99
C PRO B 193 1.09 17.61 -26.53
N ASP B 194 0.18 16.77 -27.02
CA ASP B 194 -1.25 16.97 -26.77
C ASP B 194 -1.64 16.74 -25.32
N PHE B 195 -0.77 16.17 -24.49
CA PHE B 195 -1.13 15.95 -23.09
C PHE B 195 -0.89 17.18 -22.23
N TYR B 196 -0.30 18.24 -22.78
CA TYR B 196 -0.21 19.49 -22.04
C TYR B 196 -1.55 20.20 -21.99
N GLN B 197 -2.43 19.95 -22.96
CA GLN B 197 -3.77 20.49 -22.90
C GLN B 197 -4.54 19.87 -21.74
N ALA B 198 -4.26 18.60 -21.44
CA ALA B 198 -4.87 17.95 -20.28
C ALA B 198 -4.49 18.67 -18.99
N LYS B 199 -3.22 19.08 -18.88
CA LYS B 199 -2.79 19.83 -17.71
C LYS B 199 -3.48 21.18 -17.63
N ALA B 200 -3.52 21.90 -18.75
CA ALA B 200 -4.12 23.24 -18.75
C ALA B 200 -5.61 23.18 -18.45
N MET B 201 -6.30 22.22 -19.07
CA MET B 201 -7.73 22.09 -18.81
C MET B 201 -8.01 21.68 -17.37
N ALA B 202 -7.16 20.82 -16.81
CA ALA B 202 -7.30 20.46 -15.40
C ALA B 202 -7.06 21.68 -14.49
N GLU B 203 -6.07 22.50 -14.84
CA GLU B 203 -5.78 23.69 -14.05
C GLU B 203 -6.93 24.69 -14.12
N ILE B 204 -7.61 24.76 -15.27
CA ILE B 204 -8.73 25.70 -15.42
C ILE B 204 -9.86 25.32 -14.47
N LEU B 205 -10.20 24.03 -14.41
CA LEU B 205 -11.23 23.59 -13.49
C LEU B 205 -10.81 23.80 -12.04
N ARG B 206 -9.58 23.42 -11.70
CA ARG B 206 -9.10 23.58 -10.34
C ARG B 206 -9.06 25.05 -9.94
N PHE B 207 -8.82 25.94 -10.89
CA PHE B 207 -8.80 27.38 -10.59
C PHE B 207 -10.17 27.86 -10.12
N PHE B 208 -11.24 27.37 -10.76
CA PHE B 208 -12.58 27.86 -10.47
C PHE B 208 -13.28 27.06 -9.37
N ASN B 209 -12.53 26.36 -8.52
CA ASN B 209 -13.09 25.54 -7.45
C ASN B 209 -14.08 24.53 -8.01
N TRP B 210 -13.74 23.96 -9.16
CA TRP B 210 -14.61 23.02 -9.86
C TRP B 210 -14.20 21.58 -9.55
N THR B 211 -15.19 20.72 -9.41
CA THR B 211 -14.98 19.29 -9.24
C THR B 211 -16.18 18.61 -9.89
N TYR B 212 -16.17 17.27 -9.89
CA TYR B 212 -17.25 16.48 -10.47
C TYR B 212 -17.39 16.80 -11.96
N VAL B 213 -16.31 16.50 -12.68
CA VAL B 213 -16.20 16.77 -14.10
C VAL B 213 -16.69 15.56 -14.87
N SER B 214 -17.37 15.78 -15.98
CA SER B 214 -17.76 14.72 -16.89
C SER B 214 -16.93 14.88 -18.16
N THR B 215 -16.12 13.87 -18.47
CA THR B 215 -15.24 13.95 -19.62
C THR B 215 -15.80 13.11 -20.77
N VAL B 216 -15.72 13.65 -21.98
CA VAL B 216 -16.18 12.96 -23.18
C VAL B 216 -15.01 12.94 -24.16
N ALA B 217 -14.25 11.85 -24.14
CA ALA B 217 -13.15 11.68 -25.07
C ALA B 217 -13.69 11.26 -26.43
N SER B 218 -12.80 10.95 -27.36
CA SER B 218 -13.19 10.51 -28.70
C SER B 218 -12.31 9.35 -29.12
N GLU B 219 -12.84 8.52 -30.01
CA GLU B 219 -12.08 7.38 -30.50
C GLU B 219 -10.86 7.85 -31.29
N GLY B 220 -9.80 7.05 -31.24
CA GLY B 220 -8.57 7.37 -31.93
C GLY B 220 -7.48 7.78 -30.96
N ASP B 221 -6.31 8.07 -31.53
CA ASP B 221 -5.15 8.42 -30.72
C ASP B 221 -5.39 9.71 -29.95
N TYR B 222 -6.00 10.70 -30.60
CA TYR B 222 -6.14 12.02 -30.00
C TYR B 222 -6.98 11.98 -28.73
N GLY B 223 -8.24 11.59 -28.85
CA GLY B 223 -9.13 11.62 -27.70
C GLY B 223 -8.72 10.67 -26.59
N GLU B 224 -8.40 9.43 -26.95
CA GLU B 224 -8.15 8.42 -25.93
C GLU B 224 -6.86 8.70 -25.17
N THR B 225 -5.77 8.96 -25.89
CA THR B 225 -4.50 9.20 -25.22
C THR B 225 -4.53 10.50 -24.42
N GLY B 226 -5.17 11.53 -24.96
CA GLY B 226 -5.24 12.80 -24.25
C GLY B 226 -6.02 12.70 -22.95
N ILE B 227 -7.16 12.00 -22.98
CA ILE B 227 -8.01 11.92 -21.80
C ILE B 227 -7.35 11.09 -20.71
N GLU B 228 -6.44 10.18 -21.07
CA GLU B 228 -5.70 9.44 -20.05
C GLU B 228 -4.84 10.38 -19.23
N ALA B 229 -4.20 11.35 -19.88
CA ALA B 229 -3.42 12.35 -19.14
C ALA B 229 -4.33 13.20 -18.27
N PHE B 230 -5.48 13.61 -18.81
CA PHE B 230 -6.41 14.43 -18.02
C PHE B 230 -6.95 13.67 -16.83
N GLU B 231 -7.29 12.40 -17.02
CA GLU B 231 -7.73 11.57 -15.90
C GLU B 231 -6.65 11.46 -14.85
N GLN B 232 -5.40 11.28 -15.28
CA GLN B 232 -4.28 11.28 -14.35
C GLN B 232 -4.09 12.66 -13.72
N GLU B 233 -4.26 13.72 -14.52
CA GLU B 233 -4.02 15.07 -14.01
C GLU B 233 -5.11 15.49 -13.03
N ALA B 234 -6.35 15.01 -13.22
CA ALA B 234 -7.44 15.38 -12.33
C ALA B 234 -7.20 14.86 -10.92
N ARG B 235 -6.61 13.67 -10.80
CA ARG B 235 -6.36 13.10 -9.48
C ARG B 235 -5.41 13.97 -8.66
N LEU B 236 -4.29 14.38 -9.26
CA LEU B 236 -3.31 15.18 -8.54
C LEU B 236 -3.84 16.55 -8.17
N ARG B 237 -4.84 17.05 -8.89
CA ARG B 237 -5.50 18.31 -8.55
C ARG B 237 -6.71 18.09 -7.65
N ASN B 238 -6.93 16.87 -7.18
CA ASN B 238 -8.08 16.52 -6.36
C ASN B 238 -9.39 16.89 -7.07
N ILE B 239 -9.46 16.54 -8.34
CA ILE B 239 -10.65 16.74 -9.16
C ILE B 239 -11.20 15.36 -9.48
N CYS B 240 -12.47 15.14 -9.14
CA CYS B 240 -13.06 13.83 -9.34
C CYS B 240 -13.94 13.83 -10.58
N ILE B 241 -14.06 12.67 -11.22
CA ILE B 241 -14.66 12.54 -12.54
C ILE B 241 -16.03 11.89 -12.36
N ALA B 242 -17.09 12.64 -12.68
CA ALA B 242 -18.44 12.13 -12.62
C ALA B 242 -18.65 11.00 -13.63
N THR B 243 -18.44 11.29 -14.91
CA THR B 243 -18.64 10.32 -15.98
C THR B 243 -17.41 10.33 -16.87
N ALA B 244 -17.08 9.16 -17.42
CA ALA B 244 -15.91 8.98 -18.28
C ALA B 244 -16.41 8.56 -19.66
N GLU B 245 -17.42 9.27 -20.14
CA GLU B 245 -18.05 8.97 -21.42
C GLU B 245 -17.03 8.94 -22.56
N LYS B 246 -17.43 8.28 -23.64
CA LYS B 246 -16.59 8.16 -24.83
C LYS B 246 -17.50 8.13 -26.05
N VAL B 247 -16.99 8.64 -27.16
CA VAL B 247 -17.73 8.74 -28.41
C VAL B 247 -16.87 8.22 -29.54
N GLY B 248 -17.49 8.00 -30.69
CA GLY B 248 -16.78 7.56 -31.87
C GLY B 248 -17.47 8.08 -33.12
N ARG B 249 -16.83 7.85 -34.27
CA ARG B 249 -17.38 8.27 -35.56
C ARG B 249 -18.50 7.31 -35.93
N SER B 250 -19.66 7.51 -35.31
CA SER B 250 -20.82 6.65 -35.51
C SER B 250 -22.03 7.36 -36.07
N ASN B 251 -22.26 8.64 -35.71
CA ASN B 251 -23.41 9.40 -36.18
C ASN B 251 -24.73 8.68 -35.86
N ILE B 252 -24.81 8.14 -34.65
CA ILE B 252 -25.93 7.29 -34.24
C ILE B 252 -26.40 7.72 -32.85
N ARG B 253 -27.33 6.96 -32.27
CA ARG B 253 -27.85 7.24 -30.93
C ARG B 253 -26.72 7.54 -29.94
N LYS B 254 -25.53 6.98 -30.17
CA LYS B 254 -24.36 7.21 -29.33
C LYS B 254 -24.17 8.69 -28.97
N SER B 255 -24.32 9.57 -29.96
CA SER B 255 -24.19 11.00 -29.70
C SER B 255 -25.28 11.50 -28.78
N TYR B 256 -26.54 11.20 -29.11
CA TYR B 256 -27.64 11.57 -28.22
C TYR B 256 -27.54 10.85 -26.89
N ASP B 257 -27.11 9.59 -26.91
CA ASP B 257 -26.91 8.86 -25.66
C ASP B 257 -25.89 9.55 -24.77
N SER B 258 -24.72 9.90 -25.35
CA SER B 258 -23.65 10.51 -24.57
C SER B 258 -24.10 11.81 -23.92
N VAL B 259 -25.00 12.54 -24.57
CA VAL B 259 -25.48 13.79 -24.00
C VAL B 259 -26.30 13.51 -22.75
N ILE B 260 -27.24 12.56 -22.84
CA ILE B 260 -28.08 12.23 -21.69
C ILE B 260 -27.31 11.47 -20.60
N ARG B 261 -26.31 10.68 -20.97
CA ARG B 261 -25.44 10.04 -20.00
C ARG B 261 -24.77 11.03 -19.05
N GLU B 262 -24.91 12.33 -19.28
CA GLU B 262 -24.41 13.35 -18.38
C GLU B 262 -25.49 14.25 -17.80
N LEU B 263 -26.54 14.55 -18.57
CA LEU B 263 -27.68 15.25 -18.00
C LEU B 263 -28.39 14.39 -16.96
N LEU B 264 -28.52 13.10 -17.23
CA LEU B 264 -29.19 12.19 -16.29
C LEU B 264 -28.30 11.89 -15.10
N GLN B 265 -27.12 11.31 -15.36
CA GLN B 265 -26.23 10.98 -14.25
C GLN B 265 -25.53 12.23 -13.74
N LYS B 266 -25.70 12.47 -12.43
CA LYS B 266 -25.10 13.60 -11.73
C LYS B 266 -25.36 14.92 -12.46
N PRO B 267 -26.59 15.45 -12.42
CA PRO B 267 -26.82 16.80 -12.95
C PRO B 267 -26.02 17.85 -12.20
N ASN B 268 -25.49 17.52 -11.02
CA ASN B 268 -24.57 18.42 -10.34
C ASN B 268 -23.32 18.66 -11.17
N ALA B 269 -22.91 17.67 -11.97
CA ALA B 269 -21.77 17.83 -12.86
C ALA B 269 -22.13 18.76 -14.01
N ARG B 270 -21.84 20.04 -13.85
CA ARG B 270 -22.25 21.04 -14.84
C ARG B 270 -21.17 21.36 -15.86
N VAL B 271 -19.91 21.05 -15.56
CA VAL B 271 -18.79 21.30 -16.46
C VAL B 271 -18.46 19.99 -17.19
N VAL B 272 -18.29 20.07 -18.50
CA VAL B 272 -17.98 18.92 -19.33
C VAL B 272 -16.63 19.17 -19.99
N VAL B 273 -15.68 18.27 -19.74
CA VAL B 273 -14.30 18.44 -20.24
C VAL B 273 -14.20 17.65 -21.54
N LEU B 274 -14.44 18.32 -22.65
CA LEU B 274 -14.31 17.70 -23.96
C LEU B 274 -12.86 17.48 -24.32
N PHE B 275 -12.59 16.34 -24.95
CA PHE B 275 -11.29 16.05 -25.55
C PHE B 275 -11.49 15.40 -26.91
N MET B 276 -12.46 15.89 -27.67
CA MET B 276 -12.90 15.27 -28.90
C MET B 276 -12.22 15.92 -30.11
N ARG B 277 -12.24 15.20 -31.23
CA ARG B 277 -11.73 15.74 -32.47
C ARG B 277 -12.70 16.80 -33.02
N SER B 278 -12.30 17.43 -34.12
CA SER B 278 -13.06 18.57 -34.64
C SER B 278 -14.45 18.15 -35.08
N ASP B 279 -14.55 17.13 -35.92
CA ASP B 279 -15.86 16.71 -36.42
C ASP B 279 -16.73 16.13 -35.31
N ASP B 280 -16.11 15.41 -34.37
CA ASP B 280 -16.86 14.84 -33.25
C ASP B 280 -17.45 15.94 -32.38
N SER B 281 -16.70 17.01 -32.15
CA SER B 281 -17.18 18.09 -31.30
C SER B 281 -18.43 18.74 -31.87
N ARG B 282 -18.46 18.95 -33.19
CA ARG B 282 -19.64 19.54 -33.81
C ARG B 282 -20.86 18.63 -33.64
N GLU B 283 -20.70 17.33 -33.89
CA GLU B 283 -21.84 16.43 -33.87
C GLU B 283 -22.35 16.21 -32.45
N LEU B 284 -21.48 16.29 -31.45
CA LEU B 284 -21.94 16.20 -30.06
C LEU B 284 -22.76 17.43 -29.69
N ILE B 285 -22.32 18.62 -30.14
CA ILE B 285 -23.09 19.83 -29.88
C ILE B 285 -24.43 19.76 -30.58
N ALA B 286 -24.47 19.17 -31.77
CA ALA B 286 -25.75 18.94 -32.45
C ALA B 286 -26.65 18.05 -31.62
N ALA B 287 -26.09 16.99 -31.03
CA ALA B 287 -26.86 16.12 -30.16
C ALA B 287 -27.37 16.88 -28.95
N ALA B 288 -26.51 17.68 -28.32
CA ALA B 288 -26.94 18.49 -27.17
C ALA B 288 -27.95 19.54 -27.58
N ASN B 289 -27.87 20.03 -28.83
CA ASN B 289 -28.82 21.03 -29.30
C ASN B 289 -30.23 20.46 -29.37
N ARG B 290 -30.36 19.23 -29.89
CA ARG B 290 -31.69 18.62 -30.03
C ARG B 290 -32.35 18.43 -28.67
N VAL B 291 -31.59 17.95 -27.68
CA VAL B 291 -32.12 17.76 -26.34
C VAL B 291 -32.15 19.06 -25.55
N ASN B 292 -31.59 20.14 -26.08
CA ASN B 292 -31.50 21.43 -25.41
C ASN B 292 -30.77 21.30 -24.07
N ALA B 293 -29.56 20.75 -24.16
CA ALA B 293 -28.71 20.61 -22.98
C ALA B 293 -28.14 21.98 -22.60
N SER B 294 -27.59 22.06 -21.38
CA SER B 294 -27.04 23.31 -20.87
C SER B 294 -25.81 22.96 -20.03
N PHE B 295 -24.64 23.07 -20.64
CA PHE B 295 -23.38 22.74 -19.97
C PHE B 295 -22.36 23.83 -20.28
N THR B 296 -21.28 23.81 -19.51
CA THR B 296 -20.14 24.71 -19.72
C THR B 296 -18.97 23.84 -20.18
N TRP B 297 -18.89 23.63 -21.50
CA TRP B 297 -17.89 22.73 -22.06
C TRP B 297 -16.49 23.33 -21.89
N VAL B 298 -15.57 22.54 -21.37
CA VAL B 298 -14.17 22.91 -21.29
C VAL B 298 -13.45 22.01 -22.29
N ALA B 299 -13.29 22.51 -23.50
CA ALA B 299 -12.85 21.71 -24.63
C ALA B 299 -11.35 21.88 -24.89
N SER B 300 -10.85 21.03 -25.78
CA SER B 300 -9.45 21.00 -26.16
C SER B 300 -9.26 21.68 -27.51
N ASP B 301 -8.05 21.54 -28.07
CA ASP B 301 -7.74 22.17 -29.35
C ASP B 301 -8.63 21.63 -30.47
N GLY B 302 -9.17 20.42 -30.30
CA GLY B 302 -10.06 19.88 -31.31
C GLY B 302 -11.24 20.78 -31.59
N TRP B 303 -11.86 21.30 -30.53
CA TRP B 303 -12.83 22.37 -30.69
C TRP B 303 -12.14 23.68 -31.07
N GLY B 304 -11.26 24.16 -30.20
CA GLY B 304 -10.48 25.34 -30.49
C GLY B 304 -11.34 26.58 -30.63
N ALA B 305 -10.86 27.51 -31.45
CA ALA B 305 -11.58 28.75 -31.72
C ALA B 305 -12.31 28.72 -33.06
N GLN B 306 -12.49 27.53 -33.64
CA GLN B 306 -13.17 27.43 -34.93
C GLN B 306 -14.65 27.75 -34.77
N GLU B 307 -15.16 28.65 -35.61
CA GLU B 307 -16.57 28.97 -35.59
C GLU B 307 -17.40 27.90 -36.28
N SER B 308 -16.79 27.10 -37.14
CA SER B 308 -17.52 26.03 -37.82
C SER B 308 -17.99 24.95 -36.86
N ILE B 309 -17.38 24.85 -35.68
CA ILE B 309 -17.84 23.88 -34.68
C ILE B 309 -19.25 24.22 -34.22
N VAL B 310 -19.52 25.50 -33.97
CA VAL B 310 -20.80 25.95 -33.47
C VAL B 310 -21.61 26.67 -34.55
N LYS B 311 -21.36 26.36 -35.83
CA LYS B 311 -22.16 26.96 -36.89
C LYS B 311 -23.58 26.42 -36.77
N GLY B 312 -24.49 27.25 -36.26
CA GLY B 312 -25.80 26.78 -35.85
C GLY B 312 -25.73 26.16 -34.47
N SER B 313 -26.78 26.34 -33.67
CA SER B 313 -26.84 25.84 -32.30
C SER B 313 -25.71 26.43 -31.46
N GLU B 314 -25.74 27.75 -31.30
CA GLU B 314 -24.71 28.47 -30.56
C GLU B 314 -25.07 28.63 -29.09
N HIS B 315 -26.36 28.77 -28.77
CA HIS B 315 -26.75 29.03 -27.38
C HIS B 315 -26.44 27.86 -26.47
N VAL B 316 -26.46 26.63 -27.00
CA VAL B 316 -26.11 25.47 -26.19
C VAL B 316 -24.64 25.48 -25.83
N ALA B 317 -23.79 25.98 -26.74
CA ALA B 317 -22.35 26.02 -26.47
C ALA B 317 -21.91 27.34 -25.88
N TYR B 318 -22.77 28.35 -25.90
CA TYR B 318 -22.43 29.66 -25.36
C TYR B 318 -21.95 29.55 -23.92
N GLY B 319 -20.79 30.13 -23.65
CA GLY B 319 -20.15 30.02 -22.36
C GLY B 319 -19.04 28.99 -22.30
N ALA B 320 -18.79 28.27 -23.39
CA ALA B 320 -17.75 27.24 -23.40
C ALA B 320 -16.37 27.87 -23.29
N ILE B 321 -15.44 27.10 -22.74
CA ILE B 321 -14.04 27.49 -22.64
C ILE B 321 -13.23 26.47 -23.44
N THR B 322 -12.58 26.93 -24.50
CA THR B 322 -11.82 26.04 -25.37
C THR B 322 -10.39 26.54 -25.49
N LEU B 323 -9.46 25.62 -25.72
CA LEU B 323 -8.05 25.93 -25.82
C LEU B 323 -7.61 25.95 -27.27
N GLU B 324 -6.60 26.78 -27.54
CA GLU B 324 -5.99 26.87 -28.85
C GLU B 324 -4.49 27.04 -28.67
N LEU B 325 -3.73 26.54 -29.64
CA LEU B 325 -2.28 26.71 -29.60
C LEU B 325 -1.93 28.18 -29.80
N ALA B 326 -0.97 28.66 -29.01
CA ALA B 326 -0.52 30.04 -29.10
C ALA B 326 0.46 30.18 -30.24
N SER B 327 0.17 31.09 -31.16
CA SER B 327 1.00 31.28 -32.34
C SER B 327 0.85 32.69 -32.85
N HIS B 328 1.95 33.44 -32.87
CA HIS B 328 1.96 34.78 -33.44
C HIS B 328 2.27 34.70 -34.93
N PRO B 329 1.39 35.20 -35.80
CA PRO B 329 1.65 35.09 -37.24
C PRO B 329 2.95 35.78 -37.63
N VAL B 330 3.65 35.17 -38.58
CA VAL B 330 4.92 35.71 -39.05
C VAL B 330 4.63 36.82 -40.07
N ARG B 331 5.05 38.04 -39.74
CA ARG B 331 4.75 39.18 -40.61
C ARG B 331 5.49 39.08 -41.93
N GLN B 332 6.79 38.74 -41.88
CA GLN B 332 7.60 38.72 -43.09
C GLN B 332 7.17 37.62 -44.05
N PHE B 333 6.65 36.51 -43.52
CA PHE B 333 6.28 35.39 -44.38
C PHE B 333 5.16 35.78 -45.34
N ASP B 334 4.18 36.54 -44.86
CA ASP B 334 3.09 36.98 -45.73
C ASP B 334 3.60 37.82 -46.89
N ARG B 335 4.56 38.72 -46.60
CA ARG B 335 5.18 39.49 -47.68
C ARG B 335 5.89 38.57 -48.66
N TYR B 336 6.61 37.58 -48.15
CA TYR B 336 7.30 36.63 -49.03
C TYR B 336 6.31 35.74 -49.78
N PHE B 337 5.33 35.19 -49.07
CA PHE B 337 4.42 34.23 -49.68
C PHE B 337 3.54 34.90 -50.73
N GLN B 338 3.04 36.10 -50.43
CA GLN B 338 2.19 36.80 -51.39
C GLN B 338 2.95 37.19 -52.64
N SER B 339 4.28 37.34 -52.54
CA SER B 339 5.10 37.69 -53.69
C SER B 339 5.42 36.50 -54.57
N LEU B 340 5.04 35.29 -54.17
CA LEU B 340 5.30 34.11 -54.99
C LEU B 340 4.52 34.18 -56.30
N ASN B 341 5.10 33.61 -57.34
CA ASN B 341 4.57 33.71 -58.68
C ASN B 341 5.13 32.53 -59.46
N PRO B 342 4.29 31.75 -60.16
CA PRO B 342 4.81 30.62 -60.95
C PRO B 342 5.83 31.05 -62.00
N TYR B 343 5.87 32.33 -62.32
CA TYR B 343 6.87 32.86 -63.25
C TYR B 343 8.17 33.25 -62.55
N ASN B 344 8.23 33.17 -61.23
CA ASN B 344 9.48 33.39 -60.52
C ASN B 344 9.72 32.37 -59.41
N ASN B 345 8.96 31.28 -59.36
CA ASN B 345 9.11 30.23 -58.34
C ASN B 345 9.31 28.91 -59.08
N HIS B 346 10.56 28.60 -59.41
CA HIS B 346 10.90 27.36 -60.08
C HIS B 346 11.58 26.35 -59.16
N ARG B 347 11.95 26.76 -57.94
CA ARG B 347 12.44 25.79 -56.97
C ARG B 347 11.37 24.79 -56.61
N ASN B 348 10.13 25.25 -56.44
CA ASN B 348 9.01 24.43 -56.03
C ASN B 348 8.41 23.74 -57.25
N PRO B 349 8.46 22.41 -57.31
CA PRO B 349 7.77 21.72 -58.42
C PRO B 349 6.27 21.67 -58.25
N TRP B 350 5.77 21.53 -57.02
CA TRP B 350 4.34 21.48 -56.77
C TRP B 350 3.68 22.84 -56.94
N PHE B 351 4.45 23.92 -57.02
CA PHE B 351 3.86 25.26 -57.10
C PHE B 351 3.02 25.42 -58.35
N ARG B 352 3.49 24.91 -59.48
CA ARG B 352 2.70 24.96 -60.71
C ARG B 352 1.39 24.20 -60.54
N ASP B 353 1.45 23.02 -59.92
CA ASP B 353 0.23 22.30 -59.60
C ASP B 353 -0.58 23.04 -58.54
N PHE B 354 0.11 23.70 -57.60
CA PHE B 354 -0.58 24.48 -56.58
C PHE B 354 -1.34 25.65 -57.20
N TRP B 355 -0.71 26.31 -58.17
CA TRP B 355 -1.35 27.45 -58.82
C TRP B 355 -2.65 27.04 -59.50
N GLU B 356 -2.65 25.88 -60.15
CA GLU B 356 -3.85 25.37 -60.79
C GLU B 356 -4.94 25.10 -59.76
N GLN B 357 -4.62 24.33 -58.72
CA GLN B 357 -5.63 23.96 -57.73
C GLN B 357 -6.09 25.16 -56.91
N LYS B 358 -5.21 26.14 -56.69
CA LYS B 358 -5.57 27.31 -55.92
C LYS B 358 -6.63 28.14 -56.63
N PHE B 359 -6.44 28.37 -57.93
CA PHE B 359 -7.31 29.24 -58.70
C PHE B 359 -8.23 28.49 -59.66
N GLN B 360 -8.18 27.15 -59.66
CA GLN B 360 -9.03 26.31 -60.49
C GLN B 360 -8.88 26.60 -61.98
N CYS B 361 -7.75 27.17 -62.39
CA CYS B 361 -7.46 27.49 -63.78
C CYS B 361 -6.34 26.59 -64.29
N SER B 362 -5.95 26.84 -65.54
CA SER B 362 -4.88 26.08 -66.19
C SER B 362 -3.81 27.04 -66.68
N LEU B 363 -2.56 26.75 -66.33
CA LEU B 363 -1.45 27.58 -66.80
C LEU B 363 -1.21 27.43 -68.29
N GLN B 364 -1.67 26.33 -68.89
CA GLN B 364 -1.56 26.10 -70.32
C GLN B 364 -2.93 26.11 -70.95
N ASN B 365 -3.04 26.71 -72.14
CA ASN B 365 -4.32 26.81 -72.83
C ASN B 365 -4.81 25.48 -73.38
N LYS B 366 -3.98 24.43 -73.34
CA LYS B 366 -4.40 23.13 -73.86
C LYS B 366 -5.54 22.52 -73.06
N ARG B 367 -5.75 22.95 -71.82
CA ARG B 367 -6.76 22.35 -70.97
C ARG B 367 -8.08 23.11 -71.02
N ASN B 368 -8.06 24.39 -70.69
CA ASN B 368 -9.26 25.22 -70.61
C ASN B 368 -10.30 24.61 -69.68
N HIS B 369 -9.83 24.04 -68.57
CA HIS B 369 -10.72 23.43 -67.58
C HIS B 369 -11.36 24.54 -66.75
N ARG B 370 -12.48 25.05 -67.27
CA ARG B 370 -13.36 26.00 -66.62
C ARG B 370 -12.75 27.40 -66.50
N GLN B 371 -11.46 27.52 -66.83
CA GLN B 371 -10.75 28.80 -66.78
C GLN B 371 -9.32 28.55 -67.25
N VAL B 372 -8.67 29.62 -67.72
CA VAL B 372 -7.26 29.62 -68.04
C VAL B 372 -6.60 30.72 -67.22
N CYS B 373 -5.50 30.40 -66.56
CA CYS B 373 -4.85 31.35 -65.66
C CYS B 373 -4.37 32.57 -66.43
N ASP B 374 -4.29 33.70 -65.72
CA ASP B 374 -3.91 34.98 -66.31
C ASP B 374 -2.76 35.59 -65.52
N LYS B 375 -2.09 36.56 -66.15
CA LYS B 375 -0.89 37.15 -65.58
C LYS B 375 -1.16 38.06 -64.39
N HIS B 376 -2.39 38.55 -64.22
CA HIS B 376 -2.68 39.43 -63.10
C HIS B 376 -3.15 38.67 -61.86
N LEU B 377 -3.21 37.35 -61.92
CA LEU B 377 -3.50 36.56 -60.74
C LEU B 377 -2.35 36.64 -59.75
N ALA B 378 -2.68 36.79 -58.46
CA ALA B 378 -1.67 36.90 -57.43
C ALA B 378 -2.26 36.51 -56.09
N ILE B 379 -1.37 36.22 -55.15
CA ILE B 379 -1.76 35.91 -53.78
C ILE B 379 -1.81 37.21 -53.00
N ASP B 380 -2.98 37.52 -52.43
CA ASP B 380 -3.17 38.76 -51.69
C ASP B 380 -3.85 38.46 -50.35
N SER B 381 -4.14 39.53 -49.61
CA SER B 381 -4.70 39.38 -48.28
C SER B 381 -6.12 38.83 -48.28
N SER B 382 -6.79 38.83 -49.44
CA SER B 382 -8.17 38.34 -49.47
C SER B 382 -8.24 36.85 -49.71
N ASN B 383 -7.44 36.33 -50.64
CA ASN B 383 -7.47 34.91 -50.96
C ASN B 383 -6.51 34.08 -50.11
N TYR B 384 -5.78 34.70 -49.20
CA TYR B 384 -4.76 34.01 -48.41
C TYR B 384 -4.89 34.38 -46.94
N GLU B 385 -4.59 33.40 -46.09
CA GLU B 385 -4.53 33.60 -44.65
C GLU B 385 -3.43 32.72 -44.10
N GLN B 386 -2.53 33.29 -43.30
CA GLN B 386 -1.37 32.55 -42.81
C GLN B 386 -1.83 31.38 -41.95
N GLU B 387 -1.20 30.23 -42.17
CA GLU B 387 -1.54 29.03 -41.41
C GLU B 387 -1.17 29.22 -39.94
N SER B 388 -1.89 28.51 -39.08
CA SER B 388 -1.71 28.69 -37.64
C SER B 388 -0.33 28.24 -37.17
N LYS B 389 0.28 27.27 -37.85
CA LYS B 389 1.53 26.68 -37.38
C LYS B 389 2.73 27.08 -38.20
N ILE B 390 2.65 28.18 -38.95
CA ILE B 390 3.83 28.66 -39.68
C ILE B 390 4.91 29.09 -38.71
N MET B 391 4.53 29.61 -37.55
CA MET B 391 5.52 30.00 -36.55
C MET B 391 6.38 28.82 -36.13
N PHE B 392 5.77 27.64 -35.98
CA PHE B 392 6.52 26.47 -35.57
C PHE B 392 7.39 25.92 -36.70
N VAL B 393 6.95 26.05 -37.95
CA VAL B 393 7.76 25.61 -39.07
C VAL B 393 9.03 26.43 -39.17
N VAL B 394 8.92 27.75 -39.01
CA VAL B 394 10.09 28.62 -39.06
C VAL B 394 11.01 28.33 -37.87
N ASN B 395 10.43 28.11 -36.69
CA ASN B 395 11.23 27.80 -35.52
C ASN B 395 11.98 26.49 -35.69
N ALA B 396 11.33 25.49 -36.28
CA ALA B 396 11.97 24.19 -36.46
C ALA B 396 13.19 24.32 -37.37
N VAL B 397 13.08 25.08 -38.46
CA VAL B 397 14.22 25.30 -39.33
C VAL B 397 15.30 26.08 -38.60
N TYR B 398 14.91 27.08 -37.82
CA TYR B 398 15.89 27.87 -37.09
C TYR B 398 16.53 27.09 -35.95
N ALA B 399 15.77 26.20 -35.29
CA ALA B 399 16.35 25.39 -34.24
C ALA B 399 17.44 24.48 -34.79
N MET B 400 17.20 23.86 -35.95
CA MET B 400 18.25 23.09 -36.61
C MET B 400 19.42 23.98 -37.00
N ALA B 401 19.14 25.17 -37.52
CA ALA B 401 20.22 26.06 -37.92
C ALA B 401 21.03 26.53 -36.73
N HIS B 402 20.37 26.83 -35.61
CA HIS B 402 21.08 27.25 -34.41
C HIS B 402 21.97 26.13 -33.88
N ALA B 403 21.45 24.90 -33.86
CA ALA B 403 22.25 23.78 -33.38
C ALA B 403 23.46 23.54 -34.28
N LEU B 404 23.27 23.61 -35.59
CA LEU B 404 24.39 23.46 -36.51
C LEU B 404 25.38 24.61 -36.36
N HIS B 405 24.86 25.82 -36.13
CA HIS B 405 25.75 26.97 -35.95
C HIS B 405 26.59 26.81 -34.69
N LYS B 406 25.97 26.39 -33.58
CA LYS B 406 26.72 26.19 -32.35
C LYS B 406 27.73 25.06 -32.50
N MET B 407 27.36 23.98 -33.18
CA MET B 407 28.30 22.89 -33.38
C MET B 407 29.44 23.31 -34.31
N GLN B 408 29.23 24.34 -35.12
CA GLN B 408 30.30 24.85 -35.97
C GLN B 408 31.33 25.62 -35.15
N ARG B 409 30.90 26.27 -34.07
CA ARG B 409 31.83 27.00 -33.22
C ARG B 409 32.66 26.03 -32.38
N THR B 410 31.98 25.11 -31.69
CA THR B 410 32.67 24.22 -30.76
C THR B 410 33.60 23.25 -31.49
N LEU B 411 33.11 22.64 -32.57
CA LEU B 411 33.90 21.63 -33.27
C LEU B 411 35.16 22.23 -33.88
N CYS B 412 35.06 23.42 -34.46
CA CYS B 412 36.21 24.09 -35.06
C CYS B 412 36.01 25.60 -35.00
N PRO B 413 36.47 26.22 -33.91
CA PRO B 413 36.40 27.68 -33.84
C PRO B 413 37.41 28.33 -34.76
N ASN B 414 37.21 29.63 -35.00
CA ASN B 414 38.05 30.42 -35.90
C ASN B 414 38.02 29.85 -37.31
N THR B 415 36.90 29.23 -37.70
CA THR B 415 36.73 28.65 -39.03
C THR B 415 35.42 29.20 -39.59
N THR B 416 35.52 30.10 -40.57
CA THR B 416 34.32 30.67 -41.17
C THR B 416 33.52 29.61 -41.91
N LYS B 417 34.20 28.69 -42.61
CA LYS B 417 33.53 27.62 -43.32
C LYS B 417 33.34 26.43 -42.38
N LEU B 418 32.93 25.29 -42.94
CA LEU B 418 32.79 24.07 -42.16
C LEU B 418 34.07 23.25 -42.30
N CYS B 419 34.59 22.79 -41.17
CA CYS B 419 35.86 22.08 -41.15
C CYS B 419 35.68 20.65 -41.66
N ASP B 420 36.82 19.96 -41.83
CA ASP B 420 36.76 18.55 -42.18
C ASP B 420 36.15 17.73 -41.04
N ALA B 421 36.25 18.23 -39.81
CA ALA B 421 35.50 17.62 -38.71
C ALA B 421 34.00 17.77 -38.94
N MET B 422 33.58 18.94 -39.43
CA MET B 422 32.20 19.11 -39.85
C MET B 422 31.82 18.24 -41.04
N LYS B 423 32.81 17.82 -41.85
CA LYS B 423 32.49 17.05 -43.03
C LYS B 423 31.85 15.71 -42.69
N ILE B 424 32.00 15.26 -41.45
CA ILE B 424 31.29 14.10 -40.93
C ILE B 424 30.46 14.55 -39.72
N LEU B 425 29.17 14.26 -39.75
CA LEU B 425 28.25 14.69 -38.71
C LEU B 425 27.79 13.50 -37.88
N ASP B 426 27.68 13.71 -36.57
CA ASP B 426 27.25 12.68 -35.64
C ASP B 426 25.89 13.06 -35.08
N GLY B 427 24.93 12.15 -35.21
CA GLY B 427 23.57 12.45 -34.78
C GLY B 427 23.45 12.62 -33.28
N LYS B 428 24.11 11.74 -32.51
CA LYS B 428 23.96 11.76 -31.06
C LYS B 428 24.49 13.06 -30.47
N LYS B 429 25.65 13.52 -30.95
CA LYS B 429 26.22 14.75 -30.42
C LYS B 429 25.37 15.96 -30.81
N LEU B 430 25.00 16.06 -32.09
CA LEU B 430 24.24 17.21 -32.56
C LEU B 430 22.88 17.29 -31.88
N TYR B 431 22.29 16.15 -31.53
CA TYR B 431 20.95 16.15 -30.95
C TYR B 431 20.98 16.53 -29.47
N LYS B 432 21.66 15.74 -28.65
CA LYS B 432 21.58 15.92 -27.21
C LYS B 432 22.35 17.14 -26.73
N GLU B 433 23.55 17.36 -27.25
CA GLU B 433 24.42 18.40 -26.69
C GLU B 433 23.94 19.81 -27.04
N TYR B 434 23.53 20.02 -28.29
CA TYR B 434 23.22 21.35 -28.79
C TYR B 434 21.74 21.52 -29.12
N LEU B 435 21.17 20.64 -29.95
CA LEU B 435 19.79 20.81 -30.36
C LEU B 435 18.83 20.69 -29.19
N LEU B 436 19.07 19.73 -28.30
CA LEU B 436 18.20 19.53 -27.15
C LEU B 436 18.44 20.54 -26.03
N LYS B 437 19.30 21.53 -26.26
CA LYS B 437 19.57 22.54 -25.25
C LYS B 437 19.59 23.96 -25.79
N ILE B 438 19.16 24.18 -27.04
CA ILE B 438 19.19 25.52 -27.61
C ILE B 438 18.22 26.42 -26.86
N ASN B 439 18.53 27.71 -26.83
CA ASN B 439 17.73 28.65 -26.05
C ASN B 439 17.52 29.99 -26.77
N PHE B 440 17.58 30.00 -28.10
CA PHE B 440 17.45 31.26 -28.82
C PHE B 440 16.00 31.74 -28.83
N THR B 441 15.85 33.06 -28.94
CA THR B 441 14.52 33.66 -29.04
C THR B 441 13.97 33.51 -30.45
N ALA B 442 12.65 33.46 -30.54
CA ALA B 442 12.02 33.19 -31.83
C ALA B 442 12.28 34.35 -32.80
N PRO B 443 12.57 34.05 -34.07
CA PRO B 443 12.74 35.11 -35.06
C PRO B 443 11.42 35.53 -35.67
N PHE B 444 11.44 36.72 -36.30
CA PHE B 444 10.29 37.32 -36.96
C PHE B 444 9.12 37.56 -36.01
N ASN B 445 9.35 37.50 -34.71
CA ASN B 445 8.26 37.75 -33.78
C ASN B 445 8.35 39.18 -33.27
N PRO B 446 7.36 40.04 -33.56
CA PRO B 446 7.49 41.45 -33.17
C PRO B 446 7.62 41.68 -31.68
N ASN B 447 6.97 40.85 -30.86
CA ASN B 447 7.02 41.00 -29.40
C ASN B 447 8.15 40.12 -28.87
N LYS B 448 9.37 40.66 -28.97
CA LYS B 448 10.54 39.94 -28.49
C LYS B 448 10.48 39.72 -26.98
N GLY B 449 10.09 40.74 -26.23
CA GLY B 449 9.97 40.63 -24.79
C GLY B 449 8.70 39.91 -24.37
N ALA B 450 8.58 38.66 -24.78
CA ALA B 450 7.36 37.88 -24.55
C ALA B 450 7.77 36.42 -24.41
N ASP B 451 6.79 35.52 -24.60
CA ASP B 451 7.03 34.09 -24.47
C ASP B 451 7.66 33.53 -25.75
N SER B 452 8.27 34.41 -26.55
CA SER B 452 8.92 34.00 -27.80
C SER B 452 10.32 33.47 -27.50
N ILE B 453 10.35 32.32 -26.83
CA ILE B 453 11.59 31.64 -26.47
C ILE B 453 11.50 30.24 -27.05
N VAL B 454 12.35 29.94 -28.03
CA VAL B 454 12.38 28.61 -28.62
C VAL B 454 13.34 27.74 -27.82
N LYS B 455 12.80 26.70 -27.20
CA LYS B 455 13.62 25.80 -26.39
C LYS B 455 12.93 24.46 -26.21
N PHE B 456 13.68 23.37 -26.37
CA PHE B 456 13.16 22.03 -26.15
C PHE B 456 13.45 21.60 -24.72
N ASP B 457 12.51 20.89 -24.13
CA ASP B 457 12.67 20.38 -22.77
C ASP B 457 13.56 19.13 -22.81
N THR B 458 13.62 18.41 -21.68
CA THR B 458 14.44 17.21 -21.63
C THR B 458 13.91 16.09 -22.54
N PHE B 459 12.66 16.19 -22.99
CA PHE B 459 12.08 15.22 -23.90
C PHE B 459 12.08 15.69 -25.35
N GLY B 460 12.61 16.88 -25.63
CA GLY B 460 12.58 17.42 -26.97
C GLY B 460 11.24 18.01 -27.37
N ASP B 461 10.32 18.18 -26.43
CA ASP B 461 8.99 18.70 -26.71
C ASP B 461 9.03 20.23 -26.82
N GLY B 462 7.87 20.82 -27.02
CA GLY B 462 7.73 22.25 -26.98
C GLY B 462 7.60 22.75 -25.55
N MET B 463 7.21 24.01 -25.43
CA MET B 463 7.06 24.63 -24.11
C MET B 463 5.65 24.60 -23.56
N GLY B 464 4.64 24.43 -24.42
CA GLY B 464 3.27 24.33 -23.95
C GLY B 464 2.61 25.65 -23.65
N ARG B 465 2.51 26.52 -24.65
CA ARG B 465 1.82 27.80 -24.52
C ARG B 465 0.50 27.72 -25.26
N TYR B 466 -0.59 28.01 -24.56
CA TYR B 466 -1.93 27.95 -25.12
C TYR B 466 -2.67 29.26 -24.88
N ASN B 467 -3.79 29.41 -25.59
CA ASN B 467 -4.65 30.58 -25.46
C ASN B 467 -6.04 30.09 -25.05
N VAL B 468 -6.43 30.41 -23.83
CA VAL B 468 -7.73 29.98 -23.29
C VAL B 468 -8.80 30.87 -23.93
N PHE B 469 -9.50 30.35 -24.93
CA PHE B 469 -10.57 31.08 -25.58
C PHE B 469 -11.87 30.91 -24.80
N ASN B 470 -12.90 31.62 -25.24
CA ASN B 470 -14.23 31.51 -24.65
C ASN B 470 -15.29 32.01 -25.61
N LEU B 471 -16.21 31.12 -26.00
CA LEU B 471 -17.31 31.54 -26.87
C LEU B 471 -18.18 32.56 -26.15
N GLN B 472 -18.50 33.64 -26.85
CA GLN B 472 -19.23 34.75 -26.24
C GLN B 472 -20.33 35.22 -27.18
N GLN B 473 -21.37 35.78 -26.59
CA GLN B 473 -22.48 36.39 -27.32
C GLN B 473 -22.49 37.89 -27.04
N THR B 474 -22.51 38.68 -28.11
CA THR B 474 -22.57 40.13 -27.98
C THR B 474 -23.99 40.65 -27.86
N GLY B 475 -24.98 39.78 -27.96
CA GLY B 475 -26.37 40.18 -27.87
C GLY B 475 -27.17 39.66 -29.04
N GLY B 476 -26.56 39.65 -30.22
CA GLY B 476 -27.19 39.09 -31.40
C GLY B 476 -26.22 38.23 -32.20
N LYS B 477 -24.95 38.28 -31.85
CA LYS B 477 -23.90 37.58 -32.58
C LYS B 477 -23.01 36.81 -31.61
N TYR B 478 -22.51 35.67 -32.08
CA TYR B 478 -21.62 34.82 -31.30
C TYR B 478 -20.22 34.87 -31.88
N SER B 479 -19.23 34.95 -31.00
CA SER B 479 -17.83 35.01 -31.42
C SER B 479 -16.94 34.62 -30.26
N TYR B 480 -15.79 34.04 -30.59
CA TYR B 480 -14.80 33.68 -29.59
C TYR B 480 -14.02 34.91 -29.14
N LEU B 481 -13.34 34.78 -28.01
CA LEU B 481 -12.54 35.87 -27.46
C LEU B 481 -11.53 35.29 -26.49
N LYS B 482 -10.25 35.55 -26.70
CA LYS B 482 -9.22 35.07 -25.80
C LYS B 482 -9.41 35.68 -24.41
N VAL B 483 -9.41 34.83 -23.39
CA VAL B 483 -9.64 35.29 -22.02
C VAL B 483 -8.55 34.75 -21.10
N GLY B 484 -7.40 34.39 -21.65
CA GLY B 484 -6.31 33.92 -20.81
C GLY B 484 -5.26 33.09 -21.51
N HIS B 485 -4.02 33.22 -21.05
CA HIS B 485 -2.90 32.46 -21.56
C HIS B 485 -2.53 31.35 -20.58
N TRP B 486 -1.83 30.34 -21.08
CA TRP B 486 -1.32 29.25 -20.25
C TRP B 486 0.07 28.88 -20.77
N ALA B 487 1.09 29.53 -20.21
CA ALA B 487 2.47 29.17 -20.55
C ALA B 487 2.95 28.00 -19.69
N GLU B 488 3.04 28.22 -18.39
CA GLU B 488 3.25 27.13 -17.43
C GLU B 488 2.30 27.29 -16.27
N THR B 489 1.87 28.53 -16.02
CA THR B 489 0.91 28.86 -14.98
C THR B 489 -0.28 29.56 -15.61
N LEU B 490 -1.48 29.15 -15.22
CA LEU B 490 -2.69 29.72 -15.78
C LEU B 490 -2.84 31.18 -15.38
N SER B 491 -3.39 31.98 -16.30
CA SER B 491 -3.62 33.40 -16.04
C SER B 491 -4.85 33.82 -16.85
N LEU B 492 -5.99 33.92 -16.18
CA LEU B 492 -7.26 34.20 -16.82
C LEU B 492 -7.73 35.62 -16.51
N ASP B 493 -8.82 36.01 -17.16
CA ASP B 493 -9.53 37.26 -16.90
C ASP B 493 -10.94 36.86 -16.47
N VAL B 494 -11.11 36.64 -15.16
CA VAL B 494 -12.35 36.07 -14.65
C VAL B 494 -13.54 36.99 -14.86
N ASP B 495 -13.32 38.30 -14.87
CA ASP B 495 -14.39 39.28 -14.93
C ASP B 495 -14.72 39.71 -16.36
N SER B 496 -14.28 38.94 -17.36
CA SER B 496 -14.60 39.25 -18.74
C SER B 496 -15.03 37.99 -19.49
N ILE B 497 -15.47 36.97 -18.75
CA ILE B 497 -15.77 35.66 -19.32
C ILE B 497 -17.28 35.44 -19.14
N HIS B 498 -17.98 35.33 -20.27
CA HIS B 498 -19.40 35.02 -20.24
C HIS B 498 -19.61 33.53 -19.95
N TRP B 499 -20.54 33.23 -19.05
CA TRP B 499 -20.90 31.85 -18.78
C TRP B 499 -22.28 31.54 -19.34
N SER B 500 -22.63 30.25 -19.28
CA SER B 500 -23.94 29.82 -19.79
C SER B 500 -25.07 30.21 -18.85
N ARG B 501 -24.80 30.27 -17.55
CA ARG B 501 -25.81 30.66 -16.56
C ARG B 501 -25.78 32.15 -16.27
N ASN B 502 -24.98 32.93 -17.00
CA ASN B 502 -24.74 34.35 -16.73
C ASN B 502 -24.17 34.59 -15.35
N SER B 503 -23.62 33.54 -14.73
CA SER B 503 -22.94 33.62 -13.45
C SER B 503 -21.94 32.47 -13.40
N VAL B 504 -20.90 32.64 -12.60
CA VAL B 504 -19.85 31.63 -12.47
C VAL B 504 -20.45 30.32 -11.99
N PRO B 505 -20.52 29.29 -12.84
CA PRO B 505 -21.15 28.04 -12.42
C PRO B 505 -20.22 27.22 -11.53
N THR B 506 -20.85 26.41 -10.69
CA THR B 506 -20.14 25.49 -9.82
C THR B 506 -20.74 24.10 -9.97
N SER B 507 -19.88 23.09 -10.02
CA SER B 507 -20.31 21.70 -10.20
C SER B 507 -20.10 20.98 -8.88
N GLN B 508 -21.15 20.91 -8.06
CA GLN B 508 -21.04 20.31 -6.74
C GLN B 508 -22.28 19.48 -6.42
N CYS B 509 -22.03 18.27 -5.95
CA CYS B 509 -23.02 17.41 -5.30
C CYS B 509 -22.73 17.21 -3.82
N SER B 510 -21.63 17.77 -3.31
CA SER B 510 -21.37 17.84 -1.87
C SER B 510 -20.52 19.06 -1.57
N ASP B 511 -21.03 19.95 -0.75
CA ASP B 511 -20.25 21.07 -0.26
C ASP B 511 -19.21 20.58 0.75
N PRO B 512 -18.10 21.31 0.90
CA PRO B 512 -17.09 20.90 1.89
C PRO B 512 -17.62 21.04 3.31
N CYS B 513 -17.02 20.25 4.20
CA CYS B 513 -17.49 20.18 5.59
C CYS B 513 -16.30 20.42 6.52
N ALA B 514 -16.62 20.83 7.74
CA ALA B 514 -15.70 21.49 8.67
C ALA B 514 -15.59 20.70 9.97
N PRO B 515 -14.82 21.18 10.97
CA PRO B 515 -14.99 20.67 12.34
C PRO B 515 -16.44 20.53 12.78
N ASN B 516 -17.36 21.29 12.20
CA ASN B 516 -18.75 20.89 12.21
C ASN B 516 -19.06 20.09 10.95
N GLU B 517 -19.76 18.97 11.10
CA GLU B 517 -19.94 17.97 10.04
C GLU B 517 -18.61 17.25 9.74
N MET B 518 -18.00 16.70 10.80
CA MET B 518 -16.65 16.15 10.68
C MET B 518 -16.63 14.88 9.83
N LYS B 519 -17.52 13.93 10.11
CA LYS B 519 -17.47 12.63 9.45
C LYS B 519 -17.75 12.78 7.96
N ASN B 520 -17.56 11.68 7.22
CA ASN B 520 -17.79 11.67 5.78
C ASN B 520 -18.14 10.26 5.33
N MET B 521 -19.43 10.03 5.06
CA MET B 521 -19.90 8.79 4.46
C MET B 521 -20.18 9.00 2.98
N GLN B 522 -19.91 7.98 2.17
CA GLN B 522 -20.00 8.05 0.72
C GLN B 522 -21.14 7.14 0.25
N PRO B 523 -22.34 7.68 0.07
CA PRO B 523 -23.45 6.82 -0.37
C PRO B 523 -23.38 6.45 -1.85
N GLY B 524 -23.09 7.42 -2.72
CA GLY B 524 -23.12 7.19 -4.15
C GLY B 524 -21.76 7.31 -4.80
N ASP B 525 -21.53 8.42 -5.50
CA ASP B 525 -20.24 8.66 -6.12
C ASP B 525 -19.16 8.77 -5.06
N VAL B 526 -17.94 8.39 -5.44
CA VAL B 526 -16.82 8.31 -4.50
C VAL B 526 -16.52 9.69 -3.94
N CYS B 527 -16.64 10.73 -4.78
CA CYS B 527 -16.14 12.04 -4.41
C CYS B 527 -17.12 12.88 -3.59
N CYS B 528 -18.39 12.97 -3.98
CA CYS B 528 -19.33 13.77 -3.18
C CYS B 528 -20.02 12.89 -2.14
N TRP B 529 -19.32 12.77 -1.00
CA TRP B 529 -19.79 12.11 0.20
C TRP B 529 -20.85 12.96 0.90
N ILE B 530 -21.51 12.37 1.89
CA ILE B 530 -22.38 13.09 2.81
C ILE B 530 -21.67 13.15 4.15
N CYS B 531 -21.36 14.35 4.62
CA CYS B 531 -20.75 14.48 5.94
C CYS B 531 -21.81 14.39 7.03
N ILE B 532 -21.44 13.79 8.14
CA ILE B 532 -22.34 13.54 9.27
C ILE B 532 -21.83 14.32 10.47
N PRO B 533 -22.69 15.04 11.20
CA PRO B 533 -22.21 15.71 12.41
C PRO B 533 -21.74 14.69 13.43
N CYS B 534 -20.46 14.75 13.81
CA CYS B 534 -19.91 13.73 14.70
C CYS B 534 -20.65 13.75 16.03
N GLU B 535 -20.80 12.57 16.63
CA GLU B 535 -21.41 12.45 17.95
C GLU B 535 -20.79 13.51 18.83
N PRO B 536 -21.61 14.36 19.47
CA PRO B 536 -21.07 15.56 20.13
C PRO B 536 -19.92 15.25 21.08
N TYR B 537 -19.01 16.23 21.20
CA TYR B 537 -17.97 16.22 22.23
C TYR B 537 -16.88 15.19 21.88
N GLU B 538 -16.45 15.20 20.61
CA GLU B 538 -15.86 14.03 19.97
C GLU B 538 -14.34 14.11 19.85
N TYR B 539 -13.80 13.13 19.11
CA TYR B 539 -12.42 13.06 18.60
C TYR B 539 -12.40 12.93 17.08
N LEU B 540 -11.91 13.95 16.40
CA LEU B 540 -11.52 13.77 15.01
C LEU B 540 -10.31 12.86 14.94
N VAL B 541 -10.37 11.85 14.08
CA VAL B 541 -9.23 10.97 13.86
C VAL B 541 -9.00 10.86 12.36
N ASP B 542 -10.04 11.13 11.57
CA ASP B 542 -9.97 11.08 10.12
C ASP B 542 -11.18 11.81 9.56
N GLU B 543 -11.02 12.33 8.34
CA GLU B 543 -12.15 12.96 7.67
C GLU B 543 -13.24 11.94 7.36
N PHE B 544 -12.84 10.73 6.94
CA PHE B 544 -13.81 9.71 6.60
C PHE B 544 -14.56 9.20 7.85
N THR B 545 -13.82 8.89 8.91
CA THR B 545 -14.40 8.28 10.10
C THR B 545 -13.90 9.02 11.34
N CYS B 546 -14.77 9.12 12.34
CA CYS B 546 -14.60 10.00 13.48
C CYS B 546 -15.20 9.37 14.74
N MET B 547 -14.33 9.10 15.71
CA MET B 547 -14.73 8.38 16.93
C MET B 547 -14.76 9.34 18.12
N ASP B 548 -15.14 8.80 19.28
CA ASP B 548 -15.43 9.64 20.46
C ASP B 548 -14.78 9.02 21.70
N CYS B 549 -13.64 9.58 22.12
CA CYS B 549 -13.03 9.15 23.38
C CYS B 549 -13.74 9.77 24.58
N GLY B 550 -13.66 11.09 24.70
CA GLY B 550 -14.30 11.85 25.74
C GLY B 550 -15.60 12.54 25.37
N PRO B 551 -16.68 11.80 25.09
CA PRO B 551 -17.94 12.47 24.73
C PRO B 551 -18.62 13.17 25.90
N GLY B 552 -17.96 13.26 27.05
CA GLY B 552 -18.57 13.84 28.23
C GLY B 552 -18.04 15.19 28.67
N GLN B 553 -16.75 15.45 28.53
CA GLN B 553 -16.24 16.68 29.12
C GLN B 553 -15.02 17.20 28.36
N TRP B 554 -15.15 18.43 27.88
CA TRP B 554 -14.03 19.30 27.52
C TRP B 554 -13.04 18.74 26.48
N PRO B 555 -13.49 18.58 25.22
CA PRO B 555 -12.55 18.30 24.12
C PRO B 555 -12.07 19.57 23.44
N THR B 556 -11.37 19.41 22.33
CA THR B 556 -11.10 20.49 21.40
C THR B 556 -11.91 20.25 20.12
N ALA B 557 -11.91 21.26 19.24
CA ALA B 557 -12.52 21.17 17.94
C ALA B 557 -11.62 20.47 16.92
N ASP B 558 -10.58 19.79 17.38
CA ASP B 558 -9.59 19.15 16.52
C ASP B 558 -9.31 17.77 17.10
N LEU B 559 -8.21 17.17 16.65
CA LEU B 559 -7.85 15.80 17.05
C LEU B 559 -7.18 15.78 18.42
N SER B 560 -7.78 16.40 19.43
CA SER B 560 -7.10 16.47 20.72
C SER B 560 -7.95 16.02 21.90
N GLY B 561 -9.26 16.29 21.88
CA GLY B 561 -10.08 16.11 23.07
C GLY B 561 -10.44 14.70 23.48
N CYS B 562 -9.82 14.20 24.57
CA CYS B 562 -10.07 12.82 25.02
C CYS B 562 -9.92 12.80 26.55
N TYR B 563 -11.06 12.83 27.24
CA TYR B 563 -11.12 12.70 28.70
C TYR B 563 -10.25 13.75 29.39
N ASN B 564 -10.21 14.95 28.81
CA ASN B 564 -9.35 16.02 29.35
C ASN B 564 -9.99 16.63 30.60
N LEU B 565 -9.96 15.87 31.68
CA LEU B 565 -10.68 16.26 32.88
C LEU B 565 -9.73 16.92 33.88
N PRO B 566 -9.59 18.23 33.85
CA PRO B 566 -8.87 18.91 34.92
C PRO B 566 -9.57 18.70 36.25
N GLU B 567 -8.78 18.53 37.30
CA GLU B 567 -9.34 18.24 38.61
C GLU B 567 -10.04 19.47 39.18
N ASP B 568 -10.99 19.22 40.07
CA ASP B 568 -11.66 20.30 40.80
C ASP B 568 -10.91 20.58 42.09
N TYR B 569 -11.53 21.35 42.99
CA TYR B 569 -10.93 21.71 44.27
C TYR B 569 -11.59 20.91 45.39
N ILE B 570 -11.21 21.23 46.62
CA ILE B 570 -11.82 20.59 47.78
C ILE B 570 -13.33 20.84 47.81
N LYS B 571 -13.72 22.09 47.56
CA LYS B 571 -15.13 22.44 47.39
C LYS B 571 -15.47 22.78 45.95
N TRP B 572 -14.73 22.21 44.98
CA TRP B 572 -14.97 22.53 43.58
C TRP B 572 -16.34 22.05 43.12
N GLU B 573 -16.77 20.88 43.59
CA GLU B 573 -18.07 20.36 43.19
C GLU B 573 -19.20 21.29 43.62
N ASP B 574 -19.14 21.79 44.86
CA ASP B 574 -20.11 22.75 45.36
C ASP B 574 -19.64 24.19 45.16
N ALA B 575 -19.27 24.52 43.92
CA ALA B 575 -18.80 25.87 43.64
C ALA B 575 -19.95 26.88 43.70
N TRP B 576 -21.09 26.55 43.12
CA TRP B 576 -22.25 27.43 43.09
C TRP B 576 -23.52 26.64 43.43
N ALA B 577 -23.45 25.85 44.52
CA ALA B 577 -24.60 25.06 44.92
C ALA B 577 -25.79 25.93 45.29
N ILE B 578 -25.55 27.01 46.03
CA ILE B 578 -26.61 27.93 46.42
C ILE B 578 -27.59 27.27 47.39
N CYS B 585 -25.24 28.47 49.50
CA CYS B 585 -24.67 27.54 50.46
C CYS B 585 -23.15 27.62 50.47
N LEU B 586 -22.62 28.70 49.89
CA LEU B 586 -21.18 28.89 49.85
C LEU B 586 -20.63 29.12 51.26
N GLY B 587 -19.47 28.53 51.53
CA GLY B 587 -18.87 28.66 52.84
C GLY B 587 -19.74 28.02 53.91
N PHE B 588 -19.99 28.77 54.98
CA PHE B 588 -20.79 28.38 56.14
C PHE B 588 -20.05 27.43 57.09
N LEU B 589 -18.86 26.96 56.74
CA LEU B 589 -18.11 26.08 57.63
C LEU B 589 -17.52 26.85 58.81
N CYS B 590 -17.01 28.06 58.54
CA CYS B 590 -16.47 28.89 59.62
C CYS B 590 -17.57 29.38 60.54
N THR B 591 -18.82 29.42 60.06
CA THR B 591 -19.93 29.85 60.91
C THR B 591 -20.12 28.89 62.08
N CYS B 592 -19.97 27.60 61.83
CA CYS B 592 -20.08 26.62 62.92
C CYS B 592 -18.98 26.84 63.95
N ILE B 593 -17.77 27.13 63.50
CA ILE B 593 -16.67 27.43 64.43
C ILE B 593 -16.99 28.68 65.24
N VAL B 594 -17.54 29.70 64.58
CA VAL B 594 -17.94 30.92 65.29
C VAL B 594 -19.03 30.61 66.31
N ILE B 595 -20.01 29.80 65.90
CA ILE B 595 -21.07 29.39 66.83
C ILE B 595 -20.49 28.58 67.98
N THR B 596 -19.59 27.66 67.67
CA THR B 596 -18.92 26.89 68.72
C THR B 596 -18.07 27.78 69.61
N VAL B 597 -17.40 28.77 69.01
CA VAL B 597 -16.59 29.70 69.80
C VAL B 597 -17.49 30.51 70.74
N PHE B 598 -18.65 30.95 70.25
CA PHE B 598 -19.58 31.69 71.10
C PHE B 598 -20.09 30.81 72.24
N ILE B 599 -20.38 29.55 71.95
CA ILE B 599 -20.80 28.61 73.00
C ILE B 599 -19.67 28.38 74.00
N LYS B 600 -18.43 28.25 73.50
CA LYS B 600 -17.29 28.05 74.38
C LYS B 600 -17.08 29.26 75.27
N HIS B 601 -17.30 30.47 74.74
CA HIS B 601 -17.16 31.68 75.55
C HIS B 601 -18.17 31.70 76.69
N ASN B 602 -19.41 31.25 76.42
CA ASN B 602 -20.43 31.21 77.47
C ASN B 602 -20.04 30.26 78.59
N ASN B 603 -19.47 29.11 78.24
CA ASN B 603 -19.05 28.13 79.25
C ASN B 603 -17.67 28.49 79.80
N SER B 610 -17.54 23.04 89.92
CA SER B 610 -18.71 22.22 90.20
C SER B 610 -18.80 21.05 89.22
N GLY B 611 -19.65 21.19 88.21
CA GLY B 611 -19.81 20.15 87.21
C GLY B 611 -18.76 20.22 86.12
N ARG B 612 -17.49 20.10 86.51
CA ARG B 612 -16.40 20.16 85.53
C ARG B 612 -16.36 18.95 84.62
N GLU B 613 -17.02 17.85 85.00
CA GLU B 613 -17.01 16.66 84.16
C GLU B 613 -17.67 16.92 82.82
N LEU B 614 -18.80 17.64 82.81
CA LEU B 614 -19.45 17.98 81.55
C LEU B 614 -18.60 18.89 80.69
N CYS B 615 -17.93 19.86 81.32
CA CYS B 615 -17.08 20.79 80.58
C CYS B 615 -15.90 20.09 79.93
N TYR B 616 -15.31 19.11 80.63
CA TYR B 616 -14.16 18.40 80.08
C TYR B 616 -14.54 17.62 78.82
N ILE B 617 -15.70 16.97 78.83
CA ILE B 617 -16.14 16.18 77.69
C ILE B 617 -16.89 17.02 76.67
N LEU B 618 -17.74 17.94 77.13
CA LEU B 618 -18.52 18.76 76.20
C LEU B 618 -17.63 19.68 75.37
N LEU B 619 -16.58 20.24 75.98
CA LEU B 619 -15.70 21.16 75.26
C LEU B 619 -15.00 20.47 74.10
N PHE B 620 -14.52 19.24 74.33
CA PHE B 620 -13.83 18.51 73.26
C PHE B 620 -14.79 18.20 72.10
N GLY B 621 -16.02 17.81 72.41
CA GLY B 621 -16.97 17.47 71.37
C GLY B 621 -17.34 18.65 70.49
N VAL B 622 -17.52 19.82 71.10
CA VAL B 622 -17.90 21.01 70.34
C VAL B 622 -16.81 21.39 69.35
N SER B 623 -15.55 21.36 69.79
CA SER B 623 -14.44 21.70 68.91
C SER B 623 -14.31 20.70 67.77
N LEU B 624 -14.47 19.41 68.06
CA LEU B 624 -14.35 18.39 67.03
C LEU B 624 -15.46 18.50 66.00
N SER B 625 -16.68 18.82 66.45
CA SER B 625 -17.82 18.90 65.53
C SER B 625 -17.62 19.99 64.49
N TYR B 626 -17.11 21.14 64.90
CA TYR B 626 -16.89 22.24 63.96
C TYR B 626 -15.82 21.88 62.94
N CYS B 627 -14.76 21.19 63.38
CA CYS B 627 -13.67 20.85 62.47
C CYS B 627 -14.11 19.87 61.39
N MET B 628 -15.17 19.10 61.64
CA MET B 628 -15.65 18.14 60.65
C MET B 628 -16.14 18.85 59.39
N THR B 629 -16.86 19.96 59.55
CA THR B 629 -17.34 20.70 58.39
C THR B 629 -16.19 21.24 57.55
N PHE B 630 -15.17 21.78 58.21
CA PHE B 630 -14.01 22.32 57.49
C PHE B 630 -13.25 21.22 56.79
N PHE B 631 -12.97 20.12 57.50
CA PHE B 631 -12.27 18.99 56.89
C PHE B 631 -13.10 18.34 55.79
N PHE B 632 -14.40 18.18 56.04
CA PHE B 632 -15.27 17.55 55.04
C PHE B 632 -15.40 18.42 53.80
N ILE B 633 -15.54 19.73 53.98
CA ILE B 633 -15.75 20.64 52.85
C ILE B 633 -14.43 21.07 52.23
N ALA B 634 -13.54 21.66 53.03
CA ALA B 634 -12.25 22.12 52.53
C ALA B 634 -11.17 21.07 52.74
N PRO B 638 -6.09 15.15 48.55
CA PRO B 638 -6.42 13.77 48.91
C PRO B 638 -6.21 13.50 50.39
N VAL B 639 -5.20 14.14 50.98
CA VAL B 639 -4.93 13.97 52.41
C VAL B 639 -6.06 14.55 53.24
N ILE B 640 -6.64 15.67 52.78
CA ILE B 640 -7.72 16.32 53.52
C ILE B 640 -9.02 15.54 53.50
N CYS B 641 -9.10 14.49 52.70
CA CYS B 641 -10.31 13.68 52.62
C CYS B 641 -10.48 12.75 53.81
N ALA B 642 -9.48 12.62 54.67
CA ALA B 642 -9.56 11.76 55.84
C ALA B 642 -10.13 12.47 57.06
N LEU B 643 -10.55 13.72 56.93
CA LEU B 643 -11.08 14.46 58.07
C LEU B 643 -12.40 13.88 58.57
N ARG B 644 -13.07 13.05 57.78
CA ARG B 644 -14.33 12.46 58.21
C ARG B 644 -14.14 11.55 59.41
N ARG B 645 -12.96 10.94 59.53
CA ARG B 645 -12.70 10.07 60.68
C ARG B 645 -12.74 10.85 61.99
N LEU B 646 -12.18 12.07 61.99
CA LEU B 646 -12.20 12.90 63.18
C LEU B 646 -13.62 13.25 63.59
N GLY B 647 -14.48 13.56 62.62
CA GLY B 647 -15.86 13.85 62.93
C GLY B 647 -16.59 12.68 63.58
N LEU B 648 -16.34 11.47 63.09
CA LEU B 648 -16.90 10.28 63.71
C LEU B 648 -16.36 10.11 65.13
N GLY B 649 -15.07 10.35 65.33
CA GLY B 649 -14.50 10.30 66.67
C GLY B 649 -15.09 11.35 67.59
N THR B 650 -15.41 12.52 67.04
CA THR B 650 -16.03 13.58 67.85
C THR B 650 -17.38 13.14 68.39
N SER B 651 -18.17 12.44 67.56
CA SER B 651 -19.44 11.92 68.02
C SER B 651 -19.25 10.90 69.14
N PHE B 652 -18.11 10.21 69.16
CA PHE B 652 -17.82 9.29 70.25
C PHE B 652 -17.63 10.03 71.56
N ALA B 653 -17.15 11.27 71.50
CA ALA B 653 -17.01 12.08 72.71
C ALA B 653 -18.36 12.32 73.36
N ILE B 654 -19.38 12.63 72.55
CA ILE B 654 -20.74 12.78 73.08
C ILE B 654 -21.23 11.45 73.63
N CYS B 655 -21.01 10.37 72.89
CA CYS B 655 -21.39 9.05 73.36
C CYS B 655 -20.61 8.67 74.62
N TYR B 656 -19.32 8.97 74.66
CA TYR B 656 -18.52 8.71 75.86
C TYR B 656 -19.04 9.52 77.03
N SER B 657 -19.38 10.79 76.81
CA SER B 657 -19.97 11.60 77.87
C SER B 657 -21.32 11.04 78.30
N ALA B 658 -22.12 10.60 77.34
CA ALA B 658 -23.39 9.95 77.67
C ALA B 658 -23.16 8.67 78.45
N LEU B 659 -22.17 7.87 78.04
CA LEU B 659 -21.82 6.68 78.80
C LEU B 659 -21.30 7.05 80.18
N LEU B 660 -20.46 8.07 80.26
CA LEU B 660 -20.00 8.57 81.55
C LEU B 660 -21.17 9.12 82.37
N THR B 661 -22.05 9.88 81.71
CA THR B 661 -23.26 10.36 82.38
C THR B 661 -24.16 9.19 82.79
N LYS B 662 -24.28 8.19 81.91
CA LYS B 662 -25.08 7.01 82.25
C LYS B 662 -24.48 6.26 83.43
N THR B 663 -23.15 6.15 83.48
CA THR B 663 -22.51 5.49 84.61
C THR B 663 -22.76 6.25 85.91
N ASN B 664 -22.70 7.58 85.86
CA ASN B 664 -23.00 8.38 87.06
C ASN B 664 -24.44 8.20 87.49
N CYS B 665 -25.38 8.18 86.55
CA CYS B 665 -26.78 7.99 86.89
C CYS B 665 -27.03 6.62 87.49
N ILE B 666 -26.40 5.59 86.94
CA ILE B 666 -26.56 4.22 87.43
C ILE B 666 -25.86 4.03 88.77
N SER B 686 -15.77 4.66 90.76
CA SER B 686 -14.69 4.84 89.81
C SER B 686 -14.51 6.31 89.46
N SER B 687 -14.15 7.12 90.47
CA SER B 687 -13.93 8.55 90.24
C SER B 687 -12.75 8.77 89.31
N GLN B 688 -11.67 8.02 89.48
CA GLN B 688 -10.50 8.15 88.63
C GLN B 688 -10.65 7.45 87.29
N VAL B 689 -11.71 6.65 87.10
CA VAL B 689 -11.91 5.94 85.85
C VAL B 689 -12.40 6.83 84.73
N PHE B 690 -12.83 8.06 85.04
CA PHE B 690 -13.31 8.96 84.00
C PHE B 690 -12.21 9.30 83.01
N ILE B 691 -11.00 9.58 83.51
CA ILE B 691 -9.87 9.85 82.63
C ILE B 691 -9.52 8.63 81.80
N CYS B 692 -9.47 7.46 82.44
CA CYS B 692 -9.18 6.23 81.72
C CYS B 692 -10.31 5.86 80.76
N LEU B 693 -11.56 6.12 81.16
CA LEU B 693 -12.69 5.80 80.29
C LEU B 693 -12.64 6.61 78.99
N GLY B 694 -12.30 7.90 79.09
CA GLY B 694 -12.19 8.71 77.89
C GLY B 694 -11.09 8.23 76.96
N LEU B 695 -9.94 7.84 77.53
CA LEU B 695 -8.84 7.33 76.72
C LEU B 695 -9.22 6.03 76.03
N ILE B 696 -9.96 5.15 76.72
CA ILE B 696 -10.38 3.89 76.13
C ILE B 696 -11.28 4.13 74.93
N LEU B 697 -12.24 5.05 75.08
CA LEU B 697 -13.12 5.39 73.96
C LEU B 697 -12.34 6.05 72.82
N VAL B 698 -11.39 6.93 73.16
CA VAL B 698 -10.61 7.61 72.13
C VAL B 698 -9.74 6.63 71.37
N GLN B 699 -9.23 5.61 72.06
CA GLN B 699 -8.35 4.64 71.43
C GLN B 699 -9.06 3.88 70.32
N ILE B 700 -10.33 3.51 70.54
CA ILE B 700 -11.08 2.77 69.53
C ILE B 700 -11.25 3.59 68.27
N VAL B 701 -11.55 4.89 68.41
CA VAL B 701 -11.74 5.75 67.25
C VAL B 701 -10.44 5.87 66.45
N MET B 702 -9.32 6.03 67.15
CA MET B 702 -8.04 6.13 66.48
C MET B 702 -7.69 4.83 65.75
N VAL B 703 -7.98 3.69 66.37
CA VAL B 703 -7.68 2.40 65.75
C VAL B 703 -8.49 2.21 64.48
N SER B 704 -9.79 2.56 64.54
CA SER B 704 -10.64 2.41 63.35
C SER B 704 -10.16 3.32 62.22
N VAL B 705 -9.78 4.57 62.56
CA VAL B 705 -9.28 5.48 61.53
C VAL B 705 -7.99 4.96 60.93
N TRP B 706 -7.08 4.44 61.77
CA TRP B 706 -5.83 3.90 61.28
C TRP B 706 -6.05 2.68 60.40
N LEU B 707 -7.00 1.82 60.79
CA LEU B 707 -7.27 0.61 60.02
C LEU B 707 -7.77 0.94 58.62
N ILE B 708 -8.64 1.94 58.49
CA ILE B 708 -9.19 2.32 57.19
C ILE B 708 -8.30 3.34 56.49
N LEU B 709 -7.85 4.36 57.22
CA LEU B 709 -7.01 5.40 56.61
C LEU B 709 -5.63 4.87 56.28
N GLU B 710 -5.23 3.74 56.86
CA GLU B 710 -3.93 3.16 56.56
C GLU B 710 -3.93 2.52 55.17
N THR B 711 -4.79 1.53 54.96
CA THR B 711 -4.89 0.85 53.67
C THR B 711 -5.48 1.81 52.64
N PRO B 712 -6.74 2.21 52.80
CA PRO B 712 -7.34 3.15 51.84
C PRO B 712 -7.16 4.60 52.26
N GLY B 713 -7.63 5.53 51.44
CA GLY B 713 -7.57 6.94 51.76
C GLY B 713 -6.29 7.59 51.27
N THR B 714 -6.13 8.85 51.67
CA THR B 714 -4.98 9.67 51.30
C THR B 714 -4.96 10.04 49.82
N ARG B 715 -6.09 9.88 49.13
CA ARG B 715 -6.18 10.20 47.72
C ARG B 715 -7.63 10.53 47.38
N ARG B 716 -7.85 10.93 46.12
CA ARG B 716 -9.18 11.29 45.65
C ARG B 716 -9.51 10.48 44.41
N TYR B 717 -10.79 10.17 44.25
CA TYR B 717 -11.29 9.40 43.11
C TYR B 717 -12.16 10.30 42.25
N THR B 718 -12.00 10.16 40.92
CA THR B 718 -12.76 10.96 39.98
C THR B 718 -14.23 10.56 40.00
N LEU B 719 -15.06 11.37 39.35
CA LEU B 719 -16.51 11.14 39.28
C LEU B 719 -16.96 11.24 37.83
N PRO B 720 -16.55 10.28 37.00
CA PRO B 720 -17.01 10.29 35.60
C PRO B 720 -18.42 9.78 35.46
N GLU B 721 -19.36 10.67 35.15
CA GLU B 721 -20.76 10.32 35.02
C GLU B 721 -21.04 9.77 33.61
N LYS B 722 -22.31 9.58 33.28
CA LYS B 722 -22.71 9.07 31.97
C LYS B 722 -22.64 10.20 30.96
N ARG B 723 -21.41 10.53 30.57
CA ARG B 723 -21.13 11.58 29.59
C ARG B 723 -21.51 12.97 30.09
N GLU B 724 -21.63 13.15 31.41
CA GLU B 724 -21.99 14.46 31.94
C GLU B 724 -20.76 15.36 32.07
N THR B 725 -19.78 14.93 32.86
CA THR B 725 -18.56 15.71 33.07
C THR B 725 -17.60 14.84 33.87
N VAL B 726 -16.38 15.35 34.06
CA VAL B 726 -15.33 14.65 34.80
C VAL B 726 -14.84 15.58 35.89
N ILE B 727 -14.99 15.15 37.15
CA ILE B 727 -14.54 15.91 38.31
C ILE B 727 -13.70 14.98 39.18
N LEU B 728 -12.49 15.43 39.52
CA LEU B 728 -11.58 14.64 40.36
C LEU B 728 -11.92 14.92 41.82
N LYS B 729 -12.96 14.26 42.30
CA LYS B 729 -13.44 14.44 43.67
C LYS B 729 -12.61 13.58 44.62
N CYS B 730 -13.09 13.45 45.85
CA CYS B 730 -12.41 12.64 46.86
C CYS B 730 -12.72 11.16 46.63
N ASN B 731 -12.38 10.32 47.61
CA ASN B 731 -12.65 8.89 47.50
C ASN B 731 -14.14 8.65 47.39
N VAL B 732 -14.53 7.78 46.46
CA VAL B 732 -15.94 7.50 46.20
C VAL B 732 -16.40 6.31 47.04
N LYS B 733 -15.58 5.92 48.01
CA LYS B 733 -15.92 4.80 48.88
C LYS B 733 -16.83 5.28 50.00
N ASP B 734 -18.11 4.92 49.92
CA ASP B 734 -19.08 5.28 50.95
C ASP B 734 -18.98 4.39 52.17
N SER B 735 -18.19 3.32 52.12
CA SER B 735 -18.04 2.45 53.28
C SER B 735 -17.37 3.17 54.44
N SER B 736 -16.50 4.13 54.13
CA SER B 736 -15.84 4.90 55.19
C SER B 736 -16.87 5.67 56.02
N MET B 737 -17.85 6.28 55.36
CA MET B 737 -18.94 6.92 56.08
C MET B 737 -19.76 5.89 56.85
N LEU B 738 -20.05 4.75 56.22
CA LEU B 738 -20.76 3.68 56.91
C LEU B 738 -19.93 3.11 58.06
N ILE B 739 -18.62 2.94 57.84
CA ILE B 739 -17.75 2.43 58.89
C ILE B 739 -17.69 3.41 60.05
N SER B 740 -17.58 4.71 59.75
CA SER B 740 -17.56 5.72 60.81
C SER B 740 -18.87 5.73 61.58
N LEU B 741 -20.00 5.59 60.87
CA LEU B 741 -21.29 5.59 61.55
C LEU B 741 -21.45 4.38 62.46
N THR B 742 -20.77 3.28 62.13
CA THR B 742 -20.86 2.08 62.96
C THR B 742 -20.33 2.33 64.37
N TYR B 743 -19.18 3.00 64.47
CA TYR B 743 -18.62 3.31 65.78
C TYR B 743 -19.54 4.24 66.56
N ASP B 744 -20.07 5.26 65.90
CA ASP B 744 -20.99 6.19 66.56
C ASP B 744 -22.32 5.51 66.89
N VAL B 745 -22.77 4.60 66.01
CA VAL B 745 -24.03 3.92 66.22
C VAL B 745 -23.98 3.10 67.50
N VAL B 746 -22.88 2.38 67.71
CA VAL B 746 -22.73 1.58 68.94
C VAL B 746 -22.73 2.49 70.16
N LEU B 747 -21.95 3.58 70.10
CA LEU B 747 -21.95 4.54 71.20
C LEU B 747 -23.30 5.20 71.37
N VAL B 748 -23.94 5.57 70.25
CA VAL B 748 -25.26 6.19 70.31
C VAL B 748 -26.29 5.19 70.83
N ILE B 749 -26.21 3.94 70.37
CA ILE B 749 -27.16 2.92 70.81
C ILE B 749 -27.02 2.68 72.31
N LEU B 750 -25.79 2.59 72.80
CA LEU B 750 -25.57 2.40 74.23
C LEU B 750 -26.10 3.57 75.04
N CYS B 751 -25.89 4.80 74.55
CA CYS B 751 -26.39 5.98 75.25
C CYS B 751 -27.91 5.99 75.31
N THR B 752 -28.57 5.55 74.22
CA THR B 752 -30.02 5.53 74.20
C THR B 752 -30.58 4.58 75.25
N VAL B 753 -29.92 3.43 75.44
CA VAL B 753 -30.37 2.47 76.46
C VAL B 753 -30.27 3.09 77.85
N TYR B 754 -29.16 3.79 78.12
CA TYR B 754 -29.02 4.48 79.40
C TYR B 754 -30.06 5.57 79.57
N ALA B 755 -30.37 6.29 78.48
CA ALA B 755 -31.37 7.35 78.56
C ALA B 755 -32.75 6.80 78.87
N PHE B 756 -33.00 5.51 78.56
CA PHE B 756 -34.27 4.90 78.89
C PHE B 756 -34.50 4.85 80.40
N LYS B 757 -33.45 4.58 81.16
CA LYS B 757 -33.53 4.55 82.61
C LYS B 757 -33.07 5.86 83.25
N THR B 758 -32.87 6.91 82.45
CA THR B 758 -32.43 8.20 82.94
C THR B 758 -33.59 9.11 83.32
N ARG B 759 -34.76 8.55 83.65
CA ARG B 759 -35.90 9.36 84.05
C ARG B 759 -35.72 10.00 85.41
N LYS B 760 -34.83 9.46 86.24
CA LYS B 760 -34.59 10.01 87.58
C LYS B 760 -33.42 10.99 87.56
N GLU B 767 -31.13 17.47 87.31
CA GLU B 767 -31.87 17.30 86.05
C GLU B 767 -31.67 15.89 85.50
N ALA B 768 -32.74 15.33 84.93
CA ALA B 768 -32.69 14.00 84.36
C ALA B 768 -33.43 14.00 83.03
N LYS B 769 -33.08 13.03 82.18
CA LYS B 769 -33.65 12.82 80.85
C LYS B 769 -33.13 13.81 79.81
N PHE B 770 -32.24 14.73 80.17
CA PHE B 770 -31.70 15.66 79.19
C PHE B 770 -30.87 14.94 78.13
N ILE B 771 -30.18 13.87 78.52
CA ILE B 771 -29.40 13.09 77.55
C ILE B 771 -30.32 12.42 76.53
N GLY B 772 -31.52 12.01 76.96
CA GLY B 772 -32.44 11.37 76.05
C GLY B 772 -32.83 12.27 74.89
N PHE B 773 -33.05 13.55 75.16
CA PHE B 773 -33.32 14.51 74.09
C PHE B 773 -32.11 14.62 73.16
N THR B 774 -30.91 14.69 73.72
CA THR B 774 -29.71 14.69 72.90
C THR B 774 -29.53 13.37 72.18
N MET B 775 -29.81 12.25 72.87
CA MET B 775 -29.73 10.95 72.23
C MET B 775 -30.75 10.81 71.11
N TYR B 776 -31.95 11.34 71.32
CA TYR B 776 -32.98 11.28 70.29
C TYR B 776 -32.56 12.04 69.03
N THR B 777 -31.91 13.19 69.21
CA THR B 777 -31.44 13.95 68.06
C THR B 777 -30.41 13.17 67.25
N THR B 778 -29.62 12.32 67.92
CA THR B 778 -28.67 11.48 67.21
C THR B 778 -29.37 10.50 66.28
N CYS B 779 -30.50 9.94 66.72
CA CYS B 779 -31.25 9.02 65.88
C CYS B 779 -31.72 9.70 64.60
N ILE B 780 -32.21 10.93 64.71
CA ILE B 780 -32.57 11.70 63.53
C ILE B 780 -31.34 11.96 62.66
N ILE B 781 -30.22 12.30 63.29
CA ILE B 781 -28.97 12.47 62.55
C ILE B 781 -28.56 11.17 61.89
N TRP B 782 -28.76 10.04 62.57
CA TRP B 782 -28.48 8.74 61.96
C TRP B 782 -29.35 8.52 60.73
N LEU B 783 -30.64 8.88 60.82
CA LEU B 783 -31.49 8.84 59.63
C LEU B 783 -31.01 9.83 58.59
N ALA B 784 -30.58 11.02 59.02
CA ALA B 784 -30.01 12.00 58.09
C ALA B 784 -28.74 11.46 57.45
N PHE B 785 -28.01 10.60 58.16
CA PHE B 785 -26.83 9.97 57.57
C PHE B 785 -27.21 9.12 56.37
N LEU B 786 -28.33 8.40 56.47
CA LEU B 786 -28.85 7.68 55.31
C LEU B 786 -29.10 8.58 54.11
N PRO B 787 -29.60 9.80 54.25
CA PRO B 787 -29.77 10.66 53.08
C PRO B 787 -28.47 10.99 52.37
N ILE B 788 -27.34 10.88 53.06
CA ILE B 788 -26.04 11.06 52.40
C ILE B 788 -25.85 10.01 51.31
N PHE B 789 -26.21 8.76 51.59
CA PHE B 789 -26.20 7.73 50.56
C PHE B 789 -27.33 8.00 49.57
N TYR B 790 -27.01 7.97 48.29
CA TYR B 790 -27.97 8.32 47.25
C TYR B 790 -28.13 9.83 47.15
N VAL B 791 -27.48 10.56 48.06
CA VAL B 791 -27.47 12.02 48.01
C VAL B 791 -26.20 12.53 47.34
N THR B 792 -25.09 11.80 47.48
CA THR B 792 -23.85 12.18 46.80
C THR B 792 -23.93 11.93 45.31
N SER B 793 -24.96 11.24 44.83
CA SER B 793 -25.11 11.01 43.40
C SER B 793 -25.25 12.31 42.64
N SER B 794 -25.84 13.33 43.25
CA SER B 794 -25.93 14.66 42.67
C SER B 794 -24.63 15.39 42.97
N ASP B 795 -23.87 15.72 41.92
CA ASP B 795 -22.59 16.40 42.10
C ASP B 795 -22.80 17.76 42.77
N TYR B 796 -22.01 18.02 43.81
CA TYR B 796 -22.07 19.22 44.63
C TYR B 796 -23.29 19.28 45.53
N ARG B 797 -24.20 18.30 45.45
CA ARG B 797 -25.39 18.27 46.28
C ARG B 797 -25.26 17.36 47.50
N VAL B 798 -24.41 16.34 47.41
CA VAL B 798 -24.20 15.45 48.56
C VAL B 798 -23.45 16.17 49.67
N GLN B 799 -22.79 17.30 49.36
CA GLN B 799 -22.08 18.07 50.36
C GLN B 799 -23.01 18.64 51.43
N THR B 800 -24.30 18.76 51.13
CA THR B 800 -25.25 19.24 52.12
C THR B 800 -25.32 18.29 53.32
N THR B 801 -25.09 17.00 53.09
CA THR B 801 -25.04 16.05 54.21
C THR B 801 -23.91 16.39 55.17
N THR B 802 -22.75 16.76 54.64
CA THR B 802 -21.65 17.20 55.50
C THR B 802 -22.04 18.46 56.27
N MET B 803 -22.69 19.41 55.60
CA MET B 803 -23.22 20.57 56.32
C MET B 803 -24.32 20.15 57.29
N CYS B 804 -25.18 19.22 56.87
CA CYS B 804 -26.21 18.72 57.78
C CYS B 804 -25.61 17.97 58.96
N ILE B 805 -24.53 17.21 58.72
CA ILE B 805 -23.85 16.53 59.81
C ILE B 805 -23.27 17.53 60.80
N SER B 806 -22.66 18.60 60.28
CA SER B 806 -22.16 19.66 61.15
C SER B 806 -23.31 20.33 61.90
N VAL B 807 -24.44 20.56 61.23
CA VAL B 807 -25.60 21.13 61.88
C VAL B 807 -26.12 20.19 62.97
N SER B 808 -26.12 18.88 62.70
CA SER B 808 -26.55 17.92 63.69
C SER B 808 -25.63 17.94 64.91
N LEU B 809 -24.33 18.13 64.69
CA LEU B 809 -23.39 18.22 65.81
C LEU B 809 -23.69 19.45 66.66
N SER B 810 -24.06 20.56 66.04
CA SER B 810 -24.41 21.76 66.79
C SER B 810 -25.65 21.53 67.65
N GLY B 811 -26.63 20.78 67.13
CA GLY B 811 -27.84 20.53 67.90
C GLY B 811 -27.58 19.75 69.17
N PHE B 812 -26.73 18.73 69.09
CA PHE B 812 -26.38 17.96 70.29
C PHE B 812 -25.64 18.83 71.30
N VAL B 813 -24.70 19.65 70.82
CA VAL B 813 -23.97 20.56 71.71
C VAL B 813 -24.91 21.61 72.28
N VAL B 814 -25.88 22.06 71.47
CA VAL B 814 -26.83 23.06 71.94
C VAL B 814 -27.70 22.51 73.06
N LEU B 815 -28.04 21.23 72.99
CA LEU B 815 -28.85 20.61 74.04
C LEU B 815 -28.15 20.65 75.38
N GLY B 816 -26.85 20.35 75.41
CA GLY B 816 -26.10 20.42 76.65
C GLY B 816 -26.00 21.83 77.20
N CYS B 817 -25.73 22.80 76.32
CA CYS B 817 -25.60 24.19 76.77
C CYS B 817 -26.96 24.79 77.08
N LEU B 818 -28.02 24.32 76.42
CA LEU B 818 -29.35 24.87 76.66
C LEU B 818 -29.81 24.59 78.08
N PHE B 819 -29.56 23.39 78.59
CA PHE B 819 -29.97 23.05 79.95
C PHE B 819 -29.27 23.91 80.98
N ALA B 820 -27.98 24.18 80.78
CA ALA B 820 -27.23 25.00 81.72
C ALA B 820 -27.80 26.41 81.89
N PRO B 821 -28.18 27.11 80.82
CA PRO B 821 -28.74 28.46 81.00
C PRO B 821 -30.01 28.49 81.83
N LYS B 822 -30.83 27.45 81.75
CA LYS B 822 -32.08 27.41 82.51
C LYS B 822 -31.81 27.24 84.00
NAA Z99 C . 21.95 -15.57 -28.38
OAB Z99 C . 25.41 -15.78 -31.12
OAC Z99 C . 23.87 -12.56 -28.48
OAD Z99 C . 25.79 -17.85 -30.53
OAE Z99 C . 21.72 -12.92 -28.75
CAF Z99 C . 25.87 -15.44 -22.16
CAG Z99 C . 21.75 -10.20 -24.18
CAH Z99 C . 25.33 -16.30 -23.14
CAI Z99 C . 21.17 -11.00 -25.19
CAJ Z99 C . 25.77 -14.05 -22.30
CAK Z99 C . 23.02 -10.53 -23.67
CAL Z99 C . 24.69 -15.76 -24.27
CAM Z99 C . 21.84 -12.13 -25.67
CAN Z99 C . 22.96 -14.74 -26.32
CAO Z99 C . 24.93 -16.52 -27.74
OAP Z99 C . 25.00 -12.07 -23.63
CAQ Z99 C . 25.22 -16.74 -30.33
CAR Z99 C . 22.87 -13.31 -28.39
CAS Z99 C . 25.12 -13.50 -23.46
CAT Z99 C . 23.70 -11.70 -24.16
CAU Z99 C . 24.60 -14.33 -24.41
CAV Z99 C . 23.12 -12.48 -25.14
CAW Z99 C . 23.91 -13.70 -25.63
CAX Z99 C . 24.27 -16.57 -29.12
CAY Z99 C . 23.03 -14.73 -27.85
CAZ Z99 C . 24.38 -15.24 -28.37
NAA Z99 D . -0.47 18.22 -34.66
OAB Z99 D . -1.60 17.97 -39.26
OAC Z99 D . -0.77 15.21 -36.43
OAD Z99 D . -1.40 20.14 -39.09
OAE Z99 D . 0.35 15.54 -34.58
CAF Z99 D . -7.45 17.35 -33.45
CAG Z99 D . -3.18 11.95 -32.70
CAH Z99 D . -6.37 18.25 -33.46
CAI Z99 D . -2.07 12.80 -32.69
CAJ Z99 D . -7.26 16.00 -33.77
CAK Z99 D . -4.39 12.38 -33.27
CAL Z99 D . -5.08 17.81 -33.81
CAM Z99 D . -2.14 14.07 -33.28
CAN Z99 D . -2.40 16.86 -34.02
CAO Z99 D . -2.87 18.85 -36.37
OAP Z99 D . -5.69 14.16 -34.47
CAQ Z99 D . -1.50 19.01 -38.55
CAR Z99 D . -0.55 15.90 -35.39
CAS Z99 D . -5.95 15.54 -34.13
CAT Z99 D . -4.47 13.68 -33.87
CAU Z99 D . -4.90 16.43 -34.14
CAV Z99 D . -3.36 14.50 -33.87
CAW Z99 D . -3.52 15.89 -34.52
CAX Z99 D . -1.49 18.89 -37.02
CAY Z99 D . -1.35 17.15 -35.11
CAZ Z99 D . -2.03 17.58 -36.43
#